data_5VAF
#
_entry.id   5VAF
#
_cell.length_a   41.502
_cell.length_b   99.897
_cell.length_c   179.069
_cell.angle_alpha   100.660
_cell.angle_beta   90.070
_cell.angle_gamma   95.780
#
_symmetry.space_group_name_H-M   'P 1'
#
loop_
_entity.id
_entity.type
_entity.pdbx_description
1 polymer 'Accessory Sec system protein Asp1'
2 water water
#
_entity_poly.entity_id   1
_entity_poly.type   'polypeptide(L)'
_entity_poly.pdbx_seq_one_letter_code
;MYYFIPSWSGSGKRVWHRDIIPWYRSMQRLEFDDTIHQIRIFHSENLPVKLLLQAYMPHARYFLHRQDIFETEYYSVFDE
IQAVESNDMQVLQIKDLEWEDDCEFIYTPFLIIVRRQGQLYAHVEFGVEGFISFIKFFKDDQLEKLNIFDDRGFVSSIVY
YEDGQEVCQDYLNPNGDWRIREYLKFENSHVVVNPVFSRDFDKLEYECMPDLILEKLGYYISHNVEEDSRFVVAAQPFTN
QGVLDLLPQHSHSILSFFHERNQASNIENLKADLEYADLVLTDRMDFKETLQNYFPLQAEKIHYLSPFDTRLQLGKSQQR
HESKIFYQIDLSELLNDYAIFKVLFYVAQHPDTELVIGVYNAWQEGIKQVENKVEELISDYLDLKDFIKKSFKNNQAENP
LPENQELEYRFRIRNITDELSLIQELDDTRLIIDLSQQPNLYTQIAGISAGIPQINLVASDYVTHLQNGYILDSISQLAV
AADYYLQGLKNWNQALIYSIEKIKLNTGHQVIKRWEKWLKEAIDEKVDKLVPR
;
_entity_poly.pdbx_strand_id   A,B,C,D
#
# COMPACT_ATOMS: atom_id res chain seq x y z
N MET A 1 4.31 48.88 -30.95
CA MET A 1 4.43 50.18 -30.31
C MET A 1 5.82 50.74 -30.55
N TYR A 2 5.94 52.07 -30.62
CA TYR A 2 7.23 52.74 -30.69
C TYR A 2 7.69 53.15 -29.31
N TYR A 3 8.97 52.96 -29.05
CA TYR A 3 9.61 53.41 -27.82
C TYR A 3 10.60 54.51 -28.18
N PHE A 4 10.52 55.63 -27.47
CA PHE A 4 11.45 56.73 -27.69
C PHE A 4 12.41 56.82 -26.52
N ILE A 5 13.70 56.82 -26.82
CA ILE A 5 14.74 57.00 -25.81
C ILE A 5 15.38 58.37 -26.05
N PRO A 6 15.00 59.39 -25.28
CA PRO A 6 15.58 60.71 -25.46
C PRO A 6 17.00 60.84 -24.89
N SER A 7 17.60 61.97 -25.23
CA SER A 7 18.94 62.28 -24.76
C SER A 7 18.86 63.51 -23.89
N TRP A 8 17.90 63.55 -22.97
CA TRP A 8 17.64 64.74 -22.18
C TRP A 8 18.61 64.78 -21.01
N SER A 9 19.84 65.16 -21.34
CA SER A 9 20.96 65.06 -20.42
C SER A 9 21.29 66.43 -19.82
N GLY A 10 22.20 66.40 -18.85
CA GLY A 10 22.74 67.61 -18.27
C GLY A 10 24.00 68.07 -18.97
N SER A 11 24.47 69.23 -18.54
CA SER A 11 25.69 69.81 -19.07
C SER A 11 26.93 69.45 -18.25
N GLY A 12 26.78 69.00 -17.00
CA GLY A 12 27.90 68.76 -16.13
C GLY A 12 28.59 67.44 -16.43
N LYS A 13 29.54 67.08 -15.56
CA LYS A 13 30.19 65.78 -15.71
C LYS A 13 29.17 64.64 -15.64
N ARG A 14 28.08 64.84 -14.91
CA ARG A 14 27.05 63.82 -14.79
C ARG A 14 26.01 64.08 -15.88
N VAL A 15 26.22 63.41 -17.03
CA VAL A 15 25.34 63.59 -18.18
C VAL A 15 23.89 63.27 -17.79
N TRP A 16 23.69 62.13 -17.11
CA TRP A 16 22.42 61.57 -16.64
C TRP A 16 21.79 62.37 -15.53
N HIS A 17 22.39 63.49 -15.12
CA HIS A 17 21.78 64.44 -14.20
C HIS A 17 21.36 65.66 -14.98
N ARG A 18 20.12 66.07 -14.80
CA ARG A 18 19.65 67.26 -15.47
C ARG A 18 20.11 68.50 -14.72
N ASP A 19 20.47 69.51 -15.49
CA ASP A 19 20.76 70.84 -14.95
C ASP A 19 19.57 71.36 -14.15
N ILE A 20 19.84 71.84 -12.95
CA ILE A 20 18.82 72.52 -12.16
C ILE A 20 19.09 74.02 -12.26
N ILE A 21 18.17 74.73 -12.88
CA ILE A 21 18.37 76.13 -13.27
C ILE A 21 17.22 76.95 -12.70
N PRO A 22 17.50 77.98 -11.92
CA PRO A 22 16.41 78.85 -11.45
C PRO A 22 15.74 79.53 -12.63
N TRP A 23 14.49 79.97 -12.40
CA TRP A 23 13.69 80.52 -13.48
C TRP A 23 14.40 81.63 -14.24
N TYR A 24 15.15 82.48 -13.52
CA TYR A 24 15.71 83.70 -14.08
C TYR A 24 17.03 83.46 -14.83
N ARG A 25 17.42 82.21 -15.01
CA ARG A 25 18.53 81.84 -15.89
C ARG A 25 18.08 80.85 -16.95
N SER A 26 16.81 80.43 -16.92
CA SER A 26 16.18 79.72 -18.03
C SER A 26 15.83 80.75 -19.08
N MET A 27 16.65 80.83 -20.12
CA MET A 27 16.30 81.63 -21.29
C MET A 27 15.20 80.90 -22.08
N GLN A 28 14.21 81.66 -22.55
CA GLN A 28 13.16 81.03 -23.33
C GLN A 28 13.71 80.63 -24.68
N ARG A 29 13.43 79.38 -25.09
CA ARG A 29 13.97 78.83 -26.31
C ARG A 29 12.86 78.20 -27.13
N LEU A 30 13.17 77.96 -28.39
CA LEU A 30 12.38 77.11 -29.26
C LEU A 30 13.16 75.81 -29.34
N GLU A 31 12.82 74.87 -28.48
CA GLU A 31 13.57 73.62 -28.44
C GLU A 31 13.35 72.86 -29.74
N PHE A 32 14.43 72.67 -30.52
CA PHE A 32 14.35 71.99 -31.81
C PHE A 32 14.60 70.49 -31.70
N ASP A 33 14.60 69.94 -30.48
CA ASP A 33 14.83 68.53 -30.22
C ASP A 33 14.09 67.65 -31.22
N ASP A 34 14.81 66.67 -31.79
CA ASP A 34 14.12 65.69 -32.63
C ASP A 34 13.05 64.95 -31.84
N THR A 35 13.41 64.47 -30.65
CA THR A 35 12.52 63.56 -29.95
C THR A 35 11.22 64.25 -29.55
N ILE A 36 11.30 65.46 -29.00
CA ILE A 36 10.07 66.23 -28.78
C ILE A 36 9.21 66.24 -30.05
N HIS A 37 9.79 66.74 -31.14
CA HIS A 37 9.00 66.94 -32.34
C HIS A 37 8.57 65.62 -32.94
N GLN A 38 9.37 64.57 -32.78
CA GLN A 38 8.96 63.26 -33.28
C GLN A 38 7.82 62.69 -32.46
N ILE A 39 7.77 63.01 -31.18
CA ILE A 39 6.73 62.47 -30.30
C ILE A 39 5.39 63.15 -30.56
N ARG A 40 5.36 64.49 -30.57
CA ARG A 40 4.15 65.26 -30.87
C ARG A 40 3.48 64.66 -32.08
N ILE A 41 4.30 64.30 -33.08
CA ILE A 41 3.80 63.66 -34.29
C ILE A 41 2.99 62.42 -33.94
N PHE A 42 3.54 61.58 -33.06
CA PHE A 42 2.84 60.36 -32.72
C PHE A 42 1.49 60.65 -32.08
N HIS A 43 1.43 61.61 -31.15
CA HIS A 43 0.14 61.98 -30.57
C HIS A 43 -0.79 62.49 -31.65
N SER A 44 -0.29 63.40 -32.50
CA SER A 44 -1.10 63.96 -33.58
C SER A 44 -1.80 62.84 -34.37
N GLU A 45 -1.05 61.79 -34.73
CA GLU A 45 -1.58 60.62 -35.45
C GLU A 45 -2.22 59.60 -34.52
N ASN A 46 -2.49 60.00 -33.28
CA ASN A 46 -3.05 59.16 -32.25
C ASN A 46 -2.49 57.73 -32.27
N LEU A 47 -1.20 57.58 -31.95
CA LEU A 47 -0.56 56.28 -31.99
C LEU A 47 0.08 55.91 -30.66
N PRO A 48 0.26 54.60 -30.37
CA PRO A 48 0.84 54.23 -29.09
C PRO A 48 2.34 54.44 -29.15
N VAL A 49 2.88 54.95 -28.04
CA VAL A 49 4.28 55.39 -27.94
C VAL A 49 4.65 55.56 -26.48
N LYS A 50 5.84 55.10 -26.08
CA LYS A 50 6.29 55.27 -24.71
C LYS A 50 7.67 55.90 -24.66
N LEU A 51 7.91 56.66 -23.59
CA LEU A 51 9.19 57.30 -23.30
C LEU A 51 9.99 56.51 -22.26
N LEU A 52 11.24 56.19 -22.57
CA LEU A 52 12.15 55.59 -21.59
C LEU A 52 13.16 56.65 -21.16
N LEU A 53 12.90 57.26 -20.00
CA LEU A 53 13.68 58.40 -19.51
C LEU A 53 14.91 57.91 -18.72
N GLN A 54 16.06 57.92 -19.38
CA GLN A 54 17.30 57.47 -18.76
C GLN A 54 17.74 58.35 -17.60
N ALA A 55 17.44 59.65 -17.62
CA ALA A 55 18.14 60.61 -16.76
C ALA A 55 17.25 61.04 -15.59
N TYR A 56 17.89 61.75 -14.65
CA TYR A 56 17.25 62.12 -13.38
C TYR A 56 16.62 63.50 -13.56
N MET A 57 15.31 63.54 -13.73
CA MET A 57 14.57 64.77 -14.06
C MET A 57 13.52 65.03 -12.99
N PRO A 58 13.87 65.70 -11.89
CA PRO A 58 12.87 66.01 -10.86
C PRO A 58 11.73 66.90 -11.35
N HIS A 59 11.94 67.69 -12.39
CA HIS A 59 10.92 68.57 -12.95
C HIS A 59 10.50 68.08 -14.33
N ALA A 60 10.37 66.77 -14.49
CA ALA A 60 10.08 66.25 -15.82
C ALA A 60 8.63 66.54 -16.22
N ARG A 61 7.76 66.78 -15.26
CA ARG A 61 6.36 67.01 -15.62
C ARG A 61 6.17 68.40 -16.20
N TYR A 62 6.74 69.42 -15.54
CA TYR A 62 6.74 70.76 -16.11
C TYR A 62 7.55 70.82 -17.40
N PHE A 63 8.61 70.03 -17.51
CA PHE A 63 9.32 69.96 -18.78
C PHE A 63 8.41 69.41 -19.87
N LEU A 64 7.59 68.39 -19.53
CA LEU A 64 6.74 67.74 -20.52
C LEU A 64 5.57 68.63 -20.92
N HIS A 65 5.03 69.38 -19.97
CA HIS A 65 3.97 70.34 -20.27
C HIS A 65 4.46 71.44 -21.22
N ARG A 66 5.68 71.95 -20.97
CA ARG A 66 6.23 73.06 -21.77
C ARG A 66 6.46 72.64 -23.22
N GLN A 67 6.75 71.38 -23.47
CA GLN A 67 6.92 70.92 -24.84
C GLN A 67 5.64 70.30 -25.40
N ASP A 68 4.49 70.54 -24.76
CA ASP A 68 3.19 70.05 -25.24
C ASP A 68 3.25 68.55 -25.55
N ILE A 69 4.05 67.80 -24.78
CA ILE A 69 4.03 66.35 -24.86
C ILE A 69 3.72 65.78 -23.48
N PHE A 70 3.03 66.57 -22.66
CA PHE A 70 2.65 66.11 -21.31
C PHE A 70 1.95 64.75 -21.37
N GLU A 71 1.07 64.58 -22.37
CA GLU A 71 0.28 63.38 -22.56
C GLU A 71 1.09 62.09 -22.59
N THR A 72 2.39 62.14 -22.83
CA THR A 72 3.14 60.94 -23.21
C THR A 72 3.38 60.02 -22.03
N GLU A 73 3.09 58.74 -22.21
CA GLU A 73 3.37 57.78 -21.15
C GLU A 73 4.86 57.54 -21.05
N TYR A 74 5.38 57.55 -19.83
CA TYR A 74 6.81 57.39 -19.68
C TYR A 74 7.14 56.40 -18.56
N TYR A 75 8.24 55.70 -18.75
CA TYR A 75 8.93 54.95 -17.71
C TYR A 75 10.18 55.72 -17.33
N SER A 76 10.29 56.10 -16.05
CA SER A 76 11.40 56.86 -15.51
C SER A 76 12.32 55.93 -14.70
N VAL A 77 13.55 55.71 -15.19
CA VAL A 77 14.52 54.90 -14.46
C VAL A 77 14.78 55.44 -13.05
N PHE A 78 14.85 56.75 -12.88
CA PHE A 78 15.21 57.25 -11.56
C PHE A 78 14.05 57.11 -10.58
N ASP A 79 12.81 57.15 -11.07
CA ASP A 79 11.67 56.93 -10.19
C ASP A 79 11.56 55.47 -9.77
N GLU A 80 12.02 54.54 -10.60
CA GLU A 80 12.15 53.19 -10.09
C GLU A 80 13.20 53.14 -9.00
N ILE A 81 14.31 53.86 -9.18
CA ILE A 81 15.32 53.94 -8.13
C ILE A 81 14.71 54.47 -6.85
N GLN A 82 14.02 55.59 -6.95
CA GLN A 82 13.48 56.28 -5.80
C GLN A 82 12.13 55.73 -5.35
N ALA A 83 11.65 54.67 -6.00
CA ALA A 83 10.39 53.99 -5.64
C ALA A 83 9.17 54.90 -5.78
N VAL A 84 9.17 55.79 -6.77
CA VAL A 84 8.05 56.72 -6.97
C VAL A 84 6.95 55.97 -7.71
N GLU A 85 5.89 55.63 -6.99
CA GLU A 85 4.82 54.81 -7.56
C GLU A 85 3.56 55.64 -7.81
N SER A 86 3.75 56.92 -8.11
CA SER A 86 2.65 57.81 -8.48
C SER A 86 3.23 59.01 -9.21
N ASN A 87 2.47 59.52 -10.17
CA ASN A 87 2.73 60.82 -10.78
C ASN A 87 1.77 61.86 -10.24
N ASP A 88 1.12 61.56 -9.13
CA ASP A 88 0.15 62.45 -8.50
C ASP A 88 0.82 63.75 -8.08
N MET A 89 0.55 64.83 -8.82
CA MET A 89 1.19 66.11 -8.51
C MET A 89 0.56 66.72 -7.26
N GLN A 90 1.40 67.34 -6.43
CA GLN A 90 0.99 67.94 -5.16
C GLN A 90 1.88 69.16 -4.94
N VAL A 91 1.54 70.28 -5.59
CA VAL A 91 2.47 71.40 -5.65
C VAL A 91 2.60 72.04 -4.27
N LEU A 92 3.84 72.18 -3.80
CA LEU A 92 4.11 72.55 -2.41
C LEU A 92 4.11 74.05 -2.19
N GLN A 93 3.41 74.49 -1.15
CA GLN A 93 3.39 75.89 -0.75
C GLN A 93 4.58 76.18 0.13
N ILE A 94 4.99 77.45 0.12
CA ILE A 94 6.12 77.83 0.94
C ILE A 94 5.86 77.47 2.41
N LYS A 95 4.59 77.51 2.82
CA LYS A 95 4.24 77.38 4.23
C LYS A 95 4.29 75.95 4.73
N ASP A 96 3.93 74.97 3.88
CA ASP A 96 3.88 73.58 4.33
C ASP A 96 5.21 72.88 4.20
N LEU A 97 6.29 73.56 4.61
CA LEU A 97 7.60 72.93 4.75
C LEU A 97 8.05 73.02 6.19
N GLU A 98 8.89 72.07 6.60
CA GLU A 98 9.37 71.99 7.97
C GLU A 98 10.37 73.11 8.21
N TRP A 99 9.98 74.10 9.02
CA TRP A 99 10.86 75.21 9.36
C TRP A 99 11.05 75.28 10.87
N GLU A 100 12.26 75.63 11.29
CA GLU A 100 12.52 76.00 12.66
C GLU A 100 11.56 77.14 13.05
N ASP A 101 11.37 77.37 14.35
CA ASP A 101 10.27 78.22 14.77
C ASP A 101 10.61 79.71 14.72
N ASP A 102 11.87 80.09 14.54
CA ASP A 102 12.29 81.47 14.59
C ASP A 102 12.73 81.98 13.22
N CYS A 103 12.22 81.39 12.14
CA CYS A 103 12.69 81.70 10.79
C CYS A 103 11.89 82.86 10.20
N GLU A 104 12.62 83.83 9.66
CA GLU A 104 12.04 84.97 8.98
C GLU A 104 12.34 84.86 7.49
N PHE A 105 11.33 85.15 6.66
CA PHE A 105 11.40 84.93 5.22
C PHE A 105 11.43 86.29 4.51
N ILE A 106 12.46 86.50 3.68
CA ILE A 106 12.62 87.74 2.91
C ILE A 106 12.47 87.43 1.43
N TYR A 107 11.58 88.17 0.76
CA TYR A 107 11.23 87.97 -0.64
C TYR A 107 12.11 88.86 -1.52
N THR A 108 12.26 88.44 -2.77
CA THR A 108 13.24 88.99 -3.71
C THR A 108 12.64 88.89 -5.09
N PRO A 109 12.93 89.83 -5.99
CA PRO A 109 12.61 89.61 -7.40
C PRO A 109 13.17 88.30 -7.95
N PHE A 110 14.06 87.64 -7.23
CA PHE A 110 14.72 86.43 -7.71
C PHE A 110 14.39 85.18 -6.90
N LEU A 111 14.52 85.22 -5.56
CA LEU A 111 14.22 84.06 -4.73
C LEU A 111 13.63 84.49 -3.39
N ILE A 112 13.78 83.65 -2.36
CA ILE A 112 13.41 84.00 -0.99
C ILE A 112 14.62 83.75 -0.12
N ILE A 113 14.81 84.57 0.91
CA ILE A 113 15.88 84.38 1.88
C ILE A 113 15.28 84.07 3.24
N VAL A 114 15.76 83.01 3.87
CA VAL A 114 15.30 82.58 5.19
C VAL A 114 16.43 82.86 6.18
N ARG A 115 16.10 83.57 7.27
CA ARG A 115 17.06 83.89 8.30
C ARG A 115 16.55 83.43 9.66
N ARG A 116 17.49 83.05 10.52
CA ARG A 116 17.21 82.53 11.86
C ARG A 116 17.97 83.41 12.84
N GLN A 117 17.28 84.37 13.46
CA GLN A 117 17.91 85.36 14.33
C GLN A 117 18.92 86.20 13.56
N GLY A 118 18.53 86.67 12.38
CA GLY A 118 19.41 87.46 11.54
C GLY A 118 20.52 86.68 10.85
N GLN A 119 20.56 85.37 11.01
CA GLN A 119 21.62 84.55 10.43
C GLN A 119 21.11 83.89 9.15
N LEU A 120 22.00 83.77 8.16
CA LEU A 120 21.61 83.15 6.90
C LEU A 120 21.19 81.68 7.12
N TYR A 121 20.05 81.32 6.59
CA TYR A 121 19.56 79.97 6.84
C TYR A 121 19.20 79.22 5.57
N ALA A 122 18.61 79.88 4.58
CA ALA A 122 18.17 79.18 3.37
C ALA A 122 17.93 80.16 2.23
N HIS A 123 18.31 79.73 1.02
CA HIS A 123 17.87 80.33 -0.24
C HIS A 123 16.82 79.37 -0.86
N VAL A 124 15.58 79.82 -0.98
CA VAL A 124 14.51 79.02 -1.58
C VAL A 124 14.26 79.50 -3.00
N GLU A 125 14.31 78.58 -3.96
CA GLU A 125 14.33 78.89 -5.39
C GLU A 125 13.19 78.20 -6.14
N PHE A 126 12.83 78.75 -7.31
CA PHE A 126 11.65 78.36 -8.07
C PHE A 126 11.97 78.24 -9.55
N GLY A 127 11.25 77.34 -10.21
CA GLY A 127 11.39 77.13 -11.64
C GLY A 127 10.50 78.05 -12.45
N VAL A 128 10.50 77.81 -13.76
CA VAL A 128 9.79 78.61 -14.77
C VAL A 128 8.35 78.94 -14.36
N GLU A 129 7.65 77.96 -13.78
CA GLU A 129 6.25 78.09 -13.44
C GLU A 129 6.02 78.26 -11.93
N GLY A 130 7.06 78.64 -11.18
CA GLY A 130 6.88 79.02 -9.79
C GLY A 130 6.68 77.88 -8.81
N PHE A 131 6.94 76.65 -9.19
CA PHE A 131 7.04 75.56 -8.24
C PHE A 131 8.37 75.66 -7.51
N ILE A 132 8.36 75.37 -6.22
CA ILE A 132 9.60 75.28 -5.46
C ILE A 132 10.56 74.31 -6.15
N SER A 133 11.71 74.82 -6.60
CA SER A 133 12.71 74.03 -7.34
C SER A 133 13.79 73.45 -6.44
N PHE A 134 14.51 74.32 -5.71
CA PHE A 134 15.50 73.84 -4.76
C PHE A 134 15.67 74.86 -3.63
N ILE A 135 15.90 74.36 -2.42
CA ILE A 135 16.25 75.19 -1.28
C ILE A 135 17.72 74.96 -0.98
N LYS A 136 18.46 76.05 -0.77
CA LYS A 136 19.87 76.01 -0.39
C LYS A 136 19.98 76.29 1.10
N PHE A 137 20.51 75.35 1.86
CA PHE A 137 20.64 75.48 3.30
C PHE A 137 22.08 75.82 3.68
N PHE A 138 22.23 76.49 4.82
CA PHE A 138 23.51 77.07 5.21
C PHE A 138 23.81 76.80 6.69
N LYS A 139 25.10 76.77 7.01
CA LYS A 139 25.63 76.63 8.37
C LYS A 139 26.76 77.65 8.50
N ASP A 140 26.47 78.79 9.12
CA ASP A 140 27.42 79.89 9.25
C ASP A 140 27.99 80.30 7.90
N ASP A 141 27.09 80.76 7.04
CA ASP A 141 27.45 81.34 5.74
C ASP A 141 28.25 80.39 4.86
N GLN A 142 28.06 79.08 5.04
CA GLN A 142 28.60 78.07 4.14
C GLN A 142 27.47 77.11 3.74
N LEU A 143 27.55 76.63 2.52
CA LEU A 143 26.48 75.82 1.94
C LEU A 143 26.46 74.42 2.57
N GLU A 144 25.49 74.16 3.46
CA GLU A 144 25.40 72.81 4.01
C GLU A 144 24.74 71.85 3.00
N LYS A 145 23.43 71.98 2.81
CA LYS A 145 22.64 71.06 1.98
C LYS A 145 21.96 71.80 0.84
N LEU A 146 21.62 71.04 -0.20
CA LEU A 146 20.77 71.50 -1.30
C LEU A 146 19.66 70.47 -1.52
N ASN A 147 18.44 70.82 -1.14
CA ASN A 147 17.29 69.94 -1.30
C ASN A 147 16.68 70.17 -2.67
N ILE A 148 16.92 69.25 -3.61
CA ILE A 148 16.27 69.27 -4.92
C ILE A 148 14.84 68.78 -4.76
N PHE A 149 13.88 69.57 -5.25
CA PHE A 149 12.49 69.15 -5.19
C PHE A 149 12.06 68.51 -6.50
N ASP A 150 11.21 67.50 -6.36
CA ASP A 150 10.42 66.98 -7.45
C ASP A 150 9.25 67.93 -7.68
N ASP A 151 8.86 68.12 -8.94
CA ASP A 151 7.70 68.97 -9.23
C ASP A 151 6.38 68.36 -8.77
N ARG A 152 6.31 67.04 -8.54
CA ARG A 152 5.11 66.47 -7.95
C ARG A 152 4.99 66.80 -6.46
N GLY A 153 6.06 67.30 -5.82
CA GLY A 153 5.93 67.85 -4.49
C GLY A 153 6.53 67.11 -3.32
N PHE A 154 7.82 66.78 -3.39
CA PHE A 154 8.60 66.18 -2.32
C PHE A 154 10.08 66.34 -2.68
N VAL A 155 10.93 66.38 -1.66
CA VAL A 155 12.35 66.57 -1.98
C VAL A 155 12.85 65.28 -2.65
N SER A 156 13.36 65.40 -3.87
CA SER A 156 13.80 64.24 -4.64
C SER A 156 15.14 63.75 -4.11
N SER A 157 16.11 64.65 -4.05
CA SER A 157 17.46 64.33 -3.64
C SER A 157 18.02 65.48 -2.81
N ILE A 158 19.14 65.19 -2.14
CA ILE A 158 19.81 66.12 -1.25
C ILE A 158 21.29 66.03 -1.54
N VAL A 159 21.92 67.18 -1.75
CA VAL A 159 23.35 67.27 -1.96
C VAL A 159 23.98 67.80 -0.69
N TYR A 160 25.00 67.10 -0.20
CA TYR A 160 25.74 67.51 0.97
C TYR A 160 27.08 68.09 0.54
N TYR A 161 27.39 69.28 1.05
CA TYR A 161 28.59 70.03 0.70
C TYR A 161 29.53 70.18 1.90
N GLU A 162 30.85 70.19 1.66
CA GLU A 162 31.80 70.60 2.68
C GLU A 162 32.82 71.56 2.10
N ASP A 163 32.94 72.74 2.73
CA ASP A 163 33.80 73.82 2.26
C ASP A 163 33.45 74.22 0.83
N GLY A 164 32.15 74.28 0.54
CA GLY A 164 31.69 74.67 -0.79
C GLY A 164 32.14 73.71 -1.87
N GLN A 165 31.88 72.42 -1.65
CA GLN A 165 32.27 71.39 -2.59
C GLN A 165 31.28 70.24 -2.49
N GLU A 166 30.84 69.73 -3.64
CA GLU A 166 29.95 68.57 -3.63
C GLU A 166 30.63 67.37 -2.97
N VAL A 167 29.94 66.75 -2.02
CA VAL A 167 30.44 65.54 -1.36
C VAL A 167 29.68 64.29 -1.82
N CYS A 168 28.36 64.29 -1.68
CA CYS A 168 27.55 63.14 -2.02
C CYS A 168 26.12 63.60 -2.23
N GLN A 169 25.30 62.71 -2.79
CA GLN A 169 23.92 63.04 -3.09
C GLN A 169 23.02 61.91 -2.66
N ASP A 170 21.92 62.25 -1.98
CA ASP A 170 21.01 61.28 -1.39
C ASP A 170 19.68 61.36 -2.13
N TYR A 171 19.50 60.45 -3.09
CA TYR A 171 18.23 60.32 -3.81
C TYR A 171 17.18 59.69 -2.91
N LEU A 172 16.16 60.47 -2.54
CA LEU A 172 15.16 60.02 -1.57
C LEU A 172 13.99 59.31 -2.24
N ASN A 173 13.09 58.78 -1.42
CA ASN A 173 11.80 58.29 -1.85
C ASN A 173 10.72 59.22 -1.29
N PRO A 174 9.50 59.20 -1.85
CA PRO A 174 8.50 60.20 -1.47
C PRO A 174 8.21 60.30 0.02
N ASN A 175 8.67 59.31 0.82
CA ASN A 175 8.48 59.38 2.27
C ASN A 175 9.60 60.19 2.94
N GLY A 176 10.83 59.99 2.51
CA GLY A 176 11.94 60.76 3.03
C GLY A 176 13.25 60.01 3.05
N ASP A 177 13.20 58.68 2.93
CA ASP A 177 14.37 57.85 3.17
C ASP A 177 15.23 57.72 1.93
N TRP A 178 16.54 57.82 2.11
CA TRP A 178 17.46 57.67 1.00
C TRP A 178 17.37 56.27 0.42
N ARG A 179 17.18 56.19 -0.90
CA ARG A 179 17.27 54.91 -1.60
C ARG A 179 18.72 54.60 -1.98
N ILE A 180 19.45 55.60 -2.47
CA ILE A 180 20.84 55.45 -2.88
C ILE A 180 21.58 56.72 -2.50
N ARG A 181 22.89 56.59 -2.37
CA ARG A 181 23.79 57.72 -2.13
C ARG A 181 24.91 57.65 -3.14
N GLU A 182 24.98 58.63 -4.03
CA GLU A 182 26.08 58.75 -4.96
C GLU A 182 27.11 59.71 -4.38
N TYR A 183 28.35 59.26 -4.30
CA TYR A 183 29.43 60.13 -3.85
C TYR A 183 29.93 60.95 -5.04
N LEU A 184 30.26 62.21 -4.76
CA LEU A 184 30.45 63.22 -5.81
C LEU A 184 31.86 63.76 -5.88
N LYS A 185 32.77 63.24 -5.06
CA LYS A 185 34.16 63.69 -5.11
C LYS A 185 34.96 62.81 -6.04
N PHE A 186 36.13 63.32 -6.42
CA PHE A 186 37.12 62.52 -7.13
C PHE A 186 37.48 61.26 -6.33
N GLU A 187 37.63 61.42 -5.01
CA GLU A 187 37.78 60.36 -4.02
C GLU A 187 36.97 59.11 -4.37
N ASN A 188 35.69 59.11 -3.99
CA ASN A 188 34.73 58.06 -4.30
C ASN A 188 33.76 58.59 -5.35
N SER A 189 33.61 57.87 -6.46
CA SER A 189 32.82 58.33 -7.59
C SER A 189 31.75 57.30 -7.96
N HIS A 190 31.04 56.78 -6.94
CA HIS A 190 30.26 55.57 -7.12
C HIS A 190 29.06 55.59 -6.16
N VAL A 191 28.23 54.55 -6.27
CA VAL A 191 26.87 54.60 -5.74
C VAL A 191 26.58 53.35 -4.92
N VAL A 192 26.06 53.57 -3.72
CA VAL A 192 25.78 52.51 -2.75
C VAL A 192 24.31 52.59 -2.35
N VAL A 193 23.66 51.41 -2.29
CA VAL A 193 22.24 51.29 -2.01
C VAL A 193 22.01 51.20 -0.49
N ASN A 194 20.88 51.74 -0.04
CA ASN A 194 20.46 51.56 1.35
C ASN A 194 20.06 50.11 1.58
N PRO A 195 20.68 49.40 2.53
CA PRO A 195 20.39 47.97 2.72
C PRO A 195 18.92 47.63 2.93
N VAL A 196 18.14 48.52 3.53
CA VAL A 196 16.72 48.27 3.69
C VAL A 196 16.02 47.93 2.37
N PHE A 197 16.67 48.22 1.24
CA PHE A 197 16.03 48.13 -0.07
C PHE A 197 16.72 47.13 -1.00
N SER A 198 17.41 46.14 -0.44
CA SER A 198 18.06 45.10 -1.25
C SER A 198 17.07 44.37 -2.17
N ARG A 199 15.78 44.38 -1.82
CA ARG A 199 14.74 43.85 -2.69
C ARG A 199 14.85 44.45 -4.09
N ASP A 200 15.04 45.79 -4.17
CA ASP A 200 14.85 46.56 -5.39
C ASP A 200 16.09 46.68 -6.26
N PHE A 201 17.28 46.37 -5.74
CA PHE A 201 18.52 46.52 -6.49
C PHE A 201 19.26 45.20 -6.59
N ASP A 202 19.89 44.95 -7.73
CA ASP A 202 20.73 43.76 -7.86
C ASP A 202 21.96 43.86 -6.95
N LYS A 203 22.97 44.65 -7.34
CA LYS A 203 24.09 44.87 -6.45
C LYS A 203 23.66 45.75 -5.26
N LEU A 204 24.61 46.01 -4.37
CA LEU A 204 24.42 47.02 -3.34
C LEU A 204 25.35 48.20 -3.52
N GLU A 205 26.28 48.12 -4.47
CA GLU A 205 27.21 49.20 -4.75
C GLU A 205 27.55 49.17 -6.23
N TYR A 206 27.63 50.36 -6.85
CA TYR A 206 27.88 50.53 -8.28
C TYR A 206 29.09 51.44 -8.49
N GLU A 207 29.92 51.11 -9.50
CA GLU A 207 31.08 51.92 -9.85
C GLU A 207 30.65 53.30 -10.35
N CYS A 208 29.79 53.35 -11.35
CA CYS A 208 29.25 54.59 -11.87
C CYS A 208 27.73 54.51 -11.86
N MET A 209 27.08 55.66 -11.71
CA MET A 209 25.63 55.70 -11.85
C MET A 209 25.14 55.10 -13.17
N PRO A 210 25.83 55.29 -14.31
CA PRO A 210 25.49 54.56 -15.53
C PRO A 210 25.46 53.05 -15.44
N ASP A 211 25.71 52.45 -14.27
CA ASP A 211 25.49 51.01 -14.11
C ASP A 211 24.05 50.78 -13.65
N LEU A 212 23.74 51.24 -12.44
CA LEU A 212 22.37 51.30 -11.94
C LEU A 212 21.37 51.62 -13.04
N ILE A 213 21.57 52.77 -13.70
CA ILE A 213 20.66 53.21 -14.75
C ILE A 213 20.49 52.11 -15.79
N LEU A 214 21.61 51.62 -16.34
CA LEU A 214 21.49 50.60 -17.37
C LEU A 214 21.05 49.25 -16.81
N GLU A 215 21.14 49.03 -15.50
CA GLU A 215 20.56 47.83 -14.93
C GLU A 215 19.04 47.89 -15.00
N LYS A 216 18.45 48.90 -14.35
CA LYS A 216 17.01 48.99 -14.27
C LYS A 216 16.37 49.09 -15.66
N LEU A 217 16.88 49.99 -16.51
CA LEU A 217 16.32 50.15 -17.85
C LEU A 217 16.51 48.89 -18.68
N GLY A 218 17.63 48.20 -18.50
CA GLY A 218 17.78 46.91 -19.17
C GLY A 218 16.72 45.91 -18.77
N TYR A 219 16.32 45.90 -17.49
CA TYR A 219 15.29 44.99 -17.05
C TYR A 219 13.96 45.29 -17.73
N TYR A 220 13.57 46.58 -17.72
CA TYR A 220 12.30 46.97 -18.35
C TYR A 220 12.23 46.47 -19.79
N ILE A 221 13.31 46.66 -20.56
CA ILE A 221 13.22 46.33 -21.98
C ILE A 221 13.08 44.82 -22.21
N SER A 222 13.52 44.00 -21.26
CA SER A 222 13.42 42.56 -21.41
C SER A 222 12.24 41.97 -20.63
N HIS A 223 11.30 42.80 -20.21
CA HIS A 223 10.19 42.29 -19.42
C HIS A 223 8.88 43.05 -19.63
N ASN A 224 8.83 44.09 -20.47
CA ASN A 224 7.58 44.81 -20.64
C ASN A 224 7.28 45.20 -22.08
N VAL A 225 8.22 45.05 -22.99
CA VAL A 225 8.03 45.50 -24.37
C VAL A 225 7.68 44.29 -25.21
N GLU A 226 6.55 44.37 -25.90
CA GLU A 226 6.09 43.23 -26.65
C GLU A 226 6.94 43.05 -27.91
N GLU A 227 6.75 41.93 -28.57
CA GLU A 227 7.59 41.61 -29.71
C GLU A 227 7.37 42.63 -30.82
N ASP A 228 8.33 42.69 -31.73
CA ASP A 228 8.29 43.51 -32.94
C ASP A 228 8.36 45.01 -32.65
N SER A 229 8.48 45.43 -31.38
CA SER A 229 8.48 46.85 -31.02
C SER A 229 9.61 47.60 -31.73
N ARG A 230 9.42 48.92 -31.85
CA ARG A 230 10.37 49.82 -32.49
C ARG A 230 10.98 50.75 -31.45
N PHE A 231 12.28 51.00 -31.58
CA PHE A 231 13.02 51.85 -30.66
C PHE A 231 13.63 53.03 -31.41
N VAL A 232 13.32 54.24 -30.97
CA VAL A 232 13.94 55.44 -31.53
C VAL A 232 14.93 55.96 -30.50
N VAL A 233 16.22 55.92 -30.81
CA VAL A 233 17.26 56.40 -29.90
C VAL A 233 17.79 57.75 -30.38
N ALA A 234 17.78 58.73 -29.49
CA ALA A 234 18.53 59.96 -29.77
C ALA A 234 20.00 59.67 -29.57
N ALA A 235 20.74 59.56 -30.67
CA ALA A 235 22.18 59.35 -30.61
C ALA A 235 22.85 60.33 -29.65
N GLN A 236 23.63 59.78 -28.72
CA GLN A 236 24.57 60.59 -28.00
C GLN A 236 25.73 60.91 -28.92
N PRO A 237 26.38 62.07 -28.72
CA PRO A 237 27.58 62.38 -29.54
C PRO A 237 28.70 61.36 -29.39
N PHE A 238 28.59 60.41 -28.48
CA PHE A 238 29.52 59.30 -28.27
C PHE A 238 28.77 57.98 -28.45
N THR A 239 29.32 56.83 -28.00
CA THR A 239 28.61 55.56 -28.25
C THR A 239 27.27 55.53 -27.55
N ASN A 240 26.29 55.06 -28.31
CA ASN A 240 24.98 54.68 -27.77
C ASN A 240 24.92 53.19 -27.54
N GLN A 241 26.02 52.63 -27.03
CA GLN A 241 26.15 51.18 -26.92
C GLN A 241 25.45 50.66 -25.68
N GLY A 242 25.71 51.29 -24.53
CA GLY A 242 25.12 50.85 -23.28
C GLY A 242 23.62 50.99 -23.32
N VAL A 243 23.06 51.30 -24.48
CA VAL A 243 21.63 51.28 -24.67
C VAL A 243 21.30 50.40 -25.86
N LEU A 244 22.02 50.58 -26.96
CA LEU A 244 21.68 49.76 -28.11
C LEU A 244 21.87 48.27 -27.83
N ASP A 245 22.62 47.93 -26.77
CA ASP A 245 22.85 46.54 -26.40
C ASP A 245 21.71 45.94 -25.61
N LEU A 246 20.91 46.75 -24.95
CA LEU A 246 19.79 46.29 -24.16
C LEU A 246 18.55 46.04 -25.02
N LEU A 247 18.67 46.10 -26.34
CA LEU A 247 17.43 46.01 -27.09
C LEU A 247 17.22 44.59 -27.61
N PRO A 248 15.97 44.11 -27.60
CA PRO A 248 15.72 42.72 -27.99
C PRO A 248 16.14 42.45 -29.41
N GLN A 249 16.42 41.18 -29.69
CA GLN A 249 16.78 40.80 -31.05
C GLN A 249 15.56 40.84 -31.97
N HIS A 250 14.37 40.89 -31.41
CA HIS A 250 13.13 40.96 -32.18
C HIS A 250 12.54 42.37 -32.14
N SER A 251 13.39 43.35 -32.42
CA SER A 251 13.02 44.75 -32.42
C SER A 251 13.64 45.43 -33.63
N HIS A 252 13.36 46.72 -33.78
CA HIS A 252 13.93 47.53 -34.85
C HIS A 252 14.33 48.87 -34.28
N SER A 253 15.50 49.34 -34.66
CA SER A 253 16.07 50.55 -34.10
C SER A 253 16.09 51.70 -35.11
N ILE A 254 15.84 52.90 -34.63
CA ILE A 254 16.14 54.11 -35.37
C ILE A 254 17.15 54.93 -34.57
N LEU A 255 18.24 55.29 -35.21
CA LEU A 255 19.19 56.21 -34.63
C LEU A 255 18.91 57.59 -35.21
N SER A 256 18.50 58.52 -34.35
CA SER A 256 18.18 59.87 -34.76
C SER A 256 19.25 60.84 -34.30
N PHE A 257 19.80 61.59 -35.27
CA PHE A 257 20.82 62.62 -35.03
C PHE A 257 20.21 64.03 -35.13
N PHE A 258 20.21 64.72 -34.01
CA PHE A 258 19.81 66.12 -33.91
C PHE A 258 21.07 66.98 -33.96
N HIS A 259 21.09 67.97 -34.86
CA HIS A 259 22.30 68.73 -35.15
C HIS A 259 22.82 69.46 -33.92
N GLU A 260 21.95 70.04 -33.11
CA GLU A 260 22.43 70.75 -31.93
C GLU A 260 23.11 69.80 -30.94
N ARG A 261 22.73 68.54 -30.96
CA ARG A 261 23.35 67.59 -30.06
C ARG A 261 24.55 66.90 -30.68
N ASN A 262 24.57 66.75 -32.00
CA ASN A 262 25.46 65.83 -32.68
C ASN A 262 26.41 66.54 -33.64
N GLN A 263 26.49 67.86 -33.57
CA GLN A 263 27.29 68.59 -34.55
C GLN A 263 28.78 68.26 -34.41
N ALA A 264 29.32 68.33 -33.19
CA ALA A 264 30.71 67.96 -32.93
C ALA A 264 30.82 66.56 -32.34
N SER A 265 30.11 65.61 -32.93
CA SER A 265 30.04 64.32 -32.29
C SER A 265 31.27 63.50 -32.66
N ASN A 266 31.74 62.71 -31.70
CA ASN A 266 32.80 61.75 -31.90
C ASN A 266 32.42 60.81 -33.04
N ILE A 267 32.79 61.17 -34.28
CA ILE A 267 32.25 60.47 -35.45
C ILE A 267 32.69 59.00 -35.49
N GLU A 268 33.97 58.70 -35.21
CA GLU A 268 34.35 57.28 -35.26
C GLU A 268 33.85 56.51 -34.04
N ASN A 269 33.59 57.20 -32.93
CA ASN A 269 33.03 56.50 -31.79
C ASN A 269 31.68 55.88 -32.11
N LEU A 270 30.98 56.35 -33.14
CA LEU A 270 29.69 55.77 -33.47
C LEU A 270 29.76 54.62 -34.45
N LYS A 271 30.95 54.24 -34.92
CA LYS A 271 31.11 53.15 -35.88
C LYS A 271 30.06 52.06 -35.71
N ALA A 272 29.88 51.61 -34.46
CA ALA A 272 29.10 50.42 -34.15
C ALA A 272 27.60 50.70 -34.02
N ASP A 273 27.23 51.90 -33.55
CA ASP A 273 25.82 52.29 -33.56
C ASP A 273 25.28 52.30 -34.99
N LEU A 274 26.03 52.90 -35.91
CA LEU A 274 25.61 52.87 -37.30
C LEU A 274 25.55 51.46 -37.88
N GLU A 275 26.29 50.52 -37.30
CA GLU A 275 26.23 49.13 -37.76
C GLU A 275 25.02 48.41 -37.15
N TYR A 276 24.67 48.76 -35.92
CA TYR A 276 23.52 48.16 -35.27
C TYR A 276 22.24 48.60 -35.92
N ALA A 277 22.10 49.90 -36.14
CA ALA A 277 20.80 50.53 -36.32
C ALA A 277 20.15 50.17 -37.65
N ASP A 278 18.83 49.98 -37.61
CA ASP A 278 18.09 49.73 -38.83
C ASP A 278 17.96 50.99 -39.66
N LEU A 279 17.72 52.11 -39.01
CA LEU A 279 17.55 53.38 -39.69
C LEU A 279 18.36 54.44 -38.96
N VAL A 280 18.96 55.35 -39.74
CA VAL A 280 19.74 56.46 -39.18
C VAL A 280 19.20 57.76 -39.76
N LEU A 281 18.73 58.64 -38.90
CA LEU A 281 18.12 59.91 -39.31
C LEU A 281 18.96 61.07 -38.81
N THR A 282 19.30 62.02 -39.69
CA THR A 282 19.77 63.33 -39.25
C THR A 282 18.89 64.45 -39.78
N ASP A 283 19.14 65.65 -39.24
CA ASP A 283 18.50 66.90 -39.65
C ASP A 283 19.38 67.75 -40.55
N ARG A 284 20.57 67.29 -40.92
CA ARG A 284 21.49 68.09 -41.72
C ARG A 284 21.89 67.32 -42.96
N MET A 285 21.75 67.94 -44.14
CA MET A 285 22.23 67.29 -45.36
C MET A 285 23.70 66.95 -45.26
N ASP A 286 24.50 67.80 -44.59
CA ASP A 286 25.95 67.59 -44.54
C ASP A 286 26.35 66.58 -43.47
N PHE A 287 25.58 66.45 -42.37
CA PHE A 287 25.80 65.34 -41.44
C PHE A 287 25.58 64.00 -42.13
N LYS A 288 24.49 63.87 -42.88
CA LYS A 288 24.28 62.69 -43.71
C LYS A 288 25.50 62.42 -44.60
N GLU A 289 25.87 63.42 -45.40
CA GLU A 289 27.02 63.28 -46.30
C GLU A 289 28.26 62.70 -45.58
N THR A 290 28.60 63.23 -44.40
CA THR A 290 29.78 62.77 -43.70
C THR A 290 29.66 61.31 -43.30
N LEU A 291 28.56 60.97 -42.62
CA LEU A 291 28.31 59.58 -42.25
C LEU A 291 28.48 58.66 -43.46
N GLN A 292 27.84 59.01 -44.57
CA GLN A 292 27.95 58.17 -45.75
C GLN A 292 29.39 58.07 -46.22
N ASN A 293 30.09 59.19 -46.28
CA ASN A 293 31.44 59.20 -46.85
C ASN A 293 32.45 58.60 -45.88
N TYR A 294 32.22 58.74 -44.58
CA TYR A 294 33.10 58.16 -43.56
C TYR A 294 32.90 56.65 -43.42
N PHE A 295 31.64 56.19 -43.43
CA PHE A 295 31.31 54.78 -43.24
C PHE A 295 30.51 54.25 -44.42
N PRO A 296 31.12 54.01 -45.57
CA PRO A 296 30.33 53.55 -46.73
C PRO A 296 29.48 52.31 -46.45
N LEU A 297 29.96 51.41 -45.59
CA LEU A 297 29.23 50.20 -45.20
C LEU A 297 27.84 50.47 -44.63
N GLN A 298 27.53 51.71 -44.26
CA GLN A 298 26.21 52.01 -43.74
C GLN A 298 25.52 53.08 -44.58
N ALA A 299 26.08 53.41 -45.75
CA ALA A 299 25.67 54.62 -46.45
C ALA A 299 24.19 54.57 -46.75
N GLU A 300 23.69 53.39 -47.09
CA GLU A 300 22.35 53.34 -47.67
C GLU A 300 21.27 53.57 -46.62
N LYS A 301 21.56 53.33 -45.34
CA LYS A 301 20.55 53.45 -44.30
C LYS A 301 20.53 54.81 -43.62
N ILE A 302 21.35 55.75 -44.05
CA ILE A 302 21.39 57.09 -43.48
C ILE A 302 20.50 58.00 -44.33
N HIS A 303 19.56 58.70 -43.70
CA HIS A 303 18.55 59.48 -44.43
C HIS A 303 18.46 60.89 -43.88
N TYR A 304 18.40 61.86 -44.79
CA TYR A 304 18.11 63.23 -44.39
C TYR A 304 16.60 63.43 -44.42
N LEU A 305 16.04 63.94 -43.32
CA LEU A 305 14.60 63.94 -43.20
C LEU A 305 14.21 64.82 -42.02
N SER A 306 13.16 65.62 -42.20
CA SER A 306 12.79 66.56 -41.15
C SER A 306 12.04 65.85 -40.04
N PRO A 307 12.33 66.15 -38.78
CA PRO A 307 11.45 65.71 -37.69
C PRO A 307 10.26 66.63 -37.47
N PHE A 308 10.04 67.61 -38.36
CA PHE A 308 9.03 68.65 -38.17
C PHE A 308 7.81 68.38 -39.03
N ASP A 309 6.66 68.34 -38.38
CA ASP A 309 5.36 68.18 -39.03
C ASP A 309 5.10 69.35 -39.96
N THR A 310 4.48 69.08 -41.10
CA THR A 310 3.85 70.11 -41.92
C THR A 310 2.33 70.08 -41.74
N ARG A 311 1.77 71.06 -41.01
CA ARG A 311 0.31 71.22 -40.91
C ARG A 311 -0.22 71.94 -42.16
N LEU A 312 -1.51 72.25 -42.19
CA LEU A 312 -2.08 73.14 -43.21
C LEU A 312 -2.50 74.42 -42.51
N GLN A 313 -1.80 75.52 -42.77
CA GLN A 313 -1.96 76.80 -42.10
C GLN A 313 -1.69 77.90 -43.11
N LEU A 314 -2.57 78.05 -44.09
CA LEU A 314 -2.32 78.98 -45.18
C LEU A 314 -2.42 80.42 -44.70
N GLY A 315 -1.44 81.23 -45.08
CA GLY A 315 -1.39 82.60 -44.62
C GLY A 315 -2.30 83.50 -45.41
N LYS A 316 -2.45 84.74 -44.90
CA LYS A 316 -3.31 85.79 -45.46
C LYS A 316 -2.48 86.88 -46.16
N SER A 317 -1.51 86.47 -46.96
CA SER A 317 -0.63 87.45 -47.59
C SER A 317 -1.28 88.04 -48.83
N GLN A 318 -2.27 87.36 -49.42
CA GLN A 318 -3.01 87.99 -50.49
C GLN A 318 -3.80 89.20 -50.00
N GLN A 319 -4.20 89.20 -48.72
CA GLN A 319 -4.89 90.30 -48.08
C GLN A 319 -3.97 91.47 -47.73
N ARG A 320 -2.90 91.68 -48.51
CA ARG A 320 -1.88 92.63 -48.11
C ARG A 320 -1.42 93.43 -49.31
N HIS A 321 -0.87 94.61 -49.02
CA HIS A 321 -0.41 95.57 -50.04
C HIS A 321 1.09 95.52 -50.25
N GLU A 322 1.85 95.78 -49.20
CA GLU A 322 3.27 95.53 -49.21
C GLU A 322 3.53 94.03 -49.24
N SER A 323 4.54 93.62 -50.00
CA SER A 323 5.09 92.27 -49.93
C SER A 323 6.06 92.13 -48.75
N LYS A 324 5.70 91.32 -47.76
CA LYS A 324 6.56 91.09 -46.59
C LYS A 324 7.56 89.98 -46.89
N ILE A 325 8.84 90.27 -46.71
CA ILE A 325 9.92 89.31 -46.95
C ILE A 325 10.49 88.85 -45.62
N PHE A 326 10.49 87.55 -45.40
CA PHE A 326 11.08 86.97 -44.20
C PHE A 326 12.45 86.35 -44.55
N TYR A 327 13.50 86.92 -43.99
CA TYR A 327 14.87 86.52 -44.33
C TYR A 327 15.48 85.73 -43.18
N GLN A 328 15.80 84.46 -43.42
CA GLN A 328 16.29 83.59 -42.34
C GLN A 328 17.80 83.72 -42.23
N ILE A 329 18.25 84.19 -41.07
CA ILE A 329 19.68 84.31 -40.77
C ILE A 329 20.07 83.19 -39.81
N ASP A 330 21.14 82.49 -40.13
CA ASP A 330 21.69 81.48 -39.25
C ASP A 330 22.91 82.04 -38.50
N LEU A 331 22.75 82.26 -37.20
CA LEU A 331 23.84 82.83 -36.42
C LEU A 331 24.97 81.83 -36.15
N SER A 332 24.81 80.57 -36.55
CA SER A 332 25.84 79.57 -36.32
C SER A 332 26.98 79.71 -37.31
N GLU A 333 26.69 80.18 -38.51
CA GLU A 333 27.69 80.50 -39.52
C GLU A 333 28.26 81.90 -39.27
N LEU A 334 29.27 82.27 -40.06
CA LEU A 334 29.62 83.68 -40.17
C LEU A 334 28.57 84.35 -41.05
N LEU A 335 28.20 85.56 -40.68
CA LEU A 335 27.22 86.28 -41.49
C LEU A 335 27.76 86.44 -42.90
N ASN A 336 26.91 86.22 -43.89
CA ASN A 336 27.35 86.41 -45.26
C ASN A 336 27.04 87.84 -45.65
N ASP A 337 28.08 88.69 -45.60
CA ASP A 337 27.87 90.13 -45.79
C ASP A 337 27.33 90.46 -47.16
N TYR A 338 27.81 89.75 -48.18
CA TYR A 338 27.24 89.94 -49.52
C TYR A 338 25.76 89.58 -49.53
N ALA A 339 25.40 88.48 -48.87
CA ALA A 339 24.03 87.99 -48.97
C ALA A 339 23.07 88.86 -48.18
N ILE A 340 23.43 89.23 -46.95
CA ILE A 340 22.59 90.18 -46.21
C ILE A 340 22.37 91.41 -47.06
N PHE A 341 23.44 91.91 -47.64
CA PHE A 341 23.37 93.12 -48.46
C PHE A 341 22.40 92.92 -49.61
N LYS A 342 22.57 91.85 -50.38
CA LYS A 342 21.71 91.58 -51.51
C LYS A 342 20.22 91.55 -51.12
N VAL A 343 19.90 91.07 -49.91
CA VAL A 343 18.51 91.17 -49.49
C VAL A 343 18.17 92.60 -49.18
N LEU A 344 19.09 93.32 -48.55
CA LEU A 344 18.85 94.72 -48.22
C LEU A 344 18.74 95.57 -49.48
N PHE A 345 19.63 95.34 -50.45
CA PHE A 345 19.54 96.06 -51.72
C PHE A 345 18.15 95.89 -52.33
N TYR A 346 17.68 94.64 -52.41
CA TYR A 346 16.40 94.37 -53.05
C TYR A 346 15.31 95.18 -52.39
N VAL A 347 15.16 95.01 -51.07
CA VAL A 347 14.16 95.74 -50.32
C VAL A 347 14.39 97.24 -50.50
N ALA A 348 15.65 97.66 -50.58
CA ALA A 348 15.93 99.11 -50.65
C ALA A 348 15.21 99.74 -51.83
N GLN A 349 15.35 99.17 -53.03
CA GLN A 349 14.85 99.64 -54.33
C GLN A 349 13.38 99.31 -54.59
N HIS A 350 12.67 98.66 -53.68
CA HIS A 350 11.27 98.30 -53.88
C HIS A 350 10.47 98.82 -52.70
N PRO A 351 9.91 100.04 -52.82
CA PRO A 351 9.16 100.63 -51.69
C PRO A 351 8.02 99.77 -51.17
N ASP A 352 7.35 98.97 -51.99
CA ASP A 352 6.25 98.14 -51.49
C ASP A 352 6.70 96.73 -51.06
N THR A 353 7.82 96.66 -50.33
CA THR A 353 8.22 95.45 -49.65
C THR A 353 8.65 95.82 -48.24
N GLU A 354 8.52 94.86 -47.32
CA GLU A 354 9.15 94.99 -46.02
C GLU A 354 9.89 93.70 -45.69
N LEU A 355 10.80 93.80 -44.72
CA LEU A 355 11.77 92.78 -44.44
C LEU A 355 11.73 92.42 -42.97
N VAL A 356 11.70 91.12 -42.69
CA VAL A 356 11.96 90.61 -41.36
C VAL A 356 13.18 89.73 -41.48
N ILE A 357 14.28 90.17 -40.88
CA ILE A 357 15.44 89.30 -40.68
C ILE A 357 15.16 88.52 -39.39
N GLY A 358 14.99 87.20 -39.50
CA GLY A 358 14.67 86.35 -38.34
C GLY A 358 15.85 85.48 -37.93
N VAL A 359 16.10 85.41 -36.62
CA VAL A 359 17.03 84.44 -36.05
C VAL A 359 16.35 83.69 -34.91
N TYR A 360 16.71 82.42 -34.72
CA TYR A 360 16.19 81.61 -33.62
C TYR A 360 17.15 81.61 -32.43
N ASN A 361 16.57 81.69 -31.22
CA ASN A 361 17.28 81.38 -29.97
C ASN A 361 18.59 82.14 -29.83
N ALA A 362 18.53 83.46 -30.03
CA ALA A 362 19.73 84.27 -30.10
C ALA A 362 20.08 84.84 -28.73
N TRP A 363 21.33 84.65 -28.33
CA TRP A 363 21.88 85.50 -27.28
C TRP A 363 21.82 86.96 -27.73
N GLN A 364 21.76 87.87 -26.77
CA GLN A 364 21.62 89.25 -27.20
C GLN A 364 22.97 89.87 -27.59
N GLU A 365 24.09 89.24 -27.27
CA GLU A 365 25.30 89.43 -28.05
C GLU A 365 25.03 89.23 -29.54
N GLY A 366 24.41 88.09 -29.89
CA GLY A 366 24.18 87.76 -31.28
C GLY A 366 23.20 88.69 -31.95
N ILE A 367 22.24 89.21 -31.18
CA ILE A 367 21.32 90.21 -31.72
C ILE A 367 22.07 91.49 -32.06
N LYS A 368 22.89 91.98 -31.13
CA LYS A 368 23.73 93.13 -31.41
C LYS A 368 24.63 92.90 -32.62
N GLN A 369 25.02 91.66 -32.89
CA GLN A 369 25.82 91.44 -34.09
C GLN A 369 24.97 91.62 -35.36
N VAL A 370 23.77 91.05 -35.37
CA VAL A 370 22.93 91.11 -36.56
C VAL A 370 22.47 92.54 -36.81
N GLU A 371 22.06 93.23 -35.74
CA GLU A 371 21.70 94.64 -35.87
C GLU A 371 22.86 95.46 -36.42
N ASN A 372 24.03 95.34 -35.77
CA ASN A 372 25.18 96.16 -36.15
C ASN A 372 25.63 95.90 -37.57
N LYS A 373 25.59 94.65 -38.01
CA LYS A 373 25.97 94.37 -39.39
C LYS A 373 25.00 94.98 -40.40
N VAL A 374 23.72 95.17 -40.05
CA VAL A 374 22.86 95.78 -41.07
C VAL A 374 23.02 97.30 -41.06
N GLU A 375 23.17 97.91 -39.88
CA GLU A 375 23.48 99.33 -39.87
C GLU A 375 24.80 99.58 -40.57
N GLU A 376 25.82 98.76 -40.29
CA GLU A 376 27.10 98.91 -40.97
C GLU A 376 26.94 98.75 -42.47
N LEU A 377 26.20 97.73 -42.91
CA LEU A 377 26.08 97.49 -44.34
C LEU A 377 25.19 98.51 -45.02
N ILE A 378 24.09 98.91 -44.38
CA ILE A 378 23.30 99.98 -44.98
C ILE A 378 24.13 101.24 -45.05
N SER A 379 24.82 101.55 -43.94
CA SER A 379 25.66 102.74 -43.89
C SER A 379 26.69 102.73 -45.01
N ASP A 380 27.43 101.64 -45.13
CA ASP A 380 28.55 101.59 -46.05
C ASP A 380 28.15 101.40 -47.51
N TYR A 381 26.89 101.12 -47.83
CA TYR A 381 26.57 100.87 -49.24
C TYR A 381 25.23 101.43 -49.71
N LEU A 382 24.31 101.76 -48.81
CA LEU A 382 22.99 102.17 -49.23
C LEU A 382 22.61 103.45 -48.51
N ASP A 383 21.43 103.94 -48.85
CA ASP A 383 20.87 105.13 -48.24
C ASP A 383 19.72 104.69 -47.35
N LEU A 384 19.89 104.90 -46.04
CA LEU A 384 18.87 104.59 -45.05
C LEU A 384 17.56 105.32 -45.31
N LYS A 385 17.60 106.46 -46.02
CA LYS A 385 16.36 107.17 -46.38
C LYS A 385 15.38 106.26 -47.09
N ASP A 386 15.86 105.44 -48.04
CA ASP A 386 14.98 104.56 -48.80
C ASP A 386 14.27 103.49 -47.94
N PHE A 387 14.69 103.28 -46.71
CA PHE A 387 13.96 102.35 -45.88
C PHE A 387 12.86 103.01 -45.07
N ILE A 388 12.64 104.32 -45.24
CA ILE A 388 11.60 105.03 -44.52
C ILE A 388 10.27 104.79 -45.21
N LYS A 389 9.27 104.35 -44.46
CA LYS A 389 7.99 104.02 -45.09
C LYS A 389 7.17 105.28 -45.29
N LYS A 390 6.88 105.59 -46.56
CA LYS A 390 6.15 106.75 -47.01
C LYS A 390 4.67 106.62 -46.68
N LEU A 407 9.25 107.84 -36.84
CA LEU A 407 10.27 107.57 -37.86
C LEU A 407 10.42 106.06 -38.06
N GLU A 408 9.50 105.48 -38.85
CA GLU A 408 9.31 104.03 -38.96
C GLU A 408 10.03 103.48 -40.20
N TYR A 409 10.79 102.39 -40.03
CA TYR A 409 11.62 101.80 -41.08
C TYR A 409 11.10 100.45 -41.56
N ARG A 410 11.38 100.13 -42.82
CA ARG A 410 10.77 99.02 -43.53
C ARG A 410 11.52 97.69 -43.36
N PHE A 411 12.43 97.61 -42.40
CA PHE A 411 13.06 96.35 -42.06
C PHE A 411 13.13 96.30 -40.54
N ARG A 412 13.05 95.09 -39.99
CA ARG A 412 13.34 94.86 -38.59
C ARG A 412 14.10 93.55 -38.48
N ILE A 413 14.43 93.18 -37.24
CA ILE A 413 15.14 91.96 -36.93
C ILE A 413 14.36 91.28 -35.83
N ARG A 414 13.96 90.03 -36.05
CA ARG A 414 13.09 89.31 -35.12
C ARG A 414 13.80 88.11 -34.54
N ASN A 415 13.99 88.12 -33.22
CA ASN A 415 14.49 86.95 -32.52
C ASN A 415 13.29 86.07 -32.19
N ILE A 416 13.20 84.92 -32.85
CA ILE A 416 12.13 83.96 -32.63
C ILE A 416 12.57 82.97 -31.56
N THR A 417 11.76 82.87 -30.49
CA THR A 417 12.01 81.97 -29.36
C THR A 417 10.75 81.18 -29.01
N ASP A 418 9.78 81.12 -29.92
CA ASP A 418 8.48 80.49 -29.72
C ASP A 418 8.06 79.89 -31.04
N GLU A 419 7.24 78.83 -30.99
CA GLU A 419 6.68 78.34 -32.24
C GLU A 419 5.48 79.16 -32.66
N LEU A 420 4.76 79.71 -31.70
CA LEU A 420 3.61 80.51 -32.06
C LEU A 420 4.04 81.82 -32.70
N SER A 421 5.21 82.35 -32.33
CA SER A 421 5.65 83.62 -32.89
C SER A 421 6.10 83.47 -34.34
N LEU A 422 6.81 82.39 -34.66
CA LEU A 422 7.18 82.17 -36.05
C LEU A 422 5.93 82.08 -36.92
N ILE A 423 4.93 81.32 -36.47
CA ILE A 423 3.69 81.22 -37.23
C ILE A 423 3.12 82.60 -37.45
N GLN A 424 2.98 83.36 -36.36
CA GLN A 424 2.49 84.72 -36.45
C GLN A 424 3.26 85.54 -37.48
N GLU A 425 4.59 85.46 -37.46
CA GLU A 425 5.33 86.18 -38.48
C GLU A 425 4.94 85.69 -39.86
N LEU A 426 4.97 84.37 -40.05
CA LEU A 426 4.82 83.83 -41.40
C LEU A 426 3.44 84.04 -41.97
N ASP A 427 2.44 84.30 -41.14
CA ASP A 427 1.09 84.30 -41.68
C ASP A 427 0.97 85.28 -42.83
N ASP A 428 1.16 86.58 -42.56
CA ASP A 428 1.13 87.57 -43.63
C ASP A 428 2.43 87.67 -44.43
N THR A 429 3.44 86.85 -44.16
CA THR A 429 4.63 86.80 -44.99
C THR A 429 4.29 86.34 -46.41
N ARG A 430 4.96 86.95 -47.39
CA ARG A 430 4.73 86.71 -48.80
C ARG A 430 5.89 86.00 -49.49
N LEU A 431 7.09 86.09 -48.94
CA LEU A 431 8.26 85.48 -49.55
C LEU A 431 9.25 85.10 -48.45
N ILE A 432 9.89 83.95 -48.62
CA ILE A 432 10.94 83.51 -47.72
C ILE A 432 12.25 83.50 -48.49
N ILE A 433 13.30 84.01 -47.85
CA ILE A 433 14.67 83.96 -48.33
C ILE A 433 15.55 83.29 -47.26
N ASP A 434 16.33 82.28 -47.67
CA ASP A 434 17.30 81.63 -46.78
C ASP A 434 18.49 81.28 -47.68
N LEU A 435 19.54 82.11 -47.61
CA LEU A 435 20.69 82.03 -48.47
C LEU A 435 21.79 81.15 -47.90
N SER A 436 21.54 80.54 -46.73
CA SER A 436 22.50 79.69 -46.03
C SER A 436 22.89 78.47 -46.86
N GLN A 437 24.03 77.85 -46.47
CA GLN A 437 24.46 76.57 -47.05
C GLN A 437 23.55 75.43 -46.61
N GLN A 438 23.22 75.38 -45.33
CA GLN A 438 22.19 74.49 -44.83
C GLN A 438 20.92 75.28 -44.55
N PRO A 439 20.01 75.38 -45.50
CA PRO A 439 18.78 76.17 -45.26
C PRO A 439 18.04 75.62 -44.05
N ASN A 440 17.61 76.53 -43.18
CA ASN A 440 16.98 76.13 -41.94
C ASN A 440 15.74 75.29 -42.21
N LEU A 441 15.80 74.02 -41.80
CA LEU A 441 14.73 73.06 -42.05
C LEU A 441 13.40 73.52 -41.48
N TYR A 442 13.41 74.09 -40.28
CA TYR A 442 12.17 74.43 -39.60
C TYR A 442 11.38 75.48 -40.39
N THR A 443 12.04 76.58 -40.75
CA THR A 443 11.43 77.59 -41.61
C THR A 443 10.91 76.97 -42.90
N GLN A 444 11.67 76.05 -43.49
CA GLN A 444 11.16 75.36 -44.68
C GLN A 444 9.86 74.63 -44.33
N ILE A 445 9.77 74.09 -43.12
CA ILE A 445 8.61 73.29 -42.82
C ILE A 445 7.42 74.18 -42.48
N ALA A 446 7.67 75.31 -41.82
CA ALA A 446 6.60 76.24 -41.51
C ALA A 446 6.21 77.04 -42.75
N GLY A 447 7.15 77.21 -43.68
CA GLY A 447 6.83 77.92 -44.90
C GLY A 447 5.90 77.11 -45.79
N ILE A 448 6.24 75.83 -45.99
CA ILE A 448 5.34 74.92 -46.71
C ILE A 448 3.95 74.96 -46.09
N SER A 449 3.88 74.91 -44.75
CA SER A 449 2.59 74.91 -44.08
C SER A 449 1.79 76.19 -44.30
N ALA A 450 2.44 77.27 -44.74
CA ALA A 450 1.76 78.52 -45.01
C ALA A 450 1.70 78.88 -46.49
N GLY A 451 2.38 78.12 -47.35
CA GLY A 451 2.22 78.33 -48.78
C GLY A 451 3.05 79.45 -49.33
N ILE A 452 4.05 79.84 -48.58
CA ILE A 452 4.97 80.91 -48.95
C ILE A 452 6.01 80.35 -49.92
N PRO A 453 6.22 80.96 -51.09
CA PRO A 453 7.34 80.54 -51.91
C PRO A 453 8.63 80.90 -51.19
N GLN A 454 9.64 80.06 -51.41
CA GLN A 454 10.88 80.12 -50.63
C GLN A 454 12.05 80.21 -51.59
N ILE A 455 12.86 81.27 -51.44
CA ILE A 455 14.08 81.44 -52.22
C ILE A 455 15.26 80.87 -51.44
N ASN A 456 16.08 80.08 -52.14
CA ASN A 456 17.06 79.27 -51.44
C ASN A 456 18.28 79.08 -52.32
N LEU A 457 19.42 78.89 -51.67
CA LEU A 457 20.67 78.87 -52.39
C LEU A 457 21.12 77.46 -52.78
N VAL A 458 20.70 76.44 -52.01
CA VAL A 458 21.10 75.05 -52.24
C VAL A 458 19.86 74.17 -52.32
N ALA A 459 19.90 73.17 -53.21
CA ALA A 459 18.80 72.22 -53.36
C ALA A 459 18.55 71.38 -52.09
N SER A 460 17.32 70.86 -52.01
CA SER A 460 16.72 70.30 -50.81
C SER A 460 15.51 69.47 -51.21
N ASP A 461 15.17 68.48 -50.37
CA ASP A 461 13.93 67.73 -50.60
C ASP A 461 12.71 68.63 -50.48
N TYR A 462 12.81 69.71 -49.72
CA TYR A 462 11.65 70.43 -49.23
C TYR A 462 11.38 71.73 -49.99
N VAL A 463 12.32 72.18 -50.82
CA VAL A 463 12.13 73.31 -51.71
C VAL A 463 12.59 72.86 -53.07
N THR A 464 11.64 72.62 -53.97
CA THR A 464 11.95 72.15 -55.31
C THR A 464 11.85 73.32 -56.27
N HIS A 465 12.84 73.43 -57.14
CA HIS A 465 12.99 74.60 -57.99
C HIS A 465 11.76 74.78 -58.87
N LEU A 466 11.36 76.05 -59.03
CA LEU A 466 10.26 76.44 -59.90
C LEU A 466 8.96 75.71 -59.57
N GLN A 467 8.89 75.13 -58.35
CA GLN A 467 7.68 74.52 -57.81
C GLN A 467 7.26 75.34 -56.65
N ASN A 468 7.47 74.90 -55.40
CA ASN A 468 7.22 75.72 -54.25
C ASN A 468 8.34 76.70 -53.98
N GLY A 469 9.33 76.78 -54.87
CA GLY A 469 10.49 77.61 -54.56
C GLY A 469 11.41 77.75 -55.75
N TYR A 470 12.40 78.63 -55.56
CA TYR A 470 13.41 78.98 -56.55
C TYR A 470 14.79 78.69 -55.93
N ILE A 471 15.59 77.88 -56.62
CA ILE A 471 16.94 77.57 -56.16
C ILE A 471 17.90 78.36 -57.03
N LEU A 472 18.69 79.22 -56.39
CA LEU A 472 19.62 80.09 -57.11
C LEU A 472 20.89 79.34 -57.50
N ASP A 473 21.32 79.57 -58.74
CA ASP A 473 22.71 79.27 -59.08
C ASP A 473 23.66 80.04 -58.17
N SER A 474 23.25 81.22 -57.71
CA SER A 474 24.13 82.16 -57.01
C SER A 474 23.31 83.27 -56.35
N ILE A 475 23.84 83.76 -55.22
CA ILE A 475 23.37 85.01 -54.61
C ILE A 475 23.32 86.15 -55.63
N SER A 476 24.20 86.13 -56.63
CA SER A 476 24.17 87.15 -57.66
C SER A 476 22.80 87.24 -58.36
N GLN A 477 21.96 86.20 -58.26
CA GLN A 477 20.72 86.17 -59.04
C GLN A 477 19.46 86.39 -58.19
N LEU A 478 19.58 86.96 -56.98
CA LEU A 478 18.45 87.05 -56.06
C LEU A 478 17.29 87.85 -56.64
N ALA A 479 17.56 89.03 -57.19
CA ALA A 479 16.47 89.87 -57.69
C ALA A 479 15.57 89.10 -58.67
N VAL A 480 16.18 88.39 -59.63
CA VAL A 480 15.40 87.63 -60.60
C VAL A 480 14.37 86.74 -59.89
N ALA A 481 14.81 86.00 -58.87
CA ALA A 481 13.88 85.17 -58.10
C ALA A 481 12.86 86.00 -57.34
N ALA A 482 13.25 87.16 -56.82
CA ALA A 482 12.29 87.97 -56.10
C ALA A 482 11.27 88.57 -57.06
N ASP A 483 11.73 89.09 -58.20
CA ASP A 483 10.80 89.58 -59.21
C ASP A 483 9.81 88.48 -59.57
N TYR A 484 10.30 87.25 -59.68
CA TYR A 484 9.51 86.13 -60.16
C TYR A 484 8.21 85.99 -59.36
N TYR A 485 8.30 86.02 -58.04
CA TYR A 485 7.12 85.88 -57.20
C TYR A 485 6.42 87.20 -56.86
N LEU A 486 7.15 88.32 -56.78
CA LEU A 486 6.50 89.57 -56.37
C LEU A 486 5.91 90.39 -57.52
N GLN A 487 6.35 90.18 -58.78
CA GLN A 487 5.75 90.86 -59.93
C GLN A 487 4.61 89.99 -60.46
N GLY A 488 3.37 90.39 -60.17
CA GLY A 488 2.21 89.66 -60.65
C GLY A 488 1.78 88.66 -59.59
N LEU A 489 0.86 87.77 -59.99
CA LEU A 489 0.27 86.80 -59.06
C LEU A 489 0.39 85.38 -59.59
N LYS A 490 0.32 85.25 -60.92
CA LYS A 490 0.61 84.03 -61.66
C LYS A 490 1.66 83.18 -60.95
N ASN A 491 2.92 83.60 -60.97
CA ASN A 491 3.98 82.72 -60.48
C ASN A 491 3.74 82.32 -59.02
N TRP A 492 3.35 83.28 -58.20
CA TRP A 492 3.15 82.99 -56.78
C TRP A 492 1.94 82.08 -56.56
N ASN A 493 0.89 82.21 -57.35
CA ASN A 493 -0.24 81.33 -57.18
C ASN A 493 0.16 79.88 -57.48
N GLN A 494 0.85 79.70 -58.61
CA GLN A 494 1.38 78.40 -58.97
C GLN A 494 2.22 77.81 -57.83
N ALA A 495 3.13 78.60 -57.28
CA ALA A 495 3.93 78.11 -56.18
C ALA A 495 3.06 77.71 -54.99
N LEU A 496 2.02 78.49 -54.70
CA LEU A 496 1.13 78.11 -53.60
C LEU A 496 0.58 76.71 -53.81
N ILE A 497 0.21 76.39 -55.04
CA ILE A 497 -0.24 75.05 -55.37
C ILE A 497 0.81 74.00 -55.00
N TYR A 498 2.06 74.21 -55.43
CA TYR A 498 3.08 73.22 -55.13
C TYR A 498 3.36 73.11 -53.63
N SER A 499 3.16 74.17 -52.87
CA SER A 499 3.35 74.05 -51.43
C SER A 499 2.24 73.23 -50.77
N ILE A 500 1.04 73.26 -51.33
CA ILE A 500 -0.01 72.36 -50.85
C ILE A 500 0.35 70.92 -51.18
N GLU A 501 0.84 70.67 -52.40
CA GLU A 501 1.30 69.33 -52.73
C GLU A 501 2.40 68.88 -51.78
N LYS A 502 3.29 69.80 -51.39
CA LYS A 502 4.34 69.45 -50.44
C LYS A 502 3.76 69.30 -49.03
N ILE A 503 2.78 70.15 -48.70
CA ILE A 503 2.14 70.06 -47.39
C ILE A 503 1.56 68.65 -47.17
N LYS A 504 0.75 68.14 -48.12
CA LYS A 504 0.08 66.84 -47.96
C LYS A 504 1.09 65.72 -47.91
N LEU A 505 2.22 65.91 -48.58
CA LEU A 505 3.24 64.88 -48.76
C LEU A 505 4.29 64.87 -47.66
N ASN A 506 4.02 65.50 -46.51
CA ASN A 506 5.04 65.56 -45.46
C ASN A 506 4.43 65.76 -44.09
N THR A 507 3.18 65.40 -43.87
CA THR A 507 2.54 65.44 -42.56
C THR A 507 3.00 64.29 -41.65
N GLY A 508 2.56 64.35 -40.39
CA GLY A 508 2.87 63.28 -39.45
C GLY A 508 2.56 61.91 -40.00
N HIS A 509 1.35 61.73 -40.54
CA HIS A 509 1.00 60.50 -41.22
C HIS A 509 2.08 60.10 -42.20
N GLN A 510 2.70 61.08 -42.86
CA GLN A 510 3.61 60.82 -43.97
C GLN A 510 5.01 60.50 -43.49
N VAL A 511 5.35 60.95 -42.28
CA VAL A 511 6.64 60.67 -41.69
C VAL A 511 6.71 59.23 -41.22
N ILE A 512 5.72 58.82 -40.42
CA ILE A 512 5.73 57.45 -39.94
C ILE A 512 5.54 56.49 -41.10
N LYS A 513 4.85 56.91 -42.15
CA LYS A 513 4.85 56.11 -43.38
C LYS A 513 6.27 55.91 -43.90
N ARG A 514 7.05 56.99 -43.96
CA ARG A 514 8.39 56.92 -44.50
C ARG A 514 9.31 56.12 -43.58
N TRP A 515 9.25 56.38 -42.27
CA TRP A 515 9.92 55.53 -41.29
C TRP A 515 9.59 54.08 -41.52
N GLU A 516 8.30 53.75 -41.40
CA GLU A 516 7.92 52.35 -41.49
C GLU A 516 8.35 51.74 -42.81
N LYS A 517 8.38 52.52 -43.89
CA LYS A 517 8.81 51.94 -45.16
C LYS A 517 10.29 51.60 -45.14
N TRP A 518 11.13 52.59 -44.80
CA TRP A 518 12.57 52.36 -44.75
C TRP A 518 12.89 51.15 -43.91
N LEU A 519 12.26 51.04 -42.73
CA LEU A 519 12.41 49.85 -41.89
C LEU A 519 12.14 48.58 -42.69
N LYS A 520 10.91 48.41 -43.18
CA LYS A 520 10.51 47.16 -43.80
C LYS A 520 11.41 46.78 -44.99
N GLU A 521 12.15 47.74 -45.54
CA GLU A 521 13.17 47.43 -46.55
C GLU A 521 14.43 46.86 -45.91
N ALA A 522 14.76 47.28 -44.69
CA ALA A 522 15.96 46.79 -44.04
C ALA A 522 15.76 45.36 -43.55
N ILE A 523 14.59 45.10 -42.98
CA ILE A 523 14.17 43.73 -42.71
C ILE A 523 14.32 42.87 -43.97
N ASP A 524 13.85 43.37 -45.10
CA ASP A 524 13.72 42.56 -46.30
C ASP A 524 15.05 42.27 -46.99
N GLU A 525 16.01 43.20 -46.93
CA GLU A 525 17.22 43.10 -47.75
C GLU A 525 18.26 42.15 -47.17
N LYS A 526 18.18 41.87 -45.87
CA LYS A 526 19.02 40.87 -45.19
C LYS A 526 19.37 39.62 -46.02
N MET B 1 4.50 44.82 33.96
CA MET B 1 4.38 44.01 32.76
C MET B 1 5.31 42.81 32.82
N TYR B 2 4.89 41.69 32.26
CA TYR B 2 5.67 40.47 32.33
C TYR B 2 6.34 40.18 30.99
N TYR B 3 7.61 39.79 31.06
CA TYR B 3 8.32 39.19 29.95
C TYR B 3 8.58 37.72 30.31
N PHE B 4 8.53 36.85 29.30
CA PHE B 4 8.78 35.43 29.48
C PHE B 4 9.94 35.05 28.60
N ILE B 5 11.02 34.56 29.21
CA ILE B 5 12.17 34.07 28.43
C ILE B 5 12.12 32.53 28.44
N PRO B 6 11.53 31.93 27.40
CA PRO B 6 11.32 30.49 27.40
C PRO B 6 12.61 29.74 27.13
N SER B 7 12.52 28.41 27.23
CA SER B 7 13.70 27.57 27.09
C SER B 7 13.63 26.66 25.88
N TRP B 8 12.66 26.87 24.98
CA TRP B 8 12.42 26.04 23.80
C TRP B 8 13.68 25.88 22.95
N SER B 9 14.37 24.74 23.10
CA SER B 9 15.69 24.52 22.53
C SER B 9 15.62 23.45 21.45
N GLY B 10 16.80 23.00 21.02
CA GLY B 10 16.91 21.93 20.04
C GLY B 10 17.62 20.75 20.67
N SER B 11 17.22 19.55 20.23
CA SER B 11 17.85 18.28 20.66
C SER B 11 19.16 18.11 19.91
N GLY B 12 20.20 18.78 20.39
CA GLY B 12 21.48 18.70 19.75
C GLY B 12 22.44 19.62 20.46
N LYS B 13 23.70 19.54 20.04
CA LYS B 13 24.76 20.42 20.52
C LYS B 13 24.26 21.86 20.49
N ARG B 14 24.02 22.39 19.28
CA ARG B 14 23.52 23.74 19.12
C ARG B 14 22.10 23.87 19.69
N VAL B 15 21.96 24.24 20.96
CA VAL B 15 20.62 24.31 21.53
C VAL B 15 19.84 25.52 21.05
N TRP B 16 20.51 26.54 20.60
CA TRP B 16 19.83 27.73 20.11
C TRP B 16 19.21 27.52 18.76
N HIS B 17 19.08 26.27 18.31
CA HIS B 17 18.55 25.94 16.99
C HIS B 17 17.50 24.85 17.16
N ARG B 18 16.26 25.14 16.76
CA ARG B 18 15.16 24.19 16.92
C ARG B 18 15.22 23.09 15.89
N ASP B 19 14.80 21.90 16.31
CA ASP B 19 14.82 20.75 15.41
C ASP B 19 13.83 20.94 14.28
N ILE B 20 14.26 20.56 13.08
CA ILE B 20 13.44 20.63 11.87
C ILE B 20 13.11 19.19 11.49
N ILE B 21 11.83 18.83 11.58
CA ILE B 21 11.45 17.43 11.44
C ILE B 21 10.26 17.29 10.49
N PRO B 22 10.30 16.35 9.56
CA PRO B 22 9.13 16.11 8.70
C PRO B 22 7.94 15.62 9.52
N TRP B 23 6.75 16.08 9.11
CA TRP B 23 5.49 15.78 9.77
C TRP B 23 5.37 14.35 10.29
N TYR B 24 5.90 13.38 9.57
CA TYR B 24 5.69 11.97 9.92
C TYR B 24 6.68 11.46 10.98
N ARG B 25 7.61 12.27 11.46
CA ARG B 25 8.34 11.93 12.67
C ARG B 25 8.02 12.82 13.84
N SER B 26 7.23 13.86 13.65
CA SER B 26 6.74 14.63 14.78
C SER B 26 5.69 13.77 15.50
N MET B 27 5.84 13.63 16.80
CA MET B 27 4.91 12.83 17.59
C MET B 27 3.93 13.72 18.34
N GLN B 28 2.66 13.31 18.32
CA GLN B 28 1.64 13.99 19.12
C GLN B 28 2.00 13.93 20.60
N ARG B 29 1.95 15.08 21.26
CA ARG B 29 2.31 15.15 22.66
C ARG B 29 1.38 16.12 23.36
N LEU B 30 1.26 15.95 24.67
CA LEU B 30 0.71 16.99 25.53
C LEU B 30 1.87 17.72 26.19
N GLU B 31 2.09 18.98 25.83
CA GLU B 31 3.23 19.73 26.34
C GLU B 31 2.88 20.35 27.71
N PHE B 32 3.53 19.85 28.76
CA PHE B 32 3.45 20.45 30.09
C PHE B 32 4.52 21.53 30.30
N ASP B 33 5.15 22.03 29.23
CA ASP B 33 6.21 23.03 29.34
C ASP B 33 5.76 24.23 30.16
N ASP B 34 6.54 24.58 31.18
CA ASP B 34 6.08 25.56 32.15
C ASP B 34 5.66 26.85 31.47
N THR B 35 6.39 27.26 30.44
CA THR B 35 6.21 28.61 29.92
C THR B 35 4.90 28.70 29.14
N ILE B 36 4.70 27.79 28.19
CA ILE B 36 3.47 27.75 27.40
C ILE B 36 2.26 27.96 28.30
N HIS B 37 2.16 27.15 29.37
CA HIS B 37 0.97 27.21 30.24
C HIS B 37 0.92 28.50 31.03
N GLN B 38 2.08 29.00 31.45
CA GLN B 38 2.11 30.24 32.21
C GLN B 38 1.63 31.39 31.34
N ILE B 39 1.99 31.36 30.06
CA ILE B 39 1.55 32.37 29.10
C ILE B 39 0.05 32.36 28.94
N ARG B 40 -0.53 31.16 28.73
CA ARG B 40 -1.97 31.00 28.56
C ARG B 40 -2.77 31.72 29.63
N ILE B 41 -2.34 31.57 30.88
CA ILE B 41 -3.03 32.17 32.01
C ILE B 41 -3.07 33.67 31.88
N PHE B 42 -1.98 34.26 31.36
CA PHE B 42 -1.91 35.72 31.22
C PHE B 42 -2.92 36.23 30.18
N HIS B 43 -3.05 35.53 29.06
CA HIS B 43 -4.00 35.91 28.04
C HIS B 43 -5.43 35.81 28.55
N SER B 44 -5.77 34.69 29.21
CA SER B 44 -7.13 34.51 29.73
C SER B 44 -7.48 35.58 30.77
N GLU B 45 -6.48 36.26 31.32
CA GLU B 45 -6.71 37.42 32.14
C GLU B 45 -6.32 38.71 31.42
N ASN B 46 -5.90 38.59 30.16
CA ASN B 46 -5.64 39.73 29.28
C ASN B 46 -4.84 40.83 29.97
N LEU B 47 -3.68 40.40 30.71
CA LEU B 47 -2.62 41.28 31.20
C LEU B 47 -1.49 41.37 30.18
N PRO B 48 -0.80 42.50 30.08
CA PRO B 48 0.30 42.60 29.11
C PRO B 48 1.36 41.58 29.44
N VAL B 49 1.93 41.00 28.38
CA VAL B 49 2.97 39.98 28.48
C VAL B 49 3.58 39.78 27.10
N LYS B 50 4.87 39.46 27.03
CA LYS B 50 5.41 39.06 25.73
C LYS B 50 6.74 38.33 25.88
N LEU B 51 6.99 37.42 24.93
CA LEU B 51 8.13 36.51 25.01
C LEU B 51 9.35 37.15 24.38
N LEU B 52 10.51 36.92 25.01
CA LEU B 52 11.80 37.19 24.39
C LEU B 52 12.38 35.86 23.92
N LEU B 53 12.57 35.75 22.60
CA LEU B 53 12.82 34.47 21.94
C LEU B 53 14.29 34.33 21.56
N GLN B 54 15.02 33.50 22.32
CA GLN B 54 16.45 33.37 22.08
C GLN B 54 16.74 32.57 20.82
N ALA B 55 16.13 31.38 20.69
CA ALA B 55 16.62 30.41 19.73
C ALA B 55 16.04 30.62 18.33
N TYR B 56 16.80 30.19 17.33
CA TYR B 56 16.37 30.03 15.95
C TYR B 56 15.14 29.14 15.83
N MET B 57 13.97 29.75 15.58
CA MET B 57 12.68 29.05 15.50
C MET B 57 12.05 29.31 14.14
N PRO B 58 12.55 28.69 13.07
CA PRO B 58 12.01 28.96 11.73
C PRO B 58 10.54 28.59 11.55
N HIS B 59 9.91 27.94 12.52
CA HIS B 59 8.51 27.53 12.43
C HIS B 59 7.74 27.94 13.68
N ALA B 60 8.05 29.10 14.25
CA ALA B 60 7.43 29.43 15.53
C ALA B 60 5.97 29.83 15.38
N ARG B 61 5.47 30.03 14.15
CA ARG B 61 4.06 30.39 14.02
C ARG B 61 3.16 29.16 14.12
N TYR B 62 3.52 28.08 13.44
CA TYR B 62 2.77 26.84 13.65
C TYR B 62 2.99 26.25 15.03
N PHE B 63 4.06 26.65 15.73
CA PHE B 63 4.27 26.19 17.10
C PHE B 63 3.36 26.93 18.06
N LEU B 64 3.18 28.22 17.85
CA LEU B 64 2.39 29.03 18.78
C LEU B 64 0.90 28.80 18.63
N HIS B 65 0.43 28.49 17.41
CA HIS B 65 -0.97 28.14 17.22
C HIS B 65 -1.28 26.77 17.83
N ARG B 66 -0.40 25.79 17.63
CA ARG B 66 -0.62 24.46 18.19
C ARG B 66 -0.67 24.49 19.71
N GLN B 67 0.19 25.29 20.33
CA GLN B 67 0.17 25.48 21.78
C GLN B 67 -0.91 26.46 22.20
N ASP B 68 -1.63 26.99 21.22
CA ASP B 68 -2.60 28.08 21.36
C ASP B 68 -2.09 29.14 22.33
N ILE B 69 -0.92 29.68 22.00
CA ILE B 69 -0.47 30.94 22.58
C ILE B 69 -0.07 31.85 21.43
N PHE B 70 -0.98 32.05 20.48
CA PHE B 70 -0.65 32.70 19.21
C PHE B 70 -0.77 34.21 19.28
N GLU B 71 -1.66 34.73 20.13
CA GLU B 71 -1.81 36.16 20.30
C GLU B 71 -0.72 36.79 21.19
N THR B 72 0.43 36.12 21.36
CA THR B 72 1.49 36.58 22.27
C THR B 72 2.50 37.45 21.51
N GLU B 73 2.62 38.73 21.89
CA GLU B 73 3.69 39.59 21.39
C GLU B 73 5.05 38.89 21.53
N TYR B 74 5.92 39.06 20.54
CA TYR B 74 7.24 38.53 20.79
C TYR B 74 8.32 39.34 20.08
N TYR B 75 9.39 39.58 20.83
CA TYR B 75 10.69 39.93 20.28
C TYR B 75 11.45 38.65 20.00
N SER B 76 12.09 38.58 18.83
CA SER B 76 12.81 37.38 18.42
C SER B 76 14.23 37.74 17.99
N VAL B 77 15.20 37.36 18.81
CA VAL B 77 16.64 37.51 18.56
C VAL B 77 16.99 37.24 17.10
N PHE B 78 16.46 36.15 16.53
CA PHE B 78 16.82 35.81 15.15
C PHE B 78 16.05 36.63 14.13
N ASP B 79 14.83 37.07 14.42
CA ASP B 79 14.16 38.03 13.57
C ASP B 79 15.07 39.21 13.28
N GLU B 80 15.55 39.87 14.33
CA GLU B 80 16.46 40.99 14.13
C GLU B 80 17.68 40.55 13.32
N ILE B 81 18.27 39.39 13.66
CA ILE B 81 19.55 39.00 13.08
C ILE B 81 19.43 38.88 11.56
N GLN B 82 18.36 38.26 11.07
CA GLN B 82 18.17 38.15 9.63
C GLN B 82 17.21 39.23 9.09
N ALA B 83 17.03 40.32 9.82
CA ALA B 83 16.31 41.49 9.33
C ALA B 83 14.95 41.12 8.73
N VAL B 84 14.11 40.50 9.56
CA VAL B 84 12.80 40.01 9.13
C VAL B 84 11.77 41.09 9.41
N GLU B 85 11.22 41.65 8.33
CA GLU B 85 10.49 42.91 8.34
C GLU B 85 9.29 42.87 9.29
N SER B 86 8.49 41.82 9.18
CA SER B 86 7.19 41.74 9.81
C SER B 86 6.85 40.27 9.99
N ASN B 87 5.58 39.99 10.27
CA ASN B 87 5.11 38.64 10.50
C ASN B 87 3.96 38.21 9.61
N ASP B 88 3.51 39.06 8.68
CA ASP B 88 2.37 38.68 7.84
C ASP B 88 2.71 37.39 7.10
N MET B 89 1.95 36.34 7.37
CA MET B 89 2.28 35.01 6.87
C MET B 89 2.00 34.89 5.37
N GLN B 90 2.95 34.27 4.66
CA GLN B 90 2.84 33.95 3.23
C GLN B 90 3.06 32.45 3.10
N VAL B 91 2.03 31.69 2.82
CA VAL B 91 2.31 30.28 2.59
C VAL B 91 2.75 30.08 1.15
N LEU B 92 3.73 29.20 1.00
CA LEU B 92 4.34 28.89 -0.27
C LEU B 92 3.77 27.58 -0.80
N GLN B 93 3.59 27.51 -2.11
CA GLN B 93 3.19 26.29 -2.78
C GLN B 93 4.41 25.73 -3.50
N ILE B 94 4.43 24.40 -3.64
CA ILE B 94 5.64 23.71 -4.08
C ILE B 94 6.07 24.13 -5.48
N LYS B 95 5.15 24.65 -6.29
CA LYS B 95 5.49 25.15 -7.62
C LYS B 95 6.00 26.59 -7.58
N ASP B 96 5.76 27.31 -6.50
CA ASP B 96 6.15 28.71 -6.41
C ASP B 96 7.66 28.90 -6.45
N LEU B 97 8.42 27.86 -6.18
CA LEU B 97 9.86 27.98 -5.96
C LEU B 97 10.63 28.13 -7.27
N GLU B 98 11.87 28.60 -7.15
CA GLU B 98 12.78 28.53 -8.27
C GLU B 98 13.05 27.06 -8.58
N TRP B 99 12.70 26.65 -9.79
CA TRP B 99 12.75 25.24 -10.15
C TRP B 99 13.37 25.07 -11.52
N GLU B 100 14.21 24.05 -11.63
CA GLU B 100 14.88 23.66 -12.86
C GLU B 100 13.90 23.61 -14.03
N ASP B 101 14.37 23.88 -15.25
CA ASP B 101 13.60 23.54 -16.43
C ASP B 101 13.27 22.05 -16.47
N ASP B 102 14.23 21.20 -16.05
CA ASP B 102 14.12 19.75 -16.22
C ASP B 102 13.23 19.08 -15.19
N CYS B 103 12.86 19.78 -14.12
CA CYS B 103 12.39 19.12 -12.91
C CYS B 103 11.11 18.32 -13.13
N GLU B 104 11.21 17.01 -12.95
CA GLU B 104 10.06 16.19 -12.62
C GLU B 104 9.60 16.51 -11.20
N PHE B 105 8.42 15.98 -10.85
CA PHE B 105 7.90 16.14 -9.50
C PHE B 105 7.13 14.86 -9.17
N ILE B 106 7.74 13.98 -8.38
CA ILE B 106 7.19 12.66 -8.09
C ILE B 106 6.65 12.64 -6.65
N TYR B 107 5.33 12.67 -6.52
CA TYR B 107 4.66 12.87 -5.23
C TYR B 107 4.45 11.53 -4.52
N THR B 108 4.77 11.49 -3.23
CA THR B 108 4.74 10.27 -2.42
C THR B 108 3.97 10.50 -1.13
N PRO B 109 3.48 9.41 -0.49
CA PRO B 109 2.82 9.54 0.82
C PRO B 109 3.59 10.33 1.87
N PHE B 110 4.92 10.28 1.88
CA PHE B 110 5.70 10.93 2.92
C PHE B 110 6.18 12.32 2.53
N LEU B 111 6.61 12.51 1.29
CA LEU B 111 7.19 13.77 0.84
C LEU B 111 7.31 13.75 -0.67
N ILE B 112 7.38 14.96 -1.25
CA ILE B 112 7.70 15.09 -2.66
C ILE B 112 9.18 14.77 -2.89
N ILE B 113 9.48 14.18 -4.03
CA ILE B 113 10.87 14.03 -4.46
C ILE B 113 10.96 14.68 -5.84
N VAL B 114 11.82 15.68 -5.96
CA VAL B 114 11.95 16.46 -7.19
C VAL B 114 13.16 15.99 -7.99
N ARG B 115 13.01 15.93 -9.30
CA ARG B 115 14.10 15.67 -10.21
C ARG B 115 13.82 16.42 -11.50
N GLY B 118 18.49 9.73 -14.29
CA GLY B 118 18.94 9.21 -13.01
C GLY B 118 19.87 10.18 -12.29
N GLN B 119 19.67 11.46 -12.58
CA GLN B 119 20.27 12.62 -11.93
C GLN B 119 19.40 13.16 -10.77
N LEU B 120 18.97 12.29 -9.84
CA LEU B 120 18.20 12.63 -8.64
C LEU B 120 18.58 13.97 -8.00
N TYR B 121 17.58 14.76 -7.58
CA TYR B 121 17.85 16.15 -7.22
C TYR B 121 17.54 16.48 -5.76
N ALA B 122 16.27 16.64 -5.41
CA ALA B 122 15.96 17.20 -4.11
C ALA B 122 14.76 16.46 -3.49
N HIS B 123 14.35 16.96 -2.31
CA HIS B 123 13.35 16.34 -1.43
C HIS B 123 12.60 17.49 -0.73
N VAL B 124 11.46 17.86 -1.29
CA VAL B 124 10.59 18.82 -0.61
C VAL B 124 9.92 18.12 0.57
N GLU B 125 10.06 18.69 1.76
CA GLU B 125 9.52 18.09 2.97
C GLU B 125 8.56 19.06 3.66
N PHE B 126 7.66 18.50 4.48
CA PHE B 126 6.60 19.29 5.09
C PHE B 126 6.55 19.14 6.61
N GLY B 127 6.13 20.23 7.26
CA GLY B 127 5.85 20.25 8.68
C GLY B 127 4.48 19.69 8.99
N VAL B 128 4.12 19.73 10.27
CA VAL B 128 2.98 18.93 10.76
C VAL B 128 1.67 19.36 10.10
N GLU B 129 1.52 20.66 9.83
CA GLU B 129 0.32 21.17 9.20
C GLU B 129 0.36 21.08 7.69
N GLY B 130 1.47 20.59 7.13
CA GLY B 130 1.60 20.43 5.70
C GLY B 130 2.31 21.55 4.97
N PHE B 131 2.83 22.55 5.68
CA PHE B 131 3.60 23.60 5.03
C PHE B 131 4.98 23.07 4.63
N ILE B 132 5.58 23.68 3.61
CA ILE B 132 6.93 23.30 3.20
C ILE B 132 7.88 23.58 4.35
N SER B 133 8.39 22.53 4.98
CA SER B 133 9.30 22.70 6.11
C SER B 133 10.71 22.98 5.64
N PHE B 134 11.22 22.15 4.73
CA PHE B 134 12.56 22.28 4.20
C PHE B 134 12.68 21.47 2.91
N ILE B 135 13.80 21.65 2.23
CA ILE B 135 14.17 20.87 1.06
C ILE B 135 15.62 20.44 1.21
N LYS B 136 15.89 19.14 1.04
CA LYS B 136 17.23 18.60 0.95
C LYS B 136 17.67 18.60 -0.51
N PHE B 137 18.84 19.16 -0.81
CA PHE B 137 19.36 19.16 -2.17
C PHE B 137 20.47 18.12 -2.30
N PHE B 138 20.49 17.40 -3.42
CA PHE B 138 21.45 16.32 -3.65
C PHE B 138 22.30 16.61 -4.88
N LYS B 139 23.48 15.98 -4.90
CA LYS B 139 24.30 15.87 -6.10
C LYS B 139 25.07 14.57 -5.94
N ASP B 140 25.02 13.73 -6.99
CA ASP B 140 25.17 12.28 -6.87
C ASP B 140 24.06 11.77 -5.96
N ASP B 141 24.24 10.62 -5.33
CA ASP B 141 23.31 10.14 -4.30
C ASP B 141 23.71 10.63 -2.93
N GLN B 142 24.23 11.86 -2.88
CA GLN B 142 24.82 12.48 -1.71
C GLN B 142 24.10 13.78 -1.39
N LEU B 143 23.93 14.09 -0.10
CA LEU B 143 23.26 15.32 0.31
C LEU B 143 24.25 16.49 0.30
N GLU B 144 23.95 17.49 -0.53
CA GLU B 144 24.82 18.66 -0.69
C GLU B 144 24.35 19.87 0.11
N LYS B 145 23.05 20.19 0.05
CA LYS B 145 22.58 21.47 0.55
C LYS B 145 21.17 21.31 1.08
N LEU B 146 20.87 21.97 2.20
CA LEU B 146 19.56 21.89 2.83
C LEU B 146 18.98 23.28 3.02
N ASN B 147 17.70 23.44 2.66
CA ASN B 147 17.01 24.72 2.67
C ASN B 147 15.91 24.71 3.73
N ILE B 148 16.23 25.25 4.91
CA ILE B 148 15.22 25.44 5.94
C ILE B 148 14.30 26.59 5.54
N PHE B 149 13.00 26.32 5.52
CA PHE B 149 12.01 27.34 5.19
C PHE B 149 11.37 27.94 6.43
N ASP B 150 11.33 29.27 6.49
CA ASP B 150 10.48 29.90 7.47
C ASP B 150 9.02 29.60 7.15
N ASP B 151 8.21 29.48 8.20
CA ASP B 151 6.80 29.17 8.00
C ASP B 151 5.98 30.39 7.59
N ARG B 152 6.59 31.58 7.55
CA ARG B 152 5.98 32.71 6.87
C ARG B 152 6.42 32.82 5.42
N GLY B 153 7.08 31.78 4.91
CA GLY B 153 7.19 31.53 3.49
C GLY B 153 8.39 32.10 2.78
N PHE B 154 9.60 31.69 3.19
CA PHE B 154 10.82 32.02 2.48
C PHE B 154 11.93 31.18 3.08
N VAL B 155 12.97 30.96 2.28
CA VAL B 155 14.16 30.26 2.77
C VAL B 155 14.84 31.11 3.84
N SER B 156 14.94 30.55 5.05
CA SER B 156 15.51 31.23 6.21
C SER B 156 16.98 30.89 6.40
N SER B 157 17.33 29.61 6.30
CA SER B 157 18.69 29.13 6.44
C SER B 157 19.05 28.24 5.27
N ILE B 158 20.32 28.27 4.91
CA ILE B 158 20.91 27.26 4.06
C ILE B 158 22.06 26.66 4.84
N VAL B 159 22.11 25.34 4.92
CA VAL B 159 23.26 24.66 5.50
C VAL B 159 23.90 23.86 4.39
N TYR B 160 25.19 24.08 4.17
CA TYR B 160 25.91 23.39 3.11
C TYR B 160 26.64 22.19 3.68
N TYR B 161 27.00 21.27 2.80
CA TYR B 161 27.63 20.02 3.20
C TYR B 161 28.81 19.73 2.28
N GLU B 162 29.83 19.10 2.86
CA GLU B 162 30.89 18.44 2.09
C GLU B 162 31.12 17.08 2.71
N ASP B 163 31.33 16.07 1.85
CA ASP B 163 31.47 14.67 2.26
C ASP B 163 30.27 14.21 3.08
N GLY B 164 29.15 14.92 2.99
CA GLY B 164 28.00 14.62 3.80
C GLY B 164 28.20 14.88 5.29
N GLN B 165 28.62 16.11 5.62
CA GLN B 165 28.70 16.56 7.00
C GLN B 165 28.39 18.05 7.02
N GLU B 166 27.70 18.50 8.08
CA GLU B 166 27.44 19.92 8.24
C GLU B 166 28.76 20.69 8.25
N VAL B 167 28.75 21.85 7.58
CA VAL B 167 29.94 22.66 7.39
C VAL B 167 29.69 24.08 7.90
N CYS B 168 28.69 24.74 7.32
CA CYS B 168 28.34 26.11 7.68
C CYS B 168 26.85 26.33 7.43
N GLN B 169 26.28 27.32 8.11
CA GLN B 169 24.88 27.67 7.98
C GLN B 169 24.76 29.16 7.68
N ASP B 170 24.05 29.49 6.60
CA ASP B 170 23.67 30.88 6.34
C ASP B 170 22.35 31.18 7.04
N TYR B 171 22.11 32.48 7.27
CA TYR B 171 20.86 32.94 7.89
C TYR B 171 20.35 34.10 7.04
N LEU B 172 19.80 33.76 5.87
CA LEU B 172 19.37 34.74 4.90
C LEU B 172 18.30 35.67 5.49
N ASN B 173 18.10 36.81 4.82
CA ASN B 173 16.96 37.65 5.16
C ASN B 173 15.82 37.31 4.21
N PRO B 174 14.65 37.94 4.35
CA PRO B 174 13.59 37.75 3.35
C PRO B 174 14.05 37.92 1.91
N ASN B 175 14.98 38.82 1.63
CA ASN B 175 15.43 39.02 0.26
C ASN B 175 16.07 37.76 -0.31
N GLY B 176 16.79 37.00 0.51
CA GLY B 176 17.48 35.82 0.06
C GLY B 176 18.99 35.90 0.19
N ASP B 177 19.54 36.99 0.69
CA ASP B 177 20.97 37.12 0.85
C ASP B 177 21.33 37.02 2.33
N TRP B 178 22.56 36.59 2.61
CA TRP B 178 22.91 36.14 3.94
C TRP B 178 23.24 37.31 4.85
N ARG B 179 22.68 37.28 6.06
CA ARG B 179 23.06 38.24 7.08
C ARG B 179 24.26 37.74 7.89
N ILE B 180 24.23 36.50 8.36
CA ILE B 180 25.35 35.90 9.06
C ILE B 180 25.59 34.51 8.49
N ARG B 181 26.82 34.04 8.66
CA ARG B 181 27.22 32.67 8.28
C ARG B 181 27.91 32.03 9.48
N GLU B 182 27.33 30.93 9.96
CA GLU B 182 27.81 30.25 11.16
C GLU B 182 28.43 28.92 10.78
N TYR B 183 29.66 28.68 11.25
CA TYR B 183 30.42 27.49 10.91
C TYR B 183 30.17 26.42 11.96
N LEU B 184 30.07 25.16 11.52
CA LEU B 184 29.50 24.10 12.33
C LEU B 184 30.48 22.96 12.57
N LYS B 185 31.77 23.21 12.42
CA LYS B 185 32.79 22.23 12.77
C LYS B 185 33.35 22.53 14.14
N PHE B 186 34.20 21.62 14.64
CA PHE B 186 34.94 21.86 15.87
C PHE B 186 36.00 22.95 15.65
N GLU B 187 36.63 22.95 14.47
CA GLU B 187 37.63 23.90 14.05
C GLU B 187 37.00 25.27 13.78
N ASN B 188 36.22 25.40 12.71
CA ASN B 188 35.46 26.60 12.43
C ASN B 188 34.19 26.53 13.24
N SER B 189 34.12 27.30 14.32
CA SER B 189 32.95 27.28 15.19
C SER B 189 32.45 28.69 15.51
N HIS B 190 32.84 29.68 14.71
CA HIS B 190 32.51 31.08 14.95
C HIS B 190 31.41 31.52 13.99
N VAL B 191 31.07 32.81 14.03
CA VAL B 191 30.02 33.38 13.18
C VAL B 191 30.54 34.62 12.46
N VAL B 192 30.51 34.57 11.12
CA VAL B 192 30.94 35.68 10.27
C VAL B 192 29.73 36.54 9.99
N VAL B 193 29.82 37.82 10.32
CA VAL B 193 28.78 38.77 9.95
C VAL B 193 29.11 39.35 8.56
N ASN B 194 28.11 39.37 7.70
CA ASN B 194 28.27 39.89 6.35
C ASN B 194 28.52 41.38 6.38
N PRO B 195 29.72 41.86 6.01
CA PRO B 195 30.05 43.27 6.23
C PRO B 195 29.10 44.22 5.53
N VAL B 196 28.31 43.73 4.57
CA VAL B 196 27.29 44.52 3.91
C VAL B 196 26.24 45.02 4.90
N PHE B 197 26.02 44.27 5.98
CA PHE B 197 25.07 44.64 7.02
C PHE B 197 25.75 45.00 8.33
N SER B 198 27.03 45.41 8.27
CA SER B 198 27.74 45.84 9.47
C SER B 198 27.03 46.97 10.21
N ARG B 199 26.09 47.63 9.55
CA ARG B 199 25.14 48.57 10.16
C ARG B 199 24.50 48.00 11.42
N ASP B 200 24.20 46.70 11.41
CA ASP B 200 23.33 46.05 12.39
C ASP B 200 24.05 45.23 13.45
N PHE B 201 25.37 45.12 13.40
CA PHE B 201 26.08 44.18 14.26
C PHE B 201 27.25 44.87 14.96
N ASP B 202 27.38 44.64 16.27
CA ASP B 202 28.45 45.26 17.03
C ASP B 202 29.82 44.83 16.50
N LYS B 203 29.99 43.54 16.25
CA LYS B 203 31.25 43.02 15.74
C LYS B 203 31.07 42.48 14.33
N LEU B 204 31.98 41.65 13.87
CA LEU B 204 31.86 40.98 12.59
C LEU B 204 32.12 39.49 12.70
N GLU B 205 33.05 39.07 13.54
CA GLU B 205 33.23 37.67 13.91
C GLU B 205 32.77 37.49 15.35
N TYR B 206 32.03 36.41 15.60
CA TYR B 206 31.61 36.00 16.93
C TYR B 206 32.07 34.57 17.18
N GLU B 207 32.79 34.35 18.29
CA GLU B 207 33.32 33.03 18.62
C GLU B 207 32.25 31.95 18.59
N CYS B 208 31.01 32.29 18.95
CA CYS B 208 29.95 31.29 19.08
C CYS B 208 28.59 31.98 19.00
N MET B 209 27.59 31.25 18.47
CA MET B 209 26.26 31.82 18.32
C MET B 209 25.71 32.41 19.62
N PRO B 210 25.89 31.80 20.79
CA PRO B 210 25.39 32.43 22.02
C PRO B 210 25.86 33.86 22.23
N ASP B 211 27.07 34.20 21.76
CA ASP B 211 27.56 35.56 21.92
C ASP B 211 26.68 36.55 21.16
N LEU B 212 26.44 36.28 19.88
CA LEU B 212 25.54 37.12 19.07
C LEU B 212 24.16 37.23 19.71
N ILE B 213 23.62 36.10 20.20
CA ILE B 213 22.27 36.06 20.75
C ILE B 213 22.14 37.01 21.94
N LEU B 214 22.98 36.80 22.97
CA LEU B 214 22.90 37.61 24.17
C LEU B 214 23.26 39.06 23.90
N GLU B 215 23.94 39.34 22.79
CA GLU B 215 24.07 40.73 22.39
C GLU B 215 22.71 41.30 21.99
N LYS B 216 22.13 40.79 20.90
CA LYS B 216 20.85 41.32 20.43
C LYS B 216 19.84 41.35 21.56
N LEU B 217 19.80 40.30 22.38
CA LEU B 217 18.82 40.24 23.46
C LEU B 217 19.11 41.28 24.54
N GLY B 218 20.38 41.39 24.94
CA GLY B 218 20.73 42.34 25.97
C GLY B 218 20.43 43.77 25.57
N TYR B 219 20.54 44.08 24.27
CA TYR B 219 20.21 45.41 23.78
C TYR B 219 18.70 45.61 23.71
N TYR B 220 17.92 44.56 23.43
CA TYR B 220 16.47 44.66 23.55
C TYR B 220 16.06 44.95 25.00
N ILE B 221 16.59 44.17 25.94
CA ILE B 221 16.23 44.34 27.34
C ILE B 221 16.63 45.70 27.87
N SER B 222 17.64 46.32 27.27
CA SER B 222 18.16 47.60 27.75
C SER B 222 17.42 48.80 27.21
N HIS B 223 16.59 48.65 26.16
CA HIS B 223 16.05 49.81 25.48
C HIS B 223 14.56 49.75 25.15
N ASN B 224 13.85 48.70 25.55
CA ASN B 224 12.40 48.70 25.50
C ASN B 224 11.77 48.41 26.84
N VAL B 225 12.56 47.94 27.82
CA VAL B 225 12.04 47.36 29.06
C VAL B 225 12.00 48.43 30.13
N GLU B 226 10.80 48.72 30.63
CA GLU B 226 10.58 49.75 31.62
C GLU B 226 10.84 49.22 33.03
N GLU B 227 10.72 50.12 34.00
CA GLU B 227 11.15 49.84 35.36
C GLU B 227 10.10 49.03 36.08
N ASP B 228 10.56 48.28 37.09
CA ASP B 228 9.70 47.39 37.88
C ASP B 228 8.94 46.43 36.96
N SER B 229 9.59 46.06 35.86
CA SER B 229 9.12 45.00 34.99
C SER B 229 9.51 43.65 35.59
N ARG B 230 8.77 42.61 35.21
CA ARG B 230 8.94 41.27 35.78
C ARG B 230 9.37 40.28 34.71
N PHE B 231 10.45 39.55 34.98
CA PHE B 231 11.00 38.55 34.08
C PHE B 231 10.76 37.15 34.62
N VAL B 232 10.28 36.25 33.76
CA VAL B 232 10.09 34.86 34.12
C VAL B 232 11.00 34.02 33.23
N VAL B 233 12.06 33.47 33.83
CA VAL B 233 13.09 32.77 33.09
C VAL B 233 12.90 31.27 33.25
N ALA B 234 12.83 30.58 32.13
CA ALA B 234 12.76 29.14 32.13
C ALA B 234 14.19 28.71 32.34
N ALA B 235 14.54 28.55 33.61
CA ALA B 235 15.87 28.10 34.01
C ALA B 235 16.32 26.93 33.16
N GLN B 236 17.36 27.13 32.36
CA GLN B 236 18.04 25.99 31.74
C GLN B 236 18.61 25.10 32.85
N PRO B 237 18.89 23.83 32.53
CA PRO B 237 19.53 22.95 33.52
C PRO B 237 20.97 23.29 33.83
N PHE B 238 21.58 24.24 33.13
CA PHE B 238 22.92 24.72 33.47
C PHE B 238 22.88 26.04 34.22
N THR B 239 23.87 26.89 33.98
CA THR B 239 23.81 28.24 34.53
C THR B 239 22.89 29.10 33.66
N ASN B 240 22.26 30.08 34.30
CA ASN B 240 21.46 31.08 33.61
C ASN B 240 22.05 32.48 33.79
N GLN B 241 23.34 32.59 34.13
CA GLN B 241 23.90 33.92 34.33
C GLN B 241 24.01 34.68 33.02
N GLY B 242 24.29 33.99 31.91
CA GLY B 242 24.38 34.64 30.63
C GLY B 242 23.13 35.37 30.22
N VAL B 243 21.99 35.01 30.82
CA VAL B 243 20.78 35.79 30.64
C VAL B 243 20.48 36.63 31.86
N LEU B 244 20.65 36.08 33.06
CA LEU B 244 20.31 36.84 34.25
C LEU B 244 21.15 38.10 34.37
N ASP B 245 22.36 38.09 33.83
CA ASP B 245 23.21 39.27 33.83
C ASP B 245 22.79 40.31 32.80
N LEU B 246 21.67 40.11 32.11
CA LEU B 246 21.17 41.09 31.15
C LEU B 246 20.02 41.90 31.72
N LEU B 247 19.73 41.77 33.00
CA LEU B 247 18.43 42.20 33.47
C LEU B 247 18.52 43.46 34.31
N PRO B 248 17.69 44.46 33.98
CA PRO B 248 17.70 45.72 34.74
C PRO B 248 17.62 45.52 36.25
N GLN B 249 18.46 46.24 36.98
CA GLN B 249 18.33 46.21 38.43
C GLN B 249 16.96 46.73 38.86
N HIS B 250 16.35 47.60 38.07
CA HIS B 250 15.00 48.04 38.41
C HIS B 250 13.93 47.03 38.04
N SER B 251 14.31 45.84 37.59
CA SER B 251 13.37 44.77 37.28
C SER B 251 13.46 43.67 38.34
N HIS B 252 12.62 42.65 38.16
CA HIS B 252 12.50 41.54 39.11
C HIS B 252 12.40 40.22 38.36
N SER B 253 12.88 39.16 39.00
CA SER B 253 13.16 37.90 38.35
C SER B 253 12.44 36.74 39.02
N ILE B 254 11.69 36.00 38.23
CA ILE B 254 11.15 34.71 38.64
C ILE B 254 11.88 33.63 37.87
N LEU B 255 12.59 32.77 38.60
CA LEU B 255 13.22 31.61 37.99
C LEU B 255 12.28 30.41 38.13
N SER B 256 11.96 29.77 37.01
CA SER B 256 10.90 28.75 36.96
C SER B 256 11.47 27.41 36.49
N PHE B 257 11.41 26.40 37.35
CA PHE B 257 11.94 25.06 37.04
C PHE B 257 10.81 24.09 36.71
N PHE B 258 10.92 23.44 35.55
CA PHE B 258 9.89 22.53 35.04
C PHE B 258 10.46 21.11 34.95
N HIS B 259 9.70 20.13 35.48
CA HIS B 259 10.29 18.83 35.80
C HIS B 259 11.00 18.21 34.60
N GLU B 260 10.38 18.26 33.43
CA GLU B 260 10.94 17.55 32.30
C GLU B 260 12.22 18.21 31.80
N ARG B 261 12.37 19.51 32.04
CA ARG B 261 13.56 20.22 31.60
C ARG B 261 14.70 20.11 32.62
N ASN B 262 14.39 20.17 33.91
CA ASN B 262 15.38 20.37 34.95
C ASN B 262 15.63 19.13 35.79
N GLN B 263 15.05 17.98 35.43
CA GLN B 263 15.05 16.79 36.28
C GLN B 263 16.47 16.27 36.55
N ALA B 264 17.45 16.67 35.75
CA ALA B 264 18.84 16.38 36.05
C ALA B 264 19.69 17.66 36.06
N SER B 265 19.18 18.72 36.69
CA SER B 265 19.92 19.97 36.69
C SER B 265 21.28 19.83 37.39
N ASN B 266 22.27 20.47 36.80
CA ASN B 266 23.52 20.76 37.49
C ASN B 266 23.18 21.72 38.63
N ILE B 267 22.58 21.21 39.71
CA ILE B 267 22.53 21.98 40.95
C ILE B 267 23.98 22.33 41.28
N GLU B 268 24.20 23.37 42.09
CA GLU B 268 25.52 23.93 42.38
C GLU B 268 25.92 24.84 41.24
N ASN B 269 25.64 24.43 40.00
CA ASN B 269 25.74 25.37 38.89
C ASN B 269 24.62 26.39 38.90
N LEU B 270 23.61 26.22 39.76
CA LEU B 270 22.51 27.16 39.83
C LEU B 270 22.70 28.19 40.92
N LYS B 271 23.69 28.00 41.78
CA LYS B 271 23.88 28.76 43.00
C LYS B 271 23.71 30.27 42.74
N ALA B 272 24.33 30.77 41.68
CA ALA B 272 24.26 32.19 41.39
C ALA B 272 22.91 32.59 40.81
N ASP B 273 22.22 31.67 40.13
CA ASP B 273 20.88 31.93 39.63
C ASP B 273 19.86 31.88 40.76
N LEU B 274 19.95 30.88 41.62
CA LEU B 274 19.06 30.83 42.78
C LEU B 274 19.31 32.03 43.68
N GLU B 275 20.55 32.50 43.76
CA GLU B 275 20.85 33.67 44.60
C GLU B 275 20.42 34.98 43.95
N TYR B 276 20.59 35.10 42.64
CA TYR B 276 20.08 36.27 41.93
C TYR B 276 18.56 36.37 42.04
N ALA B 277 17.85 35.28 41.77
CA ALA B 277 16.43 35.35 41.45
C ALA B 277 15.60 35.83 42.63
N ASP B 278 14.63 36.71 42.35
CA ASP B 278 13.78 37.22 43.41
C ASP B 278 12.82 36.16 43.91
N LEU B 279 12.38 35.27 43.03
CA LEU B 279 11.56 34.14 43.47
C LEU B 279 11.80 32.98 42.52
N VAL B 280 11.70 31.77 43.07
CA VAL B 280 11.88 30.55 42.30
C VAL B 280 10.63 29.70 42.43
N LEU B 281 10.15 29.15 41.30
CA LEU B 281 9.01 28.25 41.26
C LEU B 281 9.44 26.92 40.66
N THR B 282 8.89 25.82 41.20
CA THR B 282 9.13 24.46 40.72
C THR B 282 7.80 23.73 40.69
N ASP B 283 7.65 22.86 39.70
CA ASP B 283 6.45 22.03 39.55
C ASP B 283 6.56 20.65 40.26
N ARG B 284 7.38 20.52 41.31
CA ARG B 284 7.60 19.23 41.96
C ARG B 284 7.93 19.42 43.43
N MET B 285 7.33 18.59 44.29
CA MET B 285 7.62 18.73 45.70
C MET B 285 9.07 18.36 45.98
N ASP B 286 9.53 17.24 45.42
CA ASP B 286 10.90 16.78 45.71
C ASP B 286 11.96 17.78 45.25
N PHE B 287 11.84 18.30 44.02
CA PHE B 287 12.83 19.29 43.55
C PHE B 287 12.81 20.57 44.39
N LYS B 288 11.64 20.96 44.89
CA LYS B 288 11.59 22.08 45.82
C LYS B 288 12.52 21.85 46.99
N GLU B 289 12.46 20.65 47.59
CA GLU B 289 13.17 20.40 48.82
C GLU B 289 14.66 20.15 48.58
N THR B 290 15.00 19.47 47.48
CA THR B 290 16.39 19.36 47.08
C THR B 290 17.06 20.73 47.03
N LEU B 291 16.39 21.70 46.39
CA LEU B 291 16.94 23.05 46.33
C LEU B 291 17.00 23.68 47.72
N GLN B 292 15.93 23.53 48.50
CA GLN B 292 15.91 24.15 49.82
C GLN B 292 16.98 23.55 50.71
N ASN B 293 17.19 22.23 50.59
CA ASN B 293 18.15 21.55 51.45
C ASN B 293 19.58 21.84 51.00
N TYR B 294 19.80 21.91 49.68
CA TYR B 294 21.13 22.21 49.16
C TYR B 294 21.48 23.68 49.36
N PHE B 295 20.50 24.58 49.25
CA PHE B 295 20.71 26.02 49.36
C PHE B 295 19.85 26.56 50.50
N PRO B 296 20.20 26.21 51.75
CA PRO B 296 19.33 26.56 52.89
C PRO B 296 19.08 28.04 53.02
N LEU B 297 20.02 28.90 52.60
CA LEU B 297 19.92 30.36 52.67
C LEU B 297 19.02 30.95 51.60
N GLN B 298 18.52 30.11 50.69
CA GLN B 298 17.61 30.51 49.63
C GLN B 298 16.24 29.87 49.81
N ALA B 299 16.06 29.11 50.89
CA ALA B 299 14.90 28.24 51.00
C ALA B 299 13.58 29.01 50.88
N GLU B 300 13.47 30.17 51.57
CA GLU B 300 12.18 30.85 51.67
C GLU B 300 11.63 31.28 50.32
N LYS B 301 12.51 31.57 49.35
CA LYS B 301 12.08 32.09 48.06
C LYS B 301 11.67 30.99 47.08
N ILE B 302 11.73 29.73 47.50
CA ILE B 302 11.51 28.61 46.60
C ILE B 302 10.15 28.00 46.87
N HIS B 303 9.34 27.90 45.82
CA HIS B 303 7.94 27.53 45.96
C HIS B 303 7.62 26.40 45.01
N TYR B 304 6.94 25.39 45.54
CA TYR B 304 6.19 24.43 44.75
C TYR B 304 4.89 25.08 44.32
N LEU B 305 4.65 25.13 43.02
CA LEU B 305 3.47 25.81 42.49
C LEU B 305 3.05 25.16 41.17
N SER B 306 1.75 24.89 41.05
CA SER B 306 1.22 24.37 39.78
C SER B 306 1.26 25.42 38.68
N PRO B 307 1.78 25.08 37.49
CA PRO B 307 1.69 26.00 36.35
C PRO B 307 0.37 25.92 35.59
N PHE B 308 -0.60 25.13 36.07
CA PHE B 308 -1.86 24.91 35.38
C PHE B 308 -3.03 25.47 36.19
N ASP B 309 -3.92 26.20 35.51
CA ASP B 309 -5.03 26.88 36.18
C ASP B 309 -6.26 25.99 36.25
N THR B 310 -7.06 26.19 37.30
CA THR B 310 -8.31 25.45 37.45
C THR B 310 -9.46 26.21 36.78
N ARG B 311 -10.44 25.46 36.30
CA ARG B 311 -11.67 25.99 35.73
C ARG B 311 -12.84 25.21 36.27
N LEU B 312 -14.00 25.85 36.29
CA LEU B 312 -15.23 25.10 36.54
C LEU B 312 -15.52 24.26 35.30
N GLN B 313 -15.39 22.94 35.44
CA GLN B 313 -15.71 22.02 34.36
C GLN B 313 -16.30 20.76 34.98
N LEU B 314 -17.25 20.94 35.89
CA LEU B 314 -17.79 19.87 36.72
C LEU B 314 -18.41 18.75 35.88
N GLY B 315 -17.90 17.54 36.04
CA GLY B 315 -18.36 16.45 35.21
C GLY B 315 -19.69 15.89 35.68
N LYS B 316 -20.18 14.91 34.93
CA LYS B 316 -21.51 14.33 35.13
C LYS B 316 -21.41 12.86 35.53
N SER B 317 -20.50 12.56 36.45
CA SER B 317 -20.46 11.20 36.97
C SER B 317 -21.76 10.86 37.69
N GLN B 318 -22.44 11.86 38.25
CA GLN B 318 -23.68 11.58 38.96
C GLN B 318 -24.75 10.95 38.08
N GLN B 319 -24.63 11.07 36.75
CA GLN B 319 -25.53 10.45 35.79
C GLN B 319 -25.10 9.02 35.43
N ARG B 320 -24.27 8.38 36.24
CA ARG B 320 -23.68 7.12 35.88
C ARG B 320 -24.04 6.05 36.90
N HIS B 321 -24.17 4.80 36.42
CA HIS B 321 -24.36 3.67 37.31
C HIS B 321 -23.04 2.99 37.68
N GLU B 322 -22.16 2.77 36.71
CA GLU B 322 -20.81 2.33 37.07
C GLU B 322 -20.03 3.50 37.65
N SER B 323 -19.20 3.21 38.63
CA SER B 323 -18.26 4.19 39.16
C SER B 323 -16.94 4.06 38.38
N LYS B 324 -16.68 5.03 37.49
CA LYS B 324 -15.46 5.03 36.70
C LYS B 324 -14.33 5.63 37.51
N ILE B 325 -13.32 4.81 37.79
CA ILE B 325 -12.15 5.22 38.55
C ILE B 325 -11.03 5.49 37.54
N PHE B 326 -10.36 6.64 37.70
CA PHE B 326 -9.22 7.01 36.86
C PHE B 326 -7.94 6.90 37.68
N TYR B 327 -7.08 5.97 37.30
CA TYR B 327 -5.85 5.69 38.02
C TYR B 327 -4.71 6.26 37.19
N GLN B 328 -3.96 7.21 37.76
CA GLN B 328 -2.87 7.85 37.06
C GLN B 328 -1.55 7.19 37.44
N ILE B 329 -0.70 6.98 36.43
CA ILE B 329 0.50 6.17 36.53
C ILE B 329 1.66 6.94 35.92
N ASP B 330 2.87 6.73 36.45
CA ASP B 330 4.05 7.43 35.97
C ASP B 330 5.02 6.47 35.30
N LEU B 331 4.94 6.38 33.98
CA LEU B 331 5.93 5.60 33.23
C LEU B 331 7.34 6.11 33.46
N SER B 332 7.46 7.41 33.77
CA SER B 332 8.76 8.03 34.02
C SER B 332 9.26 7.64 35.39
N GLU B 333 8.89 6.44 35.86
CA GLU B 333 9.33 5.93 37.17
C GLU B 333 8.91 4.47 37.28
N LEU B 334 9.45 3.81 38.32
CA LEU B 334 9.35 2.36 38.51
C LEU B 334 7.92 1.94 38.85
N LEU B 335 7.31 1.13 37.98
CA LEU B 335 5.94 0.67 38.17
C LEU B 335 5.74 -0.10 39.47
N ASN B 336 5.14 0.53 40.46
CA ASN B 336 4.92 -0.12 41.76
C ASN B 336 3.91 -1.26 41.59
N ASP B 337 4.42 -2.49 41.48
CA ASP B 337 3.55 -3.67 41.30
C ASP B 337 2.51 -3.76 42.39
N TYR B 338 2.87 -3.44 43.63
CA TYR B 338 1.88 -3.53 44.70
C TYR B 338 0.78 -2.49 44.54
N ALA B 339 1.17 -1.28 44.10
CA ALA B 339 0.19 -0.22 43.89
C ALA B 339 -0.79 -0.61 42.80
N ILE B 340 -0.27 -0.99 41.64
CA ILE B 340 -1.13 -1.48 40.57
C ILE B 340 -2.02 -2.60 41.08
N PHE B 341 -1.42 -3.58 41.79
CA PHE B 341 -2.19 -4.75 42.22
C PHE B 341 -3.41 -4.33 43.02
N LYS B 342 -3.22 -3.47 44.03
CA LYS B 342 -4.33 -3.11 44.91
C LYS B 342 -5.46 -2.42 44.17
N VAL B 343 -5.15 -1.68 43.10
CA VAL B 343 -6.21 -1.00 42.37
C VAL B 343 -7.04 -2.01 41.59
N LEU B 344 -6.38 -2.94 40.91
CA LEU B 344 -7.08 -4.03 40.23
C LEU B 344 -7.85 -4.88 41.23
N PHE B 345 -7.28 -5.13 42.40
CA PHE B 345 -8.01 -5.89 43.39
C PHE B 345 -9.33 -5.22 43.69
N TYR B 346 -9.31 -3.91 43.91
CA TYR B 346 -10.54 -3.22 44.26
C TYR B 346 -11.57 -3.40 43.16
N VAL B 347 -11.12 -3.35 41.92
CA VAL B 347 -12.06 -3.30 40.81
C VAL B 347 -12.65 -4.67 40.57
N ALA B 348 -11.81 -5.71 40.51
CA ALA B 348 -12.29 -7.09 40.55
C ALA B 348 -13.41 -7.25 41.58
N GLN B 349 -13.13 -6.92 42.83
CA GLN B 349 -14.07 -7.13 43.91
C GLN B 349 -15.29 -6.20 43.90
N HIS B 350 -15.47 -5.44 42.83
CA HIS B 350 -16.53 -4.45 42.74
C HIS B 350 -17.04 -4.37 41.30
N PRO B 351 -18.10 -5.10 40.95
CA PRO B 351 -18.59 -5.09 39.56
C PRO B 351 -19.11 -3.73 39.16
N ASP B 352 -19.76 -3.07 40.10
CA ASP B 352 -20.21 -1.70 40.09
C ASP B 352 -19.23 -0.67 39.50
N THR B 353 -17.94 -1.00 39.38
CA THR B 353 -16.90 -0.04 39.01
C THR B 353 -16.27 -0.37 37.67
N GLU B 354 -15.55 0.61 37.11
CA GLU B 354 -14.68 0.35 35.97
C GLU B 354 -13.39 1.17 36.12
N LEU B 355 -12.41 0.88 35.27
CA LEU B 355 -11.05 1.34 35.49
C LEU B 355 -10.39 1.77 34.20
N VAL B 356 -9.91 3.02 34.15
CA VAL B 356 -8.96 3.43 33.12
C VAL B 356 -7.60 3.60 33.79
N ILE B 357 -6.55 3.24 33.07
CA ILE B 357 -5.19 3.38 33.56
C ILE B 357 -4.52 4.44 32.68
N GLY B 358 -4.44 5.66 33.21
CA GLY B 358 -4.04 6.80 32.39
C GLY B 358 -2.55 7.03 32.41
N VAL B 359 -1.96 7.15 31.21
CA VAL B 359 -0.57 7.53 31.07
C VAL B 359 -0.44 8.72 30.11
N TYR B 360 0.66 9.48 30.28
CA TYR B 360 0.93 10.69 29.50
C TYR B 360 2.09 10.47 28.53
N ASN B 361 1.84 10.70 27.24
CA ASN B 361 2.90 10.85 26.24
C ASN B 361 3.78 9.60 26.18
N ALA B 362 3.16 8.45 26.26
CA ALA B 362 3.89 7.20 26.27
C ALA B 362 4.31 6.79 24.87
N TRP B 363 5.47 6.15 24.80
CA TRP B 363 5.89 5.41 23.61
C TRP B 363 5.10 4.11 23.52
N GLN B 364 5.10 3.52 22.32
CA GLN B 364 4.47 2.21 22.19
C GLN B 364 5.11 1.19 23.13
N GLU B 365 6.44 1.18 23.19
CA GLU B 365 7.18 0.35 24.14
C GLU B 365 6.65 0.48 25.56
N GLY B 366 5.95 1.56 25.88
CA GLY B 366 5.56 1.79 27.25
C GLY B 366 4.08 1.59 27.42
N ILE B 367 3.33 1.67 26.33
CA ILE B 367 1.96 1.18 26.36
C ILE B 367 1.95 -0.32 26.53
N LYS B 368 2.64 -1.03 25.64
CA LYS B 368 2.72 -2.48 25.78
C LYS B 368 3.46 -2.91 27.04
N GLN B 369 4.03 -1.99 27.81
CA GLN B 369 4.68 -2.37 29.07
C GLN B 369 3.68 -2.37 30.23
N VAL B 370 2.93 -1.28 30.38
CA VAL B 370 1.88 -1.23 31.39
C VAL B 370 0.80 -2.26 31.06
N GLU B 371 0.49 -2.44 29.77
CA GLU B 371 -0.46 -3.47 29.40
C GLU B 371 0.01 -4.86 29.80
N ASN B 372 1.32 -5.04 29.95
CA ASN B 372 1.85 -6.33 30.38
C ASN B 372 1.80 -6.48 31.90
N LYS B 373 2.38 -5.54 32.64
CA LYS B 373 2.27 -5.63 34.09
C LYS B 373 0.82 -5.83 34.51
N VAL B 374 -0.12 -5.25 33.77
CA VAL B 374 -1.52 -5.46 34.13
C VAL B 374 -1.91 -6.91 33.89
N GLU B 375 -1.49 -7.47 32.74
CA GLU B 375 -1.88 -8.84 32.45
C GLU B 375 -1.11 -9.84 33.32
N GLU B 376 0.18 -9.60 33.59
CA GLU B 376 0.89 -10.47 34.54
C GLU B 376 0.23 -10.42 35.90
N LEU B 377 -0.09 -9.21 36.38
CA LEU B 377 -0.61 -9.08 37.75
C LEU B 377 -1.97 -9.74 37.89
N ILE B 378 -2.85 -9.65 36.88
CA ILE B 378 -4.11 -10.37 36.95
C ILE B 378 -3.85 -11.88 36.90
N SER B 379 -3.05 -12.31 35.93
CA SER B 379 -2.62 -13.70 35.82
C SER B 379 -2.16 -14.26 37.15
N ASP B 380 -1.52 -13.44 37.99
CA ASP B 380 -0.81 -13.96 39.14
C ASP B 380 -1.57 -13.83 40.46
N TYR B 381 -2.60 -12.99 40.54
CA TYR B 381 -3.27 -12.83 41.82
C TYR B 381 -4.79 -12.86 41.75
N LEU B 382 -5.39 -12.70 40.57
CA LEU B 382 -6.84 -12.53 40.45
C LEU B 382 -7.39 -13.44 39.35
N ASP B 383 -8.69 -13.35 39.15
CA ASP B 383 -9.35 -14.03 38.05
C ASP B 383 -9.76 -12.97 37.04
N LEU B 384 -9.15 -13.01 35.86
CA LEU B 384 -9.55 -12.19 34.72
C LEU B 384 -11.07 -12.18 34.55
N LYS B 385 -11.71 -13.33 34.79
CA LYS B 385 -13.15 -13.48 34.62
C LYS B 385 -13.94 -12.43 35.40
N ASP B 386 -13.39 -11.94 36.50
CA ASP B 386 -14.14 -11.01 37.33
C ASP B 386 -14.18 -9.60 36.75
N PHE B 387 -13.39 -9.33 35.71
CA PHE B 387 -13.44 -8.03 35.04
C PHE B 387 -14.32 -8.06 33.78
N ILE B 388 -14.92 -9.21 33.47
CA ILE B 388 -15.88 -9.29 32.39
C ILE B 388 -17.10 -8.45 32.76
N LYS B 389 -17.56 -7.64 31.81
CA LYS B 389 -18.71 -6.75 32.00
C LYS B 389 -19.98 -7.50 31.66
N LYS B 390 -20.93 -7.51 32.59
CA LYS B 390 -22.17 -8.28 32.43
C LYS B 390 -23.42 -7.50 32.86
N LEU B 407 -15.21 -10.20 23.73
CA LEU B 407 -15.57 -9.75 25.09
C LEU B 407 -15.01 -8.36 25.47
N GLU B 408 -15.78 -7.60 26.25
CA GLU B 408 -15.37 -6.30 26.78
C GLU B 408 -15.00 -6.42 28.26
N TYR B 409 -13.94 -5.74 28.67
CA TYR B 409 -13.44 -5.78 30.04
C TYR B 409 -13.59 -4.43 30.73
N ARG B 410 -13.71 -4.46 32.05
CA ARG B 410 -13.94 -3.29 32.89
C ARG B 410 -12.66 -2.48 33.20
N PHE B 411 -11.54 -2.79 32.57
CA PHE B 411 -10.30 -2.08 32.80
C PHE B 411 -9.65 -1.84 31.45
N ARG B 412 -9.06 -0.66 31.27
CA ARG B 412 -8.36 -0.35 30.03
C ARG B 412 -7.33 0.74 30.30
N ILE B 413 -6.48 0.95 29.32
CA ILE B 413 -5.37 1.86 29.48
C ILE B 413 -5.59 3.00 28.48
N ARG B 414 -5.00 4.16 28.77
CA ARG B 414 -5.20 5.32 27.90
C ARG B 414 -3.94 6.18 27.83
N ASN B 415 -3.40 6.28 26.62
CA ASN B 415 -2.25 7.14 26.35
C ASN B 415 -2.79 8.53 26.01
N ILE B 416 -2.74 9.45 26.98
CA ILE B 416 -3.29 10.79 26.77
C ILE B 416 -2.23 11.64 26.09
N THR B 417 -2.53 12.11 24.88
CA THR B 417 -1.66 13.02 24.14
C THR B 417 -2.41 14.25 23.64
N ASP B 418 -3.52 14.61 24.29
CA ASP B 418 -4.32 15.79 23.95
C ASP B 418 -4.84 16.34 25.26
N GLU B 419 -4.73 17.65 25.47
CA GLU B 419 -5.32 18.22 26.66
C GLU B 419 -6.82 17.95 26.72
N LEU B 420 -7.45 17.77 25.56
CA LEU B 420 -8.90 17.55 25.52
C LEU B 420 -9.27 16.08 25.79
N SER B 421 -8.46 15.12 25.33
CA SER B 421 -8.70 13.72 25.70
C SER B 421 -8.83 13.55 27.21
N LEU B 422 -7.95 14.21 27.97
CA LEU B 422 -7.97 14.06 29.42
C LEU B 422 -9.24 14.62 30.02
N ILE B 423 -9.72 15.75 29.51
CA ILE B 423 -10.97 16.31 29.99
C ILE B 423 -12.11 15.35 29.69
N GLN B 424 -12.10 14.78 28.47
CA GLN B 424 -13.15 13.87 28.06
C GLN B 424 -13.27 12.70 29.02
N GLU B 425 -12.16 12.00 29.24
CA GLU B 425 -12.17 10.86 30.14
C GLU B 425 -12.73 11.24 31.50
N LEU B 426 -12.30 12.38 32.02
CA LEU B 426 -12.68 12.75 33.37
C LEU B 426 -14.09 13.31 33.47
N ASP B 427 -14.71 13.68 32.34
CA ASP B 427 -16.00 14.36 32.42
C ASP B 427 -17.08 13.47 33.02
N ASP B 428 -16.88 12.15 33.03
CA ASP B 428 -17.74 11.28 33.83
C ASP B 428 -16.97 10.45 34.84
N THR B 429 -15.65 10.66 35.00
CA THR B 429 -14.88 9.90 35.98
C THR B 429 -15.34 10.21 37.40
N ARG B 430 -15.48 9.15 38.22
CA ARG B 430 -16.06 9.24 39.56
C ARG B 430 -15.03 9.43 40.66
N LEU B 431 -13.82 8.91 40.46
CA LEU B 431 -12.82 8.86 41.52
C LEU B 431 -11.46 8.77 40.86
N ILE B 432 -10.52 9.59 41.34
CA ILE B 432 -9.18 9.63 40.76
C ILE B 432 -8.23 8.98 41.75
N ILE B 433 -7.26 8.23 41.22
CA ILE B 433 -6.26 7.60 42.06
C ILE B 433 -4.89 7.86 41.45
N ASP B 434 -4.05 8.60 42.19
CA ASP B 434 -2.63 8.72 41.87
C ASP B 434 -1.88 8.23 43.10
N LEU B 435 -1.18 7.11 42.97
CA LEU B 435 -0.52 6.51 44.12
C LEU B 435 0.97 6.80 44.14
N SER B 436 1.42 7.73 43.30
CA SER B 436 2.82 7.99 43.06
C SER B 436 3.44 8.79 44.19
N GLN B 437 4.78 8.78 44.22
CA GLN B 437 5.55 9.55 45.19
C GLN B 437 5.37 11.03 44.95
N GLN B 438 5.38 11.43 43.69
CA GLN B 438 5.03 12.78 43.26
C GLN B 438 3.77 12.68 42.44
N PRO B 439 2.56 12.85 43.05
CA PRO B 439 1.31 12.97 42.30
C PRO B 439 1.41 13.87 41.07
N ASN B 440 0.86 13.38 39.98
CA ASN B 440 0.84 14.12 38.72
C ASN B 440 0.13 15.47 38.89
N LEU B 441 0.87 16.58 38.82
CA LEU B 441 0.27 17.92 39.04
C LEU B 441 -0.87 18.18 38.07
N TYR B 442 -0.67 17.89 36.80
CA TYR B 442 -1.68 18.19 35.80
C TYR B 442 -3.00 17.51 36.15
N THR B 443 -2.99 16.17 36.31
CA THR B 443 -4.22 15.45 36.63
C THR B 443 -4.92 16.02 37.86
N GLN B 444 -4.17 16.23 38.95
CA GLN B 444 -4.77 16.80 40.16
C GLN B 444 -5.52 18.09 39.87
N ILE B 445 -4.99 18.93 38.96
CA ILE B 445 -5.66 20.19 38.64
C ILE B 445 -6.95 19.92 37.85
N ALA B 446 -6.82 19.20 36.73
CA ALA B 446 -8.00 18.75 35.98
C ALA B 446 -9.04 18.13 36.90
N GLY B 447 -8.61 17.29 37.84
CA GLY B 447 -9.55 16.67 38.75
C GLY B 447 -10.25 17.67 39.66
N ILE B 448 -9.50 18.67 40.14
CA ILE B 448 -10.15 19.77 40.85
C ILE B 448 -11.19 20.42 39.95
N SER B 449 -10.85 20.55 38.66
CA SER B 449 -11.66 21.27 37.70
C SER B 449 -12.86 20.48 37.22
N ALA B 450 -13.00 19.21 37.62
CA ALA B 450 -14.22 18.45 37.36
C ALA B 450 -14.89 18.04 38.66
N GLY B 451 -14.43 18.58 39.79
CA GLY B 451 -14.97 18.20 41.09
C GLY B 451 -14.83 16.73 41.41
N ILE B 452 -13.73 16.12 41.02
CA ILE B 452 -13.50 14.69 41.25
C ILE B 452 -12.68 14.47 42.52
N PRO B 453 -13.11 13.55 43.40
CA PRO B 453 -12.32 13.25 44.62
C PRO B 453 -11.06 12.46 44.29
N GLN B 454 -9.97 12.76 45.00
CA GLN B 454 -8.66 12.25 44.63
C GLN B 454 -7.96 11.57 45.80
N ILE B 455 -7.68 10.29 45.64
CA ILE B 455 -6.93 9.52 46.62
C ILE B 455 -5.44 9.65 46.28
N ASN B 456 -4.63 9.95 47.27
CA ASN B 456 -3.21 10.01 47.03
C ASN B 456 -2.46 9.33 48.15
N LEU B 457 -1.19 9.05 47.87
CA LEU B 457 -0.29 8.51 48.86
C LEU B 457 0.33 9.60 49.73
N VAL B 458 0.55 10.80 49.16
CA VAL B 458 1.47 11.81 49.68
C VAL B 458 0.76 13.16 49.72
N ALA B 459 0.59 13.69 50.93
CA ALA B 459 0.06 15.05 51.14
C ALA B 459 0.64 16.06 50.15
N SER B 460 -0.15 17.11 49.85
CA SER B 460 0.10 18.06 48.77
C SER B 460 -0.77 19.30 48.98
N ASP B 461 -0.40 20.38 48.29
CA ASP B 461 -1.24 21.58 48.34
C ASP B 461 -2.62 21.33 47.76
N TYR B 462 -2.72 20.47 46.74
CA TYR B 462 -3.91 20.42 45.89
C TYR B 462 -4.88 19.31 46.24
N VAL B 463 -4.48 18.34 47.06
CA VAL B 463 -5.40 17.34 47.61
C VAL B 463 -5.20 17.34 49.12
N THR B 464 -6.27 17.60 49.85
CA THR B 464 -6.18 17.92 51.27
C THR B 464 -7.04 16.92 52.02
N HIS B 465 -6.44 16.24 53.00
CA HIS B 465 -7.05 15.03 53.54
C HIS B 465 -8.51 15.25 53.94
N LEU B 466 -9.33 14.20 53.72
CA LEU B 466 -10.78 14.27 53.81
C LEU B 466 -11.12 15.45 52.93
N GLN B 467 -12.09 16.31 53.25
CA GLN B 467 -12.23 17.46 52.35
C GLN B 467 -12.30 17.09 50.87
N ASN B 468 -11.30 17.52 50.12
CA ASN B 468 -11.26 17.40 48.67
C ASN B 468 -10.68 16.08 48.17
N GLY B 469 -10.04 15.31 49.01
CA GLY B 469 -9.53 14.03 48.57
C GLY B 469 -9.22 13.19 49.76
N TYR B 470 -8.42 12.15 49.55
CA TYR B 470 -8.08 11.24 50.64
C TYR B 470 -6.60 11.02 50.57
N ILE B 471 -5.93 11.14 51.70
CA ILE B 471 -4.49 10.90 51.79
C ILE B 471 -4.30 9.67 52.66
N LEU B 472 -3.84 8.57 52.05
CA LEU B 472 -3.58 7.33 52.75
C LEU B 472 -2.31 7.42 53.58
N ASP B 473 -2.21 6.54 54.59
CA ASP B 473 -0.91 6.31 55.23
C ASP B 473 -0.10 5.29 54.48
N SER B 474 -0.79 4.31 53.89
CA SER B 474 -0.23 3.18 53.17
C SER B 474 -1.18 2.78 52.05
N ILE B 475 -0.62 2.35 50.94
CA ILE B 475 -1.39 1.76 49.85
C ILE B 475 -2.39 0.76 50.39
N SER B 476 -2.00 0.01 51.43
CA SER B 476 -2.89 -0.97 52.02
C SER B 476 -4.22 -0.36 52.46
N GLN B 477 -4.28 0.94 52.76
CA GLN B 477 -5.56 1.50 53.20
C GLN B 477 -6.46 1.92 52.03
N LEU B 478 -6.11 1.54 50.81
CA LEU B 478 -6.76 2.07 49.62
C LEU B 478 -8.24 1.71 49.57
N ALA B 479 -8.59 0.47 49.88
CA ALA B 479 -9.98 0.08 49.75
C ALA B 479 -10.87 0.88 50.68
N VAL B 480 -10.35 1.28 51.84
CA VAL B 480 -11.10 2.14 52.75
C VAL B 480 -11.37 3.49 52.10
N ALA B 481 -10.35 4.08 51.48
CA ALA B 481 -10.51 5.39 50.87
C ALA B 481 -11.53 5.33 49.73
N ALA B 482 -11.37 4.36 48.83
CA ALA B 482 -12.35 4.14 47.78
C ALA B 482 -13.74 3.90 48.35
N ASP B 483 -13.83 3.12 49.44
CA ASP B 483 -15.13 2.84 50.05
C ASP B 483 -15.76 4.12 50.56
N TYR B 484 -14.93 5.06 51.04
CA TYR B 484 -15.39 6.32 51.60
C TYR B 484 -16.18 7.15 50.59
N TYR B 485 -15.77 7.10 49.32
CA TYR B 485 -16.30 7.98 48.28
C TYR B 485 -17.31 7.30 47.37
N LEU B 486 -17.35 5.97 47.38
CA LEU B 486 -18.13 5.20 46.44
C LEU B 486 -19.31 4.48 47.08
N GLN B 487 -19.40 4.44 48.41
CA GLN B 487 -20.55 3.85 49.09
C GLN B 487 -21.51 4.98 49.44
N GLY B 488 -22.35 5.33 48.48
CA GLY B 488 -23.30 6.38 48.71
C GLY B 488 -22.81 7.70 48.16
N LEU B 489 -23.52 8.75 48.56
CA LEU B 489 -23.42 10.08 47.96
C LEU B 489 -22.93 11.16 48.90
N LYS B 490 -23.04 10.97 50.21
CA LYS B 490 -22.73 12.04 51.14
C LYS B 490 -21.31 12.51 50.98
N ASN B 491 -20.34 11.61 51.25
CA ASN B 491 -18.93 11.99 51.20
C ASN B 491 -18.53 12.55 49.83
N TRP B 492 -18.89 11.84 48.76
CA TRP B 492 -18.50 12.29 47.42
C TRP B 492 -19.06 13.69 47.13
N ASN B 493 -20.30 13.94 47.57
CA ASN B 493 -20.86 15.27 47.43
C ASN B 493 -20.03 16.30 48.19
N GLN B 494 -19.75 16.07 49.48
CA GLN B 494 -18.97 17.08 50.17
C GLN B 494 -17.59 17.25 49.56
N ALA B 495 -17.02 16.16 49.03
CA ALA B 495 -15.80 16.32 48.23
C ALA B 495 -16.01 17.28 47.07
N LEU B 496 -17.17 17.23 46.40
CA LEU B 496 -17.44 18.21 45.33
C LEU B 496 -17.40 19.64 45.87
N ILE B 497 -18.00 19.88 47.04
CA ILE B 497 -18.00 21.22 47.61
C ILE B 497 -16.57 21.75 47.77
N TYR B 498 -15.73 20.99 48.50
CA TYR B 498 -14.34 21.39 48.70
C TYR B 498 -13.59 21.52 47.37
N SER B 499 -13.78 20.57 46.46
CA SER B 499 -13.18 20.69 45.14
C SER B 499 -13.61 21.98 44.45
N ILE B 500 -14.87 22.36 44.62
CA ILE B 500 -15.34 23.60 44.04
C ILE B 500 -14.54 24.78 44.60
N GLU B 501 -14.39 24.84 45.92
CA GLU B 501 -13.54 25.88 46.48
C GLU B 501 -12.08 25.73 46.03
N LYS B 502 -11.61 24.51 45.83
CA LYS B 502 -10.27 24.33 45.33
C LYS B 502 -10.12 24.95 43.95
N ILE B 503 -11.18 24.85 43.14
CA ILE B 503 -11.17 25.46 41.81
C ILE B 503 -10.92 26.97 41.93
N LYS B 504 -11.68 27.65 42.81
CA LYS B 504 -11.69 29.10 42.97
C LYS B 504 -10.36 29.64 43.50
N LEU B 505 -9.63 28.86 44.29
CA LEU B 505 -8.34 29.31 44.80
C LEU B 505 -7.22 29.17 43.79
N ASN B 506 -7.48 28.63 42.60
CA ASN B 506 -6.40 28.28 41.70
C ASN B 506 -6.72 28.63 40.24
N THR B 507 -7.47 29.72 40.02
CA THR B 507 -8.12 29.97 38.72
C THR B 507 -7.16 30.50 37.67
N GLY B 508 -6.05 31.12 38.07
CA GLY B 508 -5.20 31.81 37.12
C GLY B 508 -5.13 33.27 37.48
N HIS B 509 -6.25 33.81 37.92
CA HIS B 509 -6.25 35.07 38.67
C HIS B 509 -5.53 34.92 40.00
N GLN B 510 -5.72 33.78 40.66
CA GLN B 510 -5.09 33.56 41.97
C GLN B 510 -3.60 33.24 41.83
N VAL B 511 -3.22 32.54 40.75
CA VAL B 511 -1.82 32.22 40.49
C VAL B 511 -0.99 33.49 40.42
N ILE B 512 -1.31 34.36 39.46
CA ILE B 512 -0.61 35.64 39.30
C ILE B 512 -0.59 36.39 40.62
N LYS B 513 -1.73 36.42 41.30
CA LYS B 513 -1.79 37.03 42.62
C LYS B 513 -0.78 36.37 43.55
N ARG B 514 -0.64 35.04 43.43
CA ARG B 514 0.30 34.32 44.27
C ARG B 514 1.75 34.60 43.87
N TRP B 515 2.04 34.67 42.56
CA TRP B 515 3.34 35.15 42.10
C TRP B 515 3.63 36.53 42.67
N GLU B 516 2.70 37.46 42.50
CA GLU B 516 2.93 38.82 42.93
C GLU B 516 3.12 38.89 44.43
N LYS B 517 2.24 38.25 45.20
CA LYS B 517 2.44 38.26 46.64
C LYS B 517 3.81 37.67 46.97
N TRP B 518 4.11 36.48 46.46
CA TRP B 518 5.36 35.79 46.79
C TRP B 518 6.57 36.58 46.32
N LEU B 519 6.51 37.13 45.11
CA LEU B 519 7.59 38.00 44.65
C LEU B 519 7.85 39.14 45.62
N LYS B 520 6.78 39.72 46.17
CA LYS B 520 6.98 40.86 47.05
C LYS B 520 7.42 40.41 48.43
N GLU B 521 6.87 39.28 48.92
CA GLU B 521 7.30 38.72 50.20
C GLU B 521 8.78 38.33 50.20
N ALA B 522 9.25 37.74 49.10
CA ALA B 522 10.64 37.30 49.02
C ALA B 522 11.60 38.48 48.96
N ILE B 523 11.29 39.50 48.14
CA ILE B 523 12.13 40.69 48.04
C ILE B 523 12.15 41.43 49.36
N ASP B 524 11.06 41.35 50.12
CA ASP B 524 11.03 41.90 51.46
C ASP B 524 11.93 41.12 52.41
N GLU B 525 12.36 39.91 52.01
CA GLU B 525 13.37 39.14 52.73
C GLU B 525 14.79 39.52 52.30
N LYS B 526 14.99 39.82 51.03
CA LYS B 526 16.24 40.35 50.53
C LYS B 526 16.61 41.62 51.28
N VAL B 527 17.81 41.67 51.78
CA VAL B 527 18.21 42.74 52.62
C VAL B 527 18.58 44.02 51.95
N ASP B 528 18.78 43.97 50.67
CA ASP B 528 19.18 45.16 50.00
C ASP B 528 18.23 45.76 48.99
N LYS B 529 17.06 45.20 48.80
CA LYS B 529 16.13 45.69 47.83
C LYS B 529 14.86 46.15 48.43
N LEU B 530 14.22 47.10 47.78
CA LEU B 530 12.92 47.67 48.19
C LEU B 530 11.78 46.86 47.59
N VAL B 531 10.77 46.56 48.40
CA VAL B 531 9.68 45.71 47.90
C VAL B 531 8.80 46.53 46.96
N PRO B 532 8.54 46.05 45.73
CA PRO B 532 7.83 46.87 44.75
C PRO B 532 6.33 46.63 44.77
N ARG B 533 5.57 47.64 44.34
CA ARG B 533 6.09 48.96 43.95
C ARG B 533 5.29 50.10 44.60
N MET C 1 -15.17 -42.66 -35.63
CA MET C 1 -15.33 -41.81 -34.46
C MET C 1 -14.16 -40.83 -34.43
N TYR C 2 -14.32 -39.67 -33.79
CA TYR C 2 -13.23 -38.70 -33.69
C TYR C 2 -12.84 -38.51 -32.23
N TYR C 3 -11.52 -38.47 -32.03
CA TYR C 3 -10.88 -38.41 -30.72
C TYR C 3 -9.87 -37.27 -30.74
N PHE C 4 -9.95 -36.40 -29.74
CA PHE C 4 -9.10 -35.22 -29.67
C PHE C 4 -8.18 -35.33 -28.46
N ILE C 5 -6.88 -35.43 -28.70
CA ILE C 5 -5.91 -35.28 -27.61
C ILE C 5 -5.44 -33.82 -27.58
N PRO C 6 -6.03 -32.99 -26.72
CA PRO C 6 -5.54 -31.63 -26.58
C PRO C 6 -4.15 -31.61 -25.97
N SER C 7 -3.48 -30.51 -26.24
CA SER C 7 -2.30 -30.13 -25.49
C SER C 7 -2.68 -29.00 -24.56
N TRP C 8 -3.60 -29.26 -23.63
CA TRP C 8 -3.93 -28.29 -22.59
C TRP C 8 -2.98 -28.56 -21.42
N SER C 9 -2.07 -27.62 -21.19
CA SER C 9 -0.96 -27.80 -20.29
C SER C 9 -0.98 -26.71 -19.22
N GLY C 10 -0.01 -26.79 -18.32
CA GLY C 10 0.33 -25.69 -17.44
C GLY C 10 1.68 -25.16 -17.89
N SER C 11 1.92 -23.87 -17.63
CA SER C 11 3.23 -23.30 -17.94
C SER C 11 4.31 -23.73 -16.95
N GLY C 12 3.95 -24.62 -16.03
CA GLY C 12 4.89 -25.13 -15.06
C GLY C 12 5.79 -26.20 -15.64
N LYS C 13 6.70 -26.66 -14.77
CA LYS C 13 7.69 -27.65 -15.19
C LYS C 13 7.06 -29.01 -15.40
N ARG C 14 6.03 -29.33 -14.64
CA ARG C 14 5.10 -30.41 -14.96
C ARG C 14 4.10 -29.85 -15.98
N VAL C 15 4.31 -30.17 -17.26
CA VAL C 15 3.40 -29.69 -18.28
C VAL C 15 2.03 -30.33 -18.16
N TRP C 16 1.96 -31.51 -17.56
CA TRP C 16 0.70 -32.19 -17.33
C TRP C 16 -0.02 -31.70 -16.10
N HIS C 17 0.44 -30.60 -15.50
CA HIS C 17 -0.25 -29.98 -14.38
C HIS C 17 -0.60 -28.54 -14.75
N ARG C 18 -1.88 -28.22 -14.64
CA ARG C 18 -2.37 -26.92 -15.08
C ARG C 18 -2.19 -25.88 -13.99
N ASP C 19 -1.82 -24.67 -14.40
CA ASP C 19 -1.62 -23.59 -13.44
C ASP C 19 -2.90 -23.31 -12.68
N ILE C 20 -2.77 -23.07 -11.37
CA ILE C 20 -3.90 -22.66 -10.55
C ILE C 20 -3.72 -21.17 -10.25
N ILE C 21 -4.71 -20.38 -10.62
CA ILE C 21 -4.56 -18.92 -10.65
C ILE C 21 -5.77 -18.24 -10.03
N PRO C 22 -5.57 -17.36 -9.06
CA PRO C 22 -6.70 -16.60 -8.51
C PRO C 22 -7.24 -15.63 -9.55
N TRP C 23 -8.53 -15.33 -9.41
CA TRP C 23 -9.22 -14.64 -10.49
C TRP C 23 -8.64 -13.26 -10.80
N TYR C 24 -7.77 -12.72 -9.95
CA TYR C 24 -7.19 -11.39 -10.17
C TYR C 24 -5.86 -11.42 -10.91
N ARG C 25 -5.31 -12.60 -11.19
CA ARG C 25 -4.24 -12.74 -12.17
C ARG C 25 -4.70 -13.48 -13.42
N SER C 26 -5.83 -14.18 -13.35
CA SER C 26 -6.42 -14.82 -14.51
C SER C 26 -7.01 -13.75 -15.41
N MET C 27 -6.24 -13.25 -16.36
CA MET C 27 -6.73 -12.13 -17.14
C MET C 27 -7.23 -12.57 -18.52
N GLN C 28 -8.12 -11.73 -19.05
CA GLN C 28 -9.00 -12.08 -20.16
C GLN C 28 -8.23 -12.26 -21.46
N ARG C 29 -8.46 -13.38 -22.13
CA ARG C 29 -7.86 -13.65 -23.43
C ARG C 29 -8.94 -14.17 -24.37
N LEU C 30 -8.59 -14.20 -25.66
CA LEU C 30 -9.38 -14.87 -26.68
C LEU C 30 -8.56 -16.07 -27.13
N GLU C 31 -9.10 -17.28 -26.92
CA GLU C 31 -8.36 -18.53 -27.12
C GLU C 31 -8.43 -18.96 -28.59
N PHE C 32 -7.30 -18.88 -29.29
CA PHE C 32 -7.17 -19.34 -30.66
C PHE C 32 -6.75 -20.81 -30.76
N ASP C 33 -6.88 -21.58 -29.68
CA ASP C 33 -6.41 -22.96 -29.58
C ASP C 33 -7.03 -23.85 -30.66
N ASP C 34 -6.16 -24.53 -31.43
CA ASP C 34 -6.65 -25.36 -32.54
C ASP C 34 -7.77 -26.29 -32.09
N THR C 35 -7.51 -27.03 -31.01
CA THR C 35 -8.42 -28.11 -30.63
C THR C 35 -9.78 -27.55 -30.21
N ILE C 36 -9.81 -26.46 -29.43
CA ILE C 36 -11.09 -25.93 -28.99
C ILE C 36 -11.95 -25.57 -30.19
N HIS C 37 -11.35 -24.98 -31.21
CA HIS C 37 -12.16 -24.52 -32.33
C HIS C 37 -12.57 -25.69 -33.22
N GLN C 38 -11.63 -26.62 -33.44
CA GLN C 38 -11.96 -27.87 -34.13
C GLN C 38 -13.12 -28.57 -33.46
N ILE C 39 -13.17 -28.53 -32.13
CA ILE C 39 -14.20 -29.23 -31.38
C ILE C 39 -15.58 -28.67 -31.72
N ARG C 40 -15.77 -27.37 -31.49
CA ARG C 40 -16.97 -26.61 -31.87
C ARG C 40 -17.58 -27.09 -33.17
N ILE C 41 -16.72 -27.28 -34.18
CA ILE C 41 -17.16 -27.72 -35.48
C ILE C 41 -17.79 -29.12 -35.41
N PHE C 42 -17.28 -29.98 -34.54
CA PHE C 42 -17.89 -31.30 -34.43
C PHE C 42 -19.25 -31.22 -33.74
N HIS C 43 -19.40 -30.36 -32.74
CA HIS C 43 -20.70 -30.15 -32.14
C HIS C 43 -21.66 -29.49 -33.13
N SER C 44 -21.30 -28.33 -33.65
CA SER C 44 -22.16 -27.61 -34.58
C SER C 44 -22.50 -28.44 -35.80
N GLU C 45 -21.66 -29.41 -36.14
CA GLU C 45 -22.04 -30.38 -37.14
C GLU C 45 -22.80 -31.56 -36.54
N ASN C 46 -22.76 -31.70 -35.21
CA ASN C 46 -23.46 -32.76 -34.48
C ASN C 46 -22.95 -34.15 -34.87
N LEU C 47 -21.67 -34.39 -34.58
CA LEU C 47 -21.01 -35.65 -34.88
C LEU C 47 -20.35 -36.22 -33.62
N PRO C 48 -20.18 -37.54 -33.54
CA PRO C 48 -19.51 -38.12 -32.37
C PRO C 48 -18.06 -37.69 -32.31
N VAL C 49 -17.69 -37.12 -31.17
CA VAL C 49 -16.32 -36.69 -30.91
C VAL C 49 -16.09 -36.85 -29.41
N LYS C 50 -14.85 -37.11 -29.02
CA LYS C 50 -14.53 -37.30 -27.62
C LYS C 50 -13.16 -36.76 -27.28
N LEU C 51 -13.06 -36.17 -26.09
CA LEU C 51 -11.80 -35.68 -25.58
C LEU C 51 -11.12 -36.75 -24.75
N LEU C 52 -9.86 -37.03 -25.07
CA LEU C 52 -8.98 -37.83 -24.22
C LEU C 52 -8.06 -36.87 -23.48
N LEU C 53 -8.47 -36.49 -22.28
CA LEU C 53 -7.72 -35.54 -21.46
C LEU C 53 -6.59 -36.26 -20.72
N GLN C 54 -5.34 -35.83 -20.94
CA GLN C 54 -4.28 -36.43 -20.17
C GLN C 54 -3.71 -35.54 -19.08
N ALA C 55 -3.89 -34.23 -19.16
CA ALA C 55 -3.40 -33.39 -18.08
C ALA C 55 -4.37 -33.39 -16.89
N TYR C 56 -3.80 -33.11 -15.71
CA TYR C 56 -4.58 -32.94 -14.48
C TYR C 56 -5.23 -31.56 -14.49
N MET C 57 -6.56 -31.53 -14.46
CA MET C 57 -7.34 -30.29 -14.62
C MET C 57 -8.42 -30.21 -13.56
N PRO C 58 -8.05 -29.99 -12.30
CA PRO C 58 -9.04 -29.86 -11.22
C PRO C 58 -10.24 -28.97 -11.53
N HIS C 59 -10.10 -28.00 -12.44
CA HIS C 59 -11.18 -27.09 -12.80
C HIS C 59 -11.54 -27.18 -14.27
N ALA C 60 -11.58 -28.39 -14.82
CA ALA C 60 -11.83 -28.53 -16.25
C ALA C 60 -13.29 -28.40 -16.64
N ARG C 61 -14.22 -28.27 -15.69
CA ARG C 61 -15.60 -28.07 -16.16
C ARG C 61 -15.90 -26.59 -16.39
N TYR C 62 -15.37 -25.70 -15.56
CA TYR C 62 -15.45 -24.29 -15.89
C TYR C 62 -14.67 -23.97 -17.15
N PHE C 63 -13.50 -24.60 -17.31
CA PHE C 63 -12.74 -24.42 -18.53
C PHE C 63 -13.60 -24.66 -19.77
N LEU C 64 -14.29 -25.81 -19.81
CA LEU C 64 -15.06 -26.20 -20.98
C LEU C 64 -16.34 -25.38 -21.13
N HIS C 65 -16.93 -24.92 -20.02
CA HIS C 65 -18.07 -24.01 -20.08
C HIS C 65 -17.66 -22.65 -20.68
N ARG C 66 -16.42 -22.24 -20.42
CA ARG C 66 -15.94 -20.92 -20.77
C ARG C 66 -15.42 -20.86 -22.21
N GLN C 67 -14.97 -21.98 -22.76
CA GLN C 67 -14.67 -22.06 -24.18
C GLN C 67 -15.82 -22.68 -24.96
N ASP C 68 -16.93 -22.98 -24.27
CA ASP C 68 -18.20 -23.32 -24.90
C ASP C 68 -18.21 -24.70 -25.53
N ILE C 69 -17.54 -25.67 -24.89
CA ILE C 69 -17.59 -27.03 -25.39
C ILE C 69 -17.89 -27.97 -24.22
N PHE C 70 -18.69 -27.47 -23.27
CA PHE C 70 -19.05 -28.23 -22.08
C PHE C 70 -19.89 -29.46 -22.41
N GLU C 71 -20.44 -29.53 -23.62
CA GLU C 71 -21.19 -30.68 -24.14
C GLU C 71 -20.28 -31.80 -24.62
N THR C 72 -18.97 -31.65 -24.52
CA THR C 72 -18.05 -32.64 -25.06
C THR C 72 -17.85 -33.76 -24.03
N GLU C 73 -18.20 -34.98 -24.41
CA GLU C 73 -17.95 -36.12 -23.54
C GLU C 73 -16.45 -36.42 -23.53
N TYR C 74 -15.88 -36.66 -22.34
CA TYR C 74 -14.44 -36.83 -22.21
C TYR C 74 -14.05 -37.97 -21.29
N TYR C 75 -12.95 -38.61 -21.65
CA TYR C 75 -12.20 -39.45 -20.73
C TYR C 75 -11.05 -38.63 -20.15
N SER C 76 -11.06 -38.47 -18.82
CA SER C 76 -9.94 -37.84 -18.11
C SER C 76 -9.02 -38.90 -17.51
N VAL C 77 -7.72 -38.73 -17.69
CA VAL C 77 -6.76 -39.68 -17.13
C VAL C 77 -6.69 -39.53 -15.61
N PHE C 78 -6.55 -38.30 -15.12
CA PHE C 78 -6.50 -38.13 -13.68
C PHE C 78 -7.84 -38.40 -13.02
N ASP C 79 -8.95 -38.33 -13.75
CA ASP C 79 -10.22 -38.69 -13.13
C ASP C 79 -10.30 -40.19 -12.86
N GLU C 80 -9.66 -41.02 -13.69
CA GLU C 80 -9.48 -42.42 -13.34
C GLU C 80 -8.42 -42.59 -12.25
N ILE C 81 -7.27 -41.94 -12.41
CA ILE C 81 -6.17 -42.00 -11.45
C ILE C 81 -6.65 -41.68 -10.04
N GLN C 82 -7.60 -40.75 -9.92
CA GLN C 82 -8.17 -40.39 -8.64
C GLN C 82 -9.49 -41.08 -8.36
N ALA C 83 -9.94 -41.95 -9.27
CA ALA C 83 -11.16 -42.76 -9.07
C ALA C 83 -12.38 -41.89 -8.74
N VAL C 84 -12.55 -40.83 -9.54
CA VAL C 84 -13.67 -39.91 -9.39
C VAL C 84 -14.77 -40.41 -10.32
N GLU C 85 -15.87 -40.90 -9.73
CA GLU C 85 -16.87 -41.61 -10.50
C GLU C 85 -17.77 -40.66 -11.28
N SER C 86 -18.35 -39.68 -10.60
CA SER C 86 -19.34 -38.78 -11.18
C SER C 86 -18.69 -37.51 -11.72
N ASN C 87 -19.46 -36.80 -12.56
CA ASN C 87 -19.12 -35.44 -12.94
C ASN C 87 -20.07 -34.43 -12.34
N ASP C 88 -21.01 -34.89 -11.50
CA ASP C 88 -21.96 -34.03 -10.81
C ASP C 88 -21.22 -32.94 -10.06
N MET C 89 -21.35 -31.70 -10.51
CA MET C 89 -20.76 -30.60 -9.75
C MET C 89 -21.61 -30.33 -8.53
N GLN C 90 -21.08 -30.68 -7.36
CA GLN C 90 -21.67 -30.22 -6.11
C GLN C 90 -21.10 -28.84 -5.82
N VAL C 91 -21.97 -27.83 -5.81
CA VAL C 91 -21.55 -26.46 -5.54
C VAL C 91 -20.81 -26.41 -4.20
N LEU C 92 -19.85 -25.50 -4.09
CA LEU C 92 -19.10 -25.30 -2.86
C LEU C 92 -19.29 -23.89 -2.34
N GLN C 93 -19.48 -23.75 -1.03
CA GLN C 93 -19.41 -22.45 -0.39
C GLN C 93 -18.66 -22.62 0.93
N ILE C 94 -18.08 -21.51 1.38
CA ILE C 94 -16.97 -21.55 2.32
C ILE C 94 -17.33 -22.28 3.61
N LYS C 95 -18.58 -22.19 4.04
CA LYS C 95 -18.94 -22.68 5.36
C LYS C 95 -19.07 -24.20 5.44
N ASP C 96 -19.00 -24.91 4.32
CA ASP C 96 -19.04 -26.37 4.36
C ASP C 96 -17.68 -26.99 4.67
N LEU C 97 -16.64 -26.17 4.74
CA LEU C 97 -15.28 -26.68 4.79
C LEU C 97 -14.89 -27.10 6.21
N GLU C 98 -14.19 -28.23 6.29
CA GLU C 98 -13.63 -28.73 7.54
C GLU C 98 -12.84 -27.64 8.26
N TRP C 99 -13.16 -27.41 9.52
CA TRP C 99 -12.50 -26.35 10.28
C TRP C 99 -12.70 -26.58 11.78
N GLU C 100 -11.94 -25.83 12.56
CA GLU C 100 -12.07 -25.83 14.02
C GLU C 100 -13.17 -24.87 14.43
N ASP C 101 -13.34 -24.68 15.74
CA ASP C 101 -14.21 -23.63 16.26
C ASP C 101 -13.32 -22.55 16.82
N ASP C 102 -12.50 -21.96 15.96
CA ASP C 102 -11.30 -21.26 16.41
C ASP C 102 -10.77 -20.36 15.28
N CYS C 103 -11.52 -20.26 14.19
CA CYS C 103 -11.07 -19.56 12.99
C CYS C 103 -11.82 -18.24 12.81
N GLU C 104 -11.06 -17.21 12.45
CA GLU C 104 -11.60 -15.88 12.19
C GLU C 104 -11.61 -15.64 10.68
N PHE C 105 -12.81 -15.51 10.12
CA PHE C 105 -13.01 -15.39 8.67
C PHE C 105 -13.04 -13.90 8.30
N ILE C 106 -11.86 -13.35 8.00
CA ILE C 106 -11.74 -11.93 7.65
C ILE C 106 -11.92 -11.79 6.14
N TYR C 107 -13.14 -11.46 5.73
CA TYR C 107 -13.47 -11.33 4.32
C TYR C 107 -12.88 -10.04 3.75
N THR C 108 -12.13 -10.16 2.66
CA THR C 108 -11.45 -9.05 2.00
C THR C 108 -11.93 -8.99 0.55
N PRO C 109 -11.50 -8.03 -0.27
CA PRO C 109 -11.99 -8.03 -1.67
C PRO C 109 -11.37 -9.12 -2.54
N PHE C 110 -10.10 -9.47 -2.29
CA PHE C 110 -9.38 -10.38 -3.17
C PHE C 110 -9.65 -11.84 -2.83
N LEU C 111 -9.79 -12.15 -1.54
CA LEU C 111 -9.83 -13.53 -1.06
C LEU C 111 -10.44 -13.54 0.34
N ILE C 112 -10.48 -14.72 0.95
CA ILE C 112 -10.85 -14.87 2.35
C ILE C 112 -9.61 -15.15 3.16
N ILE C 113 -9.41 -14.37 4.22
CA ILE C 113 -8.29 -14.54 5.15
C ILE C 113 -8.83 -15.16 6.44
N VAL C 114 -8.39 -16.37 6.73
CA VAL C 114 -8.82 -17.09 7.92
C VAL C 114 -7.73 -16.91 8.99
N ARG C 115 -8.14 -16.65 10.23
CA ARG C 115 -7.18 -16.51 11.29
C ARG C 115 -7.61 -17.34 12.49
N ARG C 116 -6.70 -18.15 13.01
CA ARG C 116 -6.89 -18.84 14.27
C ARG C 116 -5.94 -18.23 15.29
N GLN C 117 -6.44 -18.03 16.51
CA GLN C 117 -5.72 -17.33 17.57
C GLN C 117 -5.32 -15.92 17.16
N GLY C 118 -4.03 -15.69 16.93
CA GLY C 118 -3.59 -14.33 16.63
C GLY C 118 -2.80 -14.20 15.35
N GLN C 119 -2.75 -15.25 14.54
CA GLN C 119 -1.92 -15.21 13.35
C GLN C 119 -2.61 -15.85 12.15
N LEU C 120 -2.02 -15.61 10.98
CA LEU C 120 -2.45 -16.09 9.67
C LEU C 120 -2.67 -17.59 9.64
N TYR C 121 -3.92 -18.05 9.60
CA TYR C 121 -4.18 -19.48 9.48
C TYR C 121 -4.22 -19.95 8.01
N ALA C 122 -4.96 -19.24 7.15
CA ALA C 122 -5.18 -19.73 5.80
C ALA C 122 -5.54 -18.57 4.86
N HIS C 123 -5.60 -18.91 3.57
CA HIS C 123 -6.06 -18.02 2.51
C HIS C 123 -6.96 -18.84 1.60
N VAL C 124 -8.26 -18.58 1.64
CA VAL C 124 -9.17 -19.22 0.70
C VAL C 124 -9.18 -18.43 -0.60
N GLU C 125 -9.12 -19.12 -1.74
CA GLU C 125 -9.01 -18.44 -3.02
C GLU C 125 -10.08 -18.94 -3.99
N PHE C 126 -10.34 -18.12 -5.02
CA PHE C 126 -11.46 -18.34 -5.94
C PHE C 126 -11.04 -18.08 -7.37
N GLY C 127 -11.69 -18.81 -8.28
CA GLY C 127 -11.41 -18.70 -9.70
C GLY C 127 -12.33 -17.73 -10.42
N VAL C 128 -12.17 -17.67 -11.74
CA VAL C 128 -12.79 -16.62 -12.56
C VAL C 128 -14.29 -16.55 -12.30
N GLU C 129 -14.95 -17.71 -12.27
CA GLU C 129 -16.39 -17.76 -12.08
C GLU C 129 -16.80 -17.64 -10.63
N GLY C 130 -15.84 -17.66 -9.71
CA GLY C 130 -16.12 -17.45 -8.30
C GLY C 130 -16.27 -18.71 -7.47
N PHE C 131 -15.86 -19.85 -7.99
CA PHE C 131 -15.83 -21.08 -7.22
C PHE C 131 -14.59 -21.11 -6.34
N ILE C 132 -14.68 -21.83 -5.23
CA ILE C 132 -13.51 -22.11 -4.42
C ILE C 132 -12.53 -22.94 -5.23
N SER C 133 -11.29 -22.47 -5.34
CA SER C 133 -10.30 -23.11 -6.20
C SER C 133 -9.20 -23.76 -5.36
N PHE C 134 -8.37 -22.96 -4.71
CA PHE C 134 -7.33 -23.48 -3.85
C PHE C 134 -7.38 -22.77 -2.51
N ILE C 135 -6.87 -23.45 -1.48
CA ILE C 135 -6.74 -22.86 -0.15
C ILE C 135 -5.30 -23.01 0.30
N LYS C 136 -4.63 -21.89 0.51
CA LYS C 136 -3.30 -21.89 1.10
C LYS C 136 -3.43 -21.93 2.61
N PHE C 137 -2.72 -22.86 3.23
CA PHE C 137 -2.58 -22.90 4.68
C PHE C 137 -1.26 -22.24 5.07
N PHE C 138 -1.16 -21.88 6.34
CA PHE C 138 -0.01 -21.10 6.78
C PHE C 138 0.34 -21.48 8.21
N LYS C 139 1.64 -21.56 8.47
CA LYS C 139 2.21 -21.75 9.81
C LYS C 139 3.42 -20.83 9.89
N ASP C 140 3.31 -19.74 10.66
CA ASP C 140 4.38 -18.78 10.84
C ASP C 140 4.89 -18.25 9.50
N ASP C 141 4.14 -17.38 8.82
CA ASP C 141 4.69 -16.62 7.70
C ASP C 141 4.84 -17.59 6.50
N GLN C 142 4.96 -18.92 6.76
CA GLN C 142 5.34 -19.90 5.74
C GLN C 142 4.15 -20.70 5.22
N LEU C 143 4.15 -20.93 3.90
CA LEU C 143 3.12 -21.70 3.23
C LEU C 143 3.35 -23.17 3.60
N GLU C 144 2.51 -23.70 4.48
CA GLU C 144 2.72 -25.10 4.86
C GLU C 144 2.02 -26.05 3.90
N LYS C 145 0.75 -25.79 3.57
CA LYS C 145 -0.04 -26.70 2.75
C LYS C 145 -0.85 -25.91 1.74
N LEU C 146 -1.09 -26.52 0.57
CA LEU C 146 -2.02 -26.02 -0.42
C LEU C 146 -3.07 -27.06 -0.76
N ASN C 147 -4.34 -26.68 -0.63
CA ASN C 147 -5.48 -27.53 -0.98
C ASN C 147 -6.03 -27.11 -2.34
N ILE C 148 -5.90 -27.99 -3.34
CA ILE C 148 -6.43 -27.75 -4.68
C ILE C 148 -7.79 -28.43 -4.80
N PHE C 149 -8.84 -27.63 -5.02
CA PHE C 149 -10.21 -28.13 -5.12
C PHE C 149 -10.59 -28.49 -6.55
N ASP C 150 -11.44 -29.50 -6.68
CA ASP C 150 -12.08 -29.83 -7.94
C ASP C 150 -13.32 -28.97 -8.12
N ASP C 151 -13.54 -28.47 -9.33
CA ASP C 151 -14.72 -27.63 -9.51
C ASP C 151 -16.02 -28.43 -9.41
N ARG C 152 -15.93 -29.75 -9.27
CA ARG C 152 -17.06 -30.59 -8.92
C ARG C 152 -17.39 -30.53 -7.45
N GLY C 153 -16.68 -29.71 -6.67
CA GLY C 153 -16.95 -29.54 -5.26
C GLY C 153 -16.41 -30.63 -4.36
N PHE C 154 -15.08 -30.68 -4.25
CA PHE C 154 -14.37 -31.46 -3.24
C PHE C 154 -12.90 -31.08 -3.40
N VAL C 155 -12.04 -31.64 -2.54
CA VAL C 155 -10.61 -31.33 -2.56
C VAL C 155 -9.90 -32.36 -3.42
N SER C 156 -9.44 -31.93 -4.59
CA SER C 156 -8.84 -32.84 -5.58
C SER C 156 -7.47 -33.33 -5.13
N SER C 157 -6.56 -32.41 -4.82
CA SER C 157 -5.22 -32.80 -4.42
C SER C 157 -4.75 -31.90 -3.27
N ILE C 158 -3.66 -32.32 -2.64
CA ILE C 158 -3.03 -31.61 -1.53
C ILE C 158 -1.52 -31.52 -1.79
N VAL C 159 -0.98 -30.34 -1.65
CA VAL C 159 0.47 -30.12 -1.74
C VAL C 159 0.96 -29.74 -0.35
N TYR C 160 1.89 -30.52 0.18
CA TYR C 160 2.53 -30.21 1.45
C TYR C 160 3.91 -29.62 1.16
N TYR C 161 4.23 -28.50 1.82
CA TYR C 161 5.50 -27.80 1.65
C TYR C 161 6.37 -27.99 2.91
N GLU C 162 7.56 -27.37 2.89
CA GLU C 162 8.54 -27.55 3.96
C GLU C 162 9.59 -26.42 3.82
N ASP C 163 9.28 -25.26 4.41
CA ASP C 163 10.20 -24.10 4.42
C ASP C 163 10.45 -23.59 3.00
N GLY C 164 9.38 -23.10 2.38
CA GLY C 164 9.46 -22.40 1.11
C GLY C 164 9.61 -23.26 -0.13
N GLN C 165 9.83 -24.56 0.02
CA GLN C 165 9.97 -25.46 -1.11
C GLN C 165 8.75 -26.38 -1.19
N GLU C 166 8.32 -26.70 -2.41
CA GLU C 166 7.26 -27.68 -2.58
C GLU C 166 7.87 -29.07 -2.59
N VAL C 167 7.34 -29.94 -1.72
CA VAL C 167 7.91 -31.27 -1.51
C VAL C 167 7.11 -32.35 -2.21
N CYS C 168 5.80 -32.37 -2.02
CA CYS C 168 5.06 -33.54 -2.45
C CYS C 168 3.59 -33.20 -2.64
N GLN C 169 2.92 -33.93 -3.53
CA GLN C 169 1.53 -33.66 -3.87
C GLN C 169 0.68 -34.91 -3.76
N ASP C 170 -0.41 -34.79 -3.00
CA ASP C 170 -1.32 -35.89 -2.71
C ASP C 170 -2.62 -35.70 -3.49
N TYR C 171 -2.73 -36.37 -4.63
CA TYR C 171 -4.00 -36.47 -5.36
C TYR C 171 -4.93 -37.45 -4.63
N LEU C 172 -6.05 -36.93 -4.13
CA LEU C 172 -7.00 -37.73 -3.36
C LEU C 172 -8.11 -38.26 -4.26
N ASN C 173 -9.13 -38.89 -3.64
CA ASN C 173 -10.39 -39.20 -4.31
C ASN C 173 -11.47 -38.29 -3.71
N PRO C 174 -12.75 -38.39 -4.11
CA PRO C 174 -13.75 -37.51 -3.50
C PRO C 174 -13.95 -37.74 -2.00
N ASN C 175 -13.28 -38.76 -1.47
CA ASN C 175 -13.41 -39.18 -0.08
C ASN C 175 -12.29 -38.65 0.80
N GLY C 176 -11.31 -37.94 0.24
CA GLY C 176 -10.16 -37.52 0.98
C GLY C 176 -9.05 -38.55 1.06
N ASP C 177 -9.35 -39.81 0.72
CA ASP C 177 -8.30 -40.82 0.66
C ASP C 177 -7.24 -40.42 -0.35
N TRP C 178 -5.98 -40.38 0.08
CA TRP C 178 -4.89 -40.18 -0.86
C TRP C 178 -4.78 -41.38 -1.79
N ARG C 179 -4.45 -41.13 -3.05
CA ARG C 179 -4.34 -42.20 -4.05
C ARG C 179 -2.91 -42.34 -4.58
N ILE C 180 -2.29 -41.26 -5.05
CA ILE C 180 -0.89 -41.29 -5.43
C ILE C 180 -0.18 -40.11 -4.82
N ARG C 181 1.03 -40.35 -4.32
CA ARG C 181 1.95 -39.29 -3.95
C ARG C 181 2.85 -38.98 -5.14
N GLU C 182 3.12 -37.70 -5.36
CA GLU C 182 4.14 -37.29 -6.32
C GLU C 182 5.16 -36.43 -5.63
N TYR C 183 6.43 -36.79 -5.79
CA TYR C 183 7.52 -36.08 -5.14
C TYR C 183 8.10 -35.08 -6.12
N LEU C 184 7.90 -33.79 -5.83
CA LEU C 184 8.19 -32.70 -6.76
C LEU C 184 9.64 -32.22 -6.66
N LYS C 185 10.36 -32.71 -5.66
CA LYS C 185 11.79 -32.48 -5.47
C LYS C 185 12.59 -32.99 -6.67
N PHE C 186 13.87 -32.62 -6.70
CA PHE C 186 14.80 -33.16 -7.70
C PHE C 186 15.34 -34.51 -7.26
N GLU C 187 15.69 -34.62 -5.97
CA GLU C 187 16.16 -35.86 -5.36
C GLU C 187 15.11 -36.95 -5.52
N ASN C 188 14.02 -36.85 -4.76
CA ASN C 188 12.86 -37.72 -4.97
C ASN C 188 11.95 -37.03 -5.99
N SER C 189 11.86 -37.61 -7.20
CA SER C 189 11.18 -36.95 -8.32
C SER C 189 10.25 -37.90 -9.06
N HIS C 190 9.65 -38.86 -8.33
CA HIS C 190 8.85 -39.94 -8.91
C HIS C 190 7.48 -39.99 -8.27
N VAL C 191 6.71 -41.05 -8.53
CA VAL C 191 5.33 -41.16 -8.04
C VAL C 191 5.11 -42.58 -7.51
N VAL C 192 4.38 -42.69 -6.39
CA VAL C 192 4.16 -43.95 -5.70
C VAL C 192 2.66 -44.15 -5.42
N VAL C 193 2.16 -45.35 -5.70
CA VAL C 193 0.75 -45.70 -5.56
C VAL C 193 0.46 -46.24 -4.17
N ASN C 194 -0.50 -45.62 -3.49
CA ASN C 194 -1.04 -46.14 -2.25
C ASN C 194 -1.49 -47.58 -2.47
N PRO C 195 -0.95 -48.56 -1.72
CA PRO C 195 -1.25 -49.96 -2.02
C PRO C 195 -2.73 -50.33 -1.87
N VAL C 196 -3.47 -49.67 -0.97
CA VAL C 196 -4.90 -49.98 -0.82
C VAL C 196 -5.63 -49.85 -2.16
N PHE C 197 -5.18 -48.95 -3.04
CA PHE C 197 -5.85 -48.68 -4.31
C PHE C 197 -5.12 -49.25 -5.51
N SER C 198 -4.31 -50.30 -5.32
CA SER C 198 -3.79 -51.03 -6.47
C SER C 198 -4.84 -52.01 -6.97
N ARG C 199 -4.53 -52.66 -8.08
CA ARG C 199 -5.45 -53.39 -8.96
C ARG C 199 -6.02 -52.37 -9.93
N ASP C 200 -5.80 -51.10 -9.63
CA ASP C 200 -6.03 -49.97 -10.52
C ASP C 200 -4.74 -49.43 -11.14
N PHE C 201 -3.57 -49.97 -10.76
CA PHE C 201 -2.31 -49.51 -11.29
C PHE C 201 -1.40 -50.70 -11.55
N ASP C 202 -0.88 -50.79 -12.78
CA ASP C 202 0.06 -51.84 -13.20
C ASP C 202 1.39 -51.77 -12.48
N LYS C 203 1.65 -50.71 -11.73
CA LYS C 203 2.86 -50.61 -10.95
C LYS C 203 2.50 -50.02 -9.61
N LEU C 204 3.43 -50.14 -8.66
CA LEU C 204 3.28 -49.56 -7.34
C LEU C 204 4.11 -48.30 -7.19
N GLU C 205 4.86 -47.95 -8.23
CA GLU C 205 5.56 -46.68 -8.30
C GLU C 205 5.98 -46.47 -9.75
N TYR C 206 6.26 -45.20 -10.08
CA TYR C 206 6.64 -44.81 -11.42
C TYR C 206 7.75 -43.78 -11.33
N GLU C 207 8.65 -43.75 -12.32
CA GLU C 207 9.64 -42.70 -12.41
C GLU C 207 8.99 -41.38 -12.83
N CYS C 208 8.82 -41.19 -14.15
CA CYS C 208 8.03 -40.08 -14.69
C CYS C 208 6.60 -40.14 -14.17
N MET C 209 5.95 -38.97 -14.10
CA MET C 209 4.49 -38.96 -13.99
C MET C 209 3.89 -39.28 -15.35
N PRO C 210 4.50 -38.82 -16.46
CA PRO C 210 4.10 -39.32 -17.78
C PRO C 210 3.94 -40.82 -17.88
N ASP C 211 4.74 -41.61 -17.14
CA ASP C 211 4.63 -43.07 -17.24
C ASP C 211 3.26 -43.55 -16.71
N LEU C 212 2.84 -43.02 -15.56
CA LEU C 212 1.51 -43.38 -15.07
C LEU C 212 0.44 -42.86 -16.01
N ILE C 213 0.63 -41.65 -16.57
CA ILE C 213 -0.35 -41.11 -17.51
C ILE C 213 -0.45 -41.99 -18.74
N LEU C 214 0.70 -42.31 -19.35
CA LEU C 214 0.71 -43.11 -20.58
C LEU C 214 0.21 -44.53 -20.35
N GLU C 215 0.40 -45.08 -19.14
CA GLU C 215 -0.24 -46.35 -18.83
C GLU C 215 -1.76 -46.24 -18.93
N LYS C 216 -2.34 -45.28 -18.22
CA LYS C 216 -3.80 -45.18 -18.17
C LYS C 216 -4.38 -44.75 -19.52
N LEU C 217 -3.83 -43.70 -20.13
CA LEU C 217 -4.33 -43.31 -21.45
C LEU C 217 -4.23 -44.46 -22.44
N GLY C 218 -3.07 -45.15 -22.46
CA GLY C 218 -2.87 -46.21 -23.41
C GLY C 218 -3.80 -47.39 -23.20
N TYR C 219 -4.25 -47.60 -21.97
CA TYR C 219 -5.19 -48.68 -21.76
C TYR C 219 -6.56 -48.32 -22.29
N TYR C 220 -7.00 -47.06 -22.05
CA TYR C 220 -8.29 -46.61 -22.57
C TYR C 220 -8.38 -46.81 -24.07
N ILE C 221 -7.34 -46.39 -24.81
CA ILE C 221 -7.38 -46.57 -26.25
C ILE C 221 -7.40 -48.05 -26.60
N SER C 222 -6.62 -48.86 -25.89
CA SER C 222 -6.51 -50.26 -26.24
C SER C 222 -7.83 -51.01 -26.13
N HIS C 223 -8.75 -50.55 -25.28
CA HIS C 223 -9.94 -51.32 -24.99
C HIS C 223 -11.27 -50.60 -25.22
N ASN C 224 -11.28 -49.36 -25.69
CA ASN C 224 -12.53 -48.67 -25.96
C ASN C 224 -12.65 -48.14 -27.39
N VAL C 225 -11.58 -48.14 -28.18
CA VAL C 225 -11.52 -47.40 -29.44
C VAL C 225 -11.73 -48.40 -30.58
N GLU C 226 -12.81 -48.21 -31.32
CA GLU C 226 -13.14 -49.07 -32.45
C GLU C 226 -12.13 -48.90 -33.57
N GLU C 227 -12.17 -49.81 -34.54
CA GLU C 227 -11.27 -49.73 -35.68
C GLU C 227 -11.67 -48.59 -36.59
N ASP C 228 -10.69 -48.12 -37.38
CA ASP C 228 -10.85 -47.03 -38.35
C ASP C 228 -11.39 -45.77 -37.69
N SER C 229 -11.25 -45.69 -36.38
CA SER C 229 -11.42 -44.48 -35.58
C SER C 229 -10.46 -43.41 -36.09
N ARG C 230 -10.48 -42.22 -35.48
CA ARG C 230 -9.70 -41.09 -35.96
C ARG C 230 -9.14 -40.31 -34.80
N PHE C 231 -7.83 -40.08 -34.81
CA PHE C 231 -7.15 -39.41 -33.70
C PHE C 231 -6.57 -38.07 -34.15
N VAL C 232 -7.04 -36.99 -33.55
CA VAL C 232 -6.49 -35.66 -33.82
C VAL C 232 -5.57 -35.28 -32.66
N VAL C 233 -4.28 -35.15 -32.92
CA VAL C 233 -3.32 -34.91 -31.85
C VAL C 233 -2.78 -33.51 -31.99
N ALA C 234 -3.05 -32.70 -30.97
CA ALA C 234 -2.44 -31.39 -30.87
C ALA C 234 -0.96 -31.63 -30.65
N ALA C 235 -0.19 -31.66 -31.75
CA ALA C 235 1.25 -31.87 -31.66
C ALA C 235 1.86 -31.01 -30.56
N GLN C 236 2.78 -31.57 -29.84
CA GLN C 236 3.41 -30.74 -28.85
C GLN C 236 4.77 -30.28 -29.38
N PRO C 237 5.31 -29.15 -28.87
CA PRO C 237 6.63 -28.65 -29.30
C PRO C 237 7.75 -29.68 -29.49
N PHE C 238 7.83 -30.64 -28.60
CA PHE C 238 8.80 -31.71 -28.65
C PHE C 238 8.20 -32.94 -29.36
N THR C 239 8.76 -34.12 -29.13
CA THR C 239 8.20 -35.33 -29.71
C THR C 239 6.77 -35.58 -29.23
N ASN C 240 6.00 -36.29 -30.06
CA ASN C 240 4.66 -36.76 -29.69
C ASN C 240 4.57 -38.28 -29.71
N GLN C 241 5.70 -38.99 -29.61
CA GLN C 241 5.68 -40.46 -29.74
C GLN C 241 5.05 -41.13 -28.52
N GLY C 242 5.21 -40.54 -27.32
CA GLY C 242 4.60 -41.13 -26.14
C GLY C 242 3.10 -41.34 -26.31
N VAL C 243 2.44 -40.42 -27.00
CA VAL C 243 1.02 -40.57 -27.27
C VAL C 243 0.77 -41.33 -28.56
N LEU C 244 1.54 -41.05 -29.61
CA LEU C 244 1.25 -41.71 -30.87
C LEU C 244 1.46 -43.22 -30.75
N ASP C 245 2.43 -43.65 -29.94
CA ASP C 245 2.73 -45.08 -29.82
C ASP C 245 1.55 -45.87 -29.25
N LEU C 246 0.60 -45.21 -28.61
CA LEU C 246 -0.59 -45.90 -28.11
C LEU C 246 -1.64 -46.14 -29.19
N LEU C 247 -1.49 -45.59 -30.37
CA LEU C 247 -2.62 -45.57 -31.29
C LEU C 247 -2.71 -46.90 -32.04
N PRO C 248 -3.90 -47.51 -32.11
CA PRO C 248 -4.02 -48.82 -32.77
C PRO C 248 -3.66 -48.72 -34.25
N GLN C 249 -3.21 -49.85 -34.80
CA GLN C 249 -2.88 -49.87 -36.22
C GLN C 249 -4.08 -49.50 -37.06
N HIS C 250 -5.28 -49.85 -36.60
CA HIS C 250 -6.52 -49.60 -37.34
C HIS C 250 -7.08 -48.21 -37.06
N SER C 251 -6.29 -47.32 -36.49
CA SER C 251 -6.71 -45.94 -36.34
C SER C 251 -6.13 -45.09 -37.47
N HIS C 252 -6.52 -43.83 -37.48
CA HIS C 252 -5.96 -42.85 -38.40
C HIS C 252 -5.71 -41.57 -37.61
N SER C 253 -4.56 -40.97 -37.88
CA SER C 253 -4.01 -39.94 -37.02
C SER C 253 -3.88 -38.62 -37.79
N ILE C 254 -4.27 -37.54 -37.13
CA ILE C 254 -4.00 -36.19 -37.61
C ILE C 254 -3.17 -35.47 -36.57
N LEU C 255 -2.02 -34.98 -36.98
CA LEU C 255 -1.18 -34.17 -36.12
C LEU C 255 -1.43 -32.70 -36.44
N SER C 256 -1.95 -31.96 -35.46
CA SER C 256 -2.38 -30.57 -35.63
C SER C 256 -1.41 -29.61 -34.96
N PHE C 257 -0.83 -28.71 -35.76
CA PHE C 257 0.11 -27.69 -35.27
C PHE C 257 -0.60 -26.33 -35.14
N PHE C 258 -0.47 -25.71 -33.97
CA PHE C 258 -1.10 -24.44 -33.66
C PHE C 258 0.01 -23.47 -33.23
N HIS C 259 0.03 -22.29 -33.85
CA HIS C 259 1.22 -21.43 -33.86
C HIS C 259 1.70 -21.07 -32.46
N GLU C 260 0.79 -20.72 -31.55
CA GLU C 260 1.23 -20.34 -30.21
C GLU C 260 1.89 -21.52 -29.48
N ARG C 261 1.37 -22.71 -29.69
CA ARG C 261 1.97 -23.87 -29.05
C ARG C 261 3.25 -24.32 -29.75
N ASN C 262 3.37 -24.05 -31.07
CA ASN C 262 4.26 -24.86 -31.89
C ASN C 262 5.27 -24.05 -32.70
N GLN C 263 5.52 -22.79 -32.35
CA GLN C 263 6.50 -22.00 -33.10
C GLN C 263 7.92 -22.46 -32.81
N ALA C 264 8.37 -22.31 -31.56
CA ALA C 264 9.74 -22.66 -31.20
C ALA C 264 9.81 -24.15 -30.79
N SER C 265 9.64 -25.01 -31.77
CA SER C 265 9.58 -26.44 -31.53
C SER C 265 10.81 -27.11 -32.12
N ASN C 266 11.39 -28.06 -31.38
CA ASN C 266 12.44 -28.87 -31.96
C ASN C 266 11.87 -29.44 -33.25
N ILE C 267 12.21 -28.88 -34.41
CA ILE C 267 11.60 -29.38 -35.64
C ILE C 267 12.20 -30.72 -36.05
N GLU C 268 13.51 -30.91 -35.85
CA GLU C 268 14.12 -32.20 -36.14
C GLU C 268 13.58 -33.29 -35.20
N ASN C 269 13.20 -32.90 -33.99
CA ASN C 269 12.59 -33.80 -33.00
C ASN C 269 11.18 -34.21 -33.35
N LEU C 270 10.73 -33.87 -34.54
CA LEU C 270 9.41 -34.23 -34.99
C LEU C 270 9.47 -35.12 -36.21
N LYS C 271 10.66 -35.44 -36.68
CA LYS C 271 10.90 -36.40 -37.75
C LYS C 271 9.90 -37.56 -37.75
N ALA C 272 9.78 -38.30 -36.64
CA ALA C 272 8.99 -39.53 -36.65
C ALA C 272 7.48 -39.30 -36.46
N ASP C 273 7.10 -38.21 -35.76
CA ASP C 273 5.70 -37.81 -35.77
C ASP C 273 5.25 -37.48 -37.19
N LEU C 274 6.10 -36.77 -37.93
CA LEU C 274 5.79 -36.40 -39.29
C LEU C 274 5.66 -37.62 -40.20
N GLU C 275 6.33 -38.70 -39.87
CA GLU C 275 6.17 -39.92 -40.64
C GLU C 275 5.03 -40.78 -40.11
N TYR C 276 4.76 -40.77 -38.81
CA TYR C 276 3.65 -41.59 -38.29
C TYR C 276 2.30 -41.01 -38.71
N ALA C 277 2.16 -39.70 -38.65
CA ALA C 277 0.85 -39.09 -38.87
C ALA C 277 0.35 -39.39 -40.26
N ASP C 278 -0.92 -39.78 -40.35
CA ASP C 278 -1.55 -39.95 -41.65
C ASP C 278 -1.71 -38.61 -42.36
N LEU C 279 -2.02 -37.56 -41.59
CA LEU C 279 -2.21 -36.22 -42.12
C LEU C 279 -1.68 -35.20 -41.11
N VAL C 280 -1.22 -34.06 -41.61
CA VAL C 280 -0.63 -33.03 -40.78
C VAL C 280 -1.24 -31.67 -41.12
N LEU C 281 -1.83 -31.01 -40.12
CA LEU C 281 -2.47 -29.70 -40.29
C LEU C 281 -1.74 -28.61 -39.52
N THR C 282 -1.45 -27.49 -40.20
CA THR C 282 -0.84 -26.33 -39.57
C THR C 282 -1.63 -25.06 -39.91
N ASP C 283 -1.64 -24.13 -38.96
CA ASP C 283 -2.39 -22.90 -39.10
C ASP C 283 -1.52 -21.72 -39.55
N ARG C 284 -0.31 -21.99 -40.03
CA ARG C 284 0.64 -20.98 -40.48
C ARG C 284 1.16 -21.37 -41.86
N MET C 285 1.09 -20.44 -42.82
CA MET C 285 1.67 -20.72 -44.13
C MET C 285 3.19 -20.92 -44.06
N ASP C 286 3.86 -20.22 -43.14
CA ASP C 286 5.32 -20.34 -43.03
C ASP C 286 5.74 -21.59 -42.30
N PHE C 287 4.96 -22.05 -41.31
CA PHE C 287 5.20 -23.35 -40.68
C PHE C 287 5.00 -24.48 -41.68
N LYS C 288 4.02 -24.34 -42.58
CA LYS C 288 3.86 -25.36 -43.61
C LYS C 288 5.08 -25.45 -44.52
N GLU C 289 5.66 -24.30 -44.87
CA GLU C 289 6.82 -24.28 -45.76
C GLU C 289 8.06 -24.84 -45.04
N THR C 290 8.34 -24.35 -43.84
CA THR C 290 9.43 -24.89 -43.02
C THR C 290 9.37 -26.41 -42.99
N LEU C 291 8.18 -26.97 -42.72
CA LEU C 291 8.02 -28.40 -42.56
C LEU C 291 8.07 -29.16 -43.87
N GLN C 292 7.96 -28.49 -45.01
CA GLN C 292 7.96 -29.19 -46.29
C GLN C 292 9.32 -29.16 -46.97
N ASN C 293 10.16 -28.25 -46.55
CA ASN C 293 11.50 -28.11 -47.06
C ASN C 293 12.42 -28.96 -46.24
N TYR C 294 12.11 -29.02 -44.97
CA TYR C 294 12.69 -29.87 -44.02
C TYR C 294 11.67 -30.97 -44.03
N PHE C 295 12.13 -32.18 -44.10
CA PHE C 295 11.22 -33.31 -44.26
C PHE C 295 10.49 -33.32 -45.61
N PRO C 296 11.23 -33.19 -46.72
CA PRO C 296 10.56 -33.03 -48.03
C PRO C 296 9.78 -34.25 -48.48
N LEU C 297 9.98 -35.42 -47.85
CA LEU C 297 9.17 -36.60 -48.19
C LEU C 297 7.77 -36.50 -47.58
N GLN C 298 7.70 -36.29 -46.27
CA GLN C 298 6.46 -36.03 -45.54
C GLN C 298 5.65 -34.85 -46.10
N ALA C 299 6.28 -34.04 -46.96
CA ALA C 299 5.56 -32.97 -47.63
C ALA C 299 4.64 -33.58 -48.68
N GLU C 300 3.44 -33.00 -48.81
CA GLU C 300 2.29 -33.45 -49.64
C GLU C 300 1.23 -34.07 -48.73
N LYS C 301 1.61 -34.29 -47.48
CA LYS C 301 0.72 -34.65 -46.40
C LYS C 301 0.39 -33.46 -45.52
N ILE C 302 1.02 -32.32 -45.78
CA ILE C 302 1.09 -31.22 -44.83
C ILE C 302 0.32 -30.05 -45.42
N HIS C 303 -0.68 -29.56 -44.68
CA HIS C 303 -1.73 -28.73 -45.25
C HIS C 303 -1.90 -27.46 -44.44
N TYR C 304 -2.06 -26.34 -45.14
CA TYR C 304 -2.44 -25.09 -44.51
C TYR C 304 -3.97 -25.03 -44.44
N LEU C 305 -4.50 -24.63 -43.30
CA LEU C 305 -5.93 -24.80 -43.11
C LEU C 305 -6.38 -24.07 -41.86
N SER C 306 -7.51 -23.41 -41.95
CA SER C 306 -8.04 -22.71 -40.80
C SER C 306 -8.61 -23.70 -39.79
N PRO C 307 -8.53 -23.37 -38.51
CA PRO C 307 -9.30 -24.12 -37.52
C PRO C 307 -10.69 -23.52 -37.35
N PHE C 308 -10.87 -22.30 -37.82
CA PHE C 308 -12.13 -21.59 -37.60
C PHE C 308 -13.03 -21.66 -38.82
N ASP C 309 -14.32 -21.81 -38.56
CA ASP C 309 -15.27 -22.06 -39.61
C ASP C 309 -16.02 -20.77 -39.90
N THR C 310 -16.42 -20.64 -41.16
CA THR C 310 -17.23 -19.51 -41.57
C THR C 310 -18.68 -19.68 -41.13
N ARG C 311 -19.34 -18.56 -40.87
CA ARG C 311 -20.76 -18.46 -40.62
C ARG C 311 -21.28 -17.40 -41.58
N LEU C 312 -22.56 -17.50 -41.92
CA LEU C 312 -23.24 -16.35 -42.49
C LEU C 312 -23.58 -15.39 -41.34
N GLN C 313 -23.00 -14.20 -41.38
CA GLN C 313 -23.27 -13.17 -40.36
C GLN C 313 -22.98 -11.80 -40.96
N LEU C 314 -23.67 -11.49 -42.06
CA LEU C 314 -23.29 -10.40 -42.92
C LEU C 314 -23.41 -9.02 -42.25
N GLY C 315 -22.58 -8.10 -42.71
CA GLY C 315 -22.42 -6.82 -42.05
C GLY C 315 -23.39 -5.78 -42.56
N LYS C 316 -23.71 -4.83 -41.70
CA LYS C 316 -24.60 -3.72 -42.03
C LYS C 316 -23.80 -2.46 -42.35
N SER C 317 -22.82 -2.62 -43.24
CA SER C 317 -21.93 -1.52 -43.58
C SER C 317 -22.54 -0.61 -44.63
N GLN C 318 -23.46 -1.15 -45.43
CA GLN C 318 -24.24 -0.31 -46.36
C GLN C 318 -24.99 0.79 -45.60
N GLN C 319 -25.61 0.44 -44.48
CA GLN C 319 -26.20 1.44 -43.57
C GLN C 319 -25.25 2.45 -42.93
N ARG C 320 -24.19 2.91 -43.62
CA ARG C 320 -23.21 3.80 -43.01
C ARG C 320 -22.59 4.70 -44.06
N HIS C 321 -22.36 5.99 -43.72
CA HIS C 321 -21.75 6.94 -44.67
C HIS C 321 -20.24 7.02 -44.52
N GLU C 322 -19.75 7.06 -43.29
CA GLU C 322 -18.33 6.87 -43.05
C GLU C 322 -17.95 5.41 -43.34
N SER C 323 -16.93 5.22 -44.18
CA SER C 323 -16.34 3.89 -44.37
C SER C 323 -15.40 3.55 -43.22
N LYS C 324 -15.74 2.50 -42.46
CA LYS C 324 -14.93 2.04 -41.34
C LYS C 324 -13.96 0.97 -41.84
N ILE C 325 -12.66 1.25 -41.72
CA ILE C 325 -11.60 0.32 -42.14
C ILE C 325 -11.04 -0.38 -40.91
N PHE C 326 -11.00 -1.70 -40.94
CA PHE C 326 -10.40 -2.50 -39.88
C PHE C 326 -9.00 -2.90 -40.32
N TYR C 327 -8.00 -2.54 -39.52
CA TYR C 327 -6.59 -2.78 -39.81
C TYR C 327 -6.06 -3.78 -38.79
N GLN C 328 -5.65 -4.95 -39.28
CA GLN C 328 -5.20 -6.02 -38.40
C GLN C 328 -3.69 -5.97 -38.26
N ILE C 329 -3.22 -5.92 -37.01
CA ILE C 329 -1.81 -5.77 -36.68
C ILE C 329 -1.36 -7.01 -35.93
N ASP C 330 -0.31 -7.64 -36.42
CA ASP C 330 0.42 -8.63 -35.65
C ASP C 330 1.32 -7.91 -34.65
N LEU C 331 0.98 -7.99 -33.38
CA LEU C 331 1.84 -7.42 -32.34
C LEU C 331 3.03 -8.32 -32.00
N SER C 332 2.90 -9.63 -32.19
CA SER C 332 4.02 -10.53 -31.97
C SER C 332 5.02 -10.33 -33.09
N GLU C 333 5.19 -9.07 -33.51
CA GLU C 333 5.98 -8.74 -34.68
C GLU C 333 6.47 -7.31 -34.56
N LEU C 334 7.58 -7.02 -35.22
CA LEU C 334 7.98 -5.64 -35.40
C LEU C 334 6.91 -4.91 -36.19
N LEU C 335 6.38 -3.84 -35.61
CA LEU C 335 5.49 -2.98 -36.36
C LEU C 335 6.18 -2.56 -37.65
N ASN C 336 5.53 -2.79 -38.79
CA ASN C 336 6.05 -2.26 -40.04
C ASN C 336 5.64 -0.80 -40.12
N ASP C 337 6.63 0.09 -39.96
CA ASP C 337 6.37 1.52 -39.92
C ASP C 337 5.80 2.03 -41.24
N TYR C 338 6.33 1.52 -42.36
CA TYR C 338 5.78 1.90 -43.67
C TYR C 338 4.33 1.47 -43.81
N ALA C 339 4.01 0.27 -43.32
CA ALA C 339 2.65 -0.22 -43.32
C ALA C 339 1.72 0.66 -42.50
N ILE C 340 2.07 0.88 -41.23
CA ILE C 340 1.19 1.70 -40.40
C ILE C 340 0.97 3.06 -41.04
N PHE C 341 2.01 3.60 -41.67
CA PHE C 341 1.92 4.93 -42.26
C PHE C 341 0.95 4.97 -43.43
N LYS C 342 1.06 4.03 -44.38
CA LYS C 342 0.20 4.07 -45.56
C LYS C 342 -1.28 4.00 -45.17
N VAL C 343 -1.62 3.17 -44.19
CA VAL C 343 -3.01 3.11 -43.76
C VAL C 343 -3.40 4.41 -43.07
N LEU C 344 -2.45 5.06 -42.41
CA LEU C 344 -2.75 6.36 -41.79
C LEU C 344 -2.88 7.44 -42.87
N PHE C 345 -1.90 7.50 -43.78
CA PHE C 345 -1.95 8.49 -44.85
C PHE C 345 -3.27 8.42 -45.58
N TYR C 346 -3.70 7.20 -45.94
CA TYR C 346 -4.94 7.05 -46.69
C TYR C 346 -6.11 7.61 -45.90
N VAL C 347 -6.25 7.16 -44.65
CA VAL C 347 -7.37 7.60 -43.82
C VAL C 347 -7.38 9.11 -43.67
N ALA C 348 -6.18 9.72 -43.62
CA ALA C 348 -6.06 11.17 -43.48
C ALA C 348 -6.60 11.89 -44.71
N GLN C 349 -6.20 11.41 -45.89
CA GLN C 349 -6.57 12.03 -47.15
C GLN C 349 -8.04 11.82 -47.53
N HIS C 350 -8.72 10.86 -46.93
CA HIS C 350 -10.10 10.54 -47.27
C HIS C 350 -10.98 10.75 -46.05
N PRO C 351 -11.72 11.87 -45.98
CA PRO C 351 -12.33 12.24 -44.69
C PRO C 351 -13.44 11.32 -44.25
N ASP C 352 -14.11 10.62 -45.17
CA ASP C 352 -15.22 9.76 -44.78
C ASP C 352 -14.77 8.32 -44.46
N THR C 353 -13.46 8.09 -44.37
CA THR C 353 -12.97 6.85 -43.80
C THR C 353 -12.85 7.00 -42.29
N GLU C 354 -12.64 5.85 -41.64
CA GLU C 354 -12.62 5.72 -40.20
C GLU C 354 -11.76 4.49 -39.91
N LEU C 355 -10.96 4.51 -38.85
CA LEU C 355 -9.95 3.45 -38.63
C LEU C 355 -10.11 2.78 -37.28
N VAL C 356 -10.06 1.46 -37.27
CA VAL C 356 -9.94 0.69 -36.05
C VAL C 356 -8.69 -0.16 -36.24
N ILE C 357 -7.61 0.22 -35.57
CA ILE C 357 -6.45 -0.67 -35.52
C ILE C 357 -6.71 -1.76 -34.49
N GLY C 358 -6.70 -3.02 -34.94
CA GLY C 358 -7.02 -4.16 -34.09
C GLY C 358 -5.79 -5.00 -33.75
N VAL C 359 -5.66 -5.32 -32.46
CA VAL C 359 -4.72 -6.33 -31.97
C VAL C 359 -5.48 -7.26 -31.03
N TYR C 360 -5.15 -8.56 -31.06
CA TYR C 360 -5.70 -9.52 -30.09
C TYR C 360 -4.77 -9.67 -28.91
N ASN C 361 -5.33 -9.65 -27.69
CA ASN C 361 -4.69 -10.24 -26.52
C ASN C 361 -3.42 -9.47 -26.14
N ALA C 362 -3.47 -8.16 -26.27
CA ALA C 362 -2.29 -7.35 -26.04
C ALA C 362 -2.06 -7.15 -24.55
N TRP C 363 -0.81 -7.28 -24.14
CA TRP C 363 -0.40 -6.74 -22.85
C TRP C 363 -0.57 -5.23 -22.90
N GLN C 364 -1.03 -4.63 -21.79
CA GLN C 364 -1.22 -3.19 -21.76
C GLN C 364 0.03 -2.44 -22.20
N GLU C 365 1.19 -3.07 -22.06
CA GLU C 365 2.42 -2.48 -22.56
C GLU C 365 2.36 -2.36 -24.08
N GLY C 366 2.09 -3.48 -24.75
CA GLY C 366 1.96 -3.45 -26.19
C GLY C 366 0.85 -2.56 -26.70
N ILE C 367 -0.24 -2.44 -25.92
CA ILE C 367 -1.30 -1.50 -26.28
C ILE C 367 -0.73 -0.09 -26.37
N LYS C 368 0.01 0.33 -25.34
CA LYS C 368 0.66 1.63 -25.40
C LYS C 368 1.82 1.62 -26.39
N GLN C 369 2.30 0.44 -26.80
CA GLN C 369 3.32 0.49 -27.84
C GLN C 369 2.69 0.84 -29.18
N VAL C 370 1.40 0.51 -29.35
CA VAL C 370 0.71 0.79 -30.60
C VAL C 370 0.26 2.25 -30.64
N GLU C 371 -0.25 2.75 -29.51
CA GLU C 371 -0.55 4.17 -29.36
C GLU C 371 0.65 5.02 -29.74
N ASN C 372 1.84 4.61 -29.31
CA ASN C 372 3.03 5.43 -29.52
C ASN C 372 3.44 5.45 -30.98
N LYS C 373 3.48 4.30 -31.66
CA LYS C 373 3.91 4.37 -33.05
C LYS C 373 2.92 5.16 -33.90
N VAL C 374 1.62 5.12 -33.57
CA VAL C 374 0.67 5.88 -34.37
C VAL C 374 0.91 7.38 -34.19
N GLU C 375 1.01 7.86 -32.95
CA GLU C 375 1.17 9.30 -32.72
C GLU C 375 2.53 9.79 -33.23
N GLU C 376 3.56 8.96 -33.14
CA GLU C 376 4.88 9.32 -33.63
C GLU C 376 4.88 9.40 -35.15
N LEU C 377 4.24 8.44 -35.83
CA LEU C 377 4.15 8.52 -37.29
C LEU C 377 3.29 9.69 -37.76
N ILE C 378 2.38 10.19 -36.93
CA ILE C 378 1.62 11.34 -37.37
C ILE C 378 2.45 12.61 -37.20
N SER C 379 2.99 12.82 -35.98
CA SER C 379 3.98 13.86 -35.78
C SER C 379 4.95 13.93 -36.94
N ASP C 380 5.62 12.80 -37.22
CA ASP C 380 6.76 12.85 -38.13
C ASP C 380 6.37 12.83 -39.60
N TYR C 381 5.09 12.62 -39.95
CA TYR C 381 4.73 12.52 -41.37
C TYR C 381 3.40 13.12 -41.79
N LEU C 382 2.51 13.47 -40.85
CA LEU C 382 1.20 13.95 -41.26
C LEU C 382 0.75 15.09 -40.35
N ASP C 383 -0.38 15.67 -40.73
CA ASP C 383 -1.05 16.68 -39.94
C ASP C 383 -2.15 15.97 -39.16
N LEU C 384 -2.01 15.93 -37.83
CA LEU C 384 -3.04 15.35 -36.99
C LEU C 384 -4.38 16.04 -37.17
N LYS C 385 -4.40 17.27 -37.72
CA LYS C 385 -5.65 17.98 -37.96
C LYS C 385 -6.61 17.15 -38.82
N ASP C 386 -6.07 16.45 -39.81
CA ASP C 386 -6.92 15.72 -40.75
C ASP C 386 -7.63 14.52 -40.15
N PHE C 387 -7.53 14.26 -38.86
CA PHE C 387 -8.18 13.11 -38.25
C PHE C 387 -9.32 13.48 -37.31
N ILE C 388 -9.56 14.77 -37.09
CA ILE C 388 -10.74 15.18 -36.32
C ILE C 388 -11.97 15.04 -37.22
N LYS C 389 -12.93 14.25 -36.78
CA LYS C 389 -14.18 14.17 -37.52
C LYS C 389 -14.99 15.43 -37.23
N LYS C 390 -15.50 16.05 -38.29
CA LYS C 390 -16.24 17.28 -38.19
C LYS C 390 -17.72 17.05 -38.50
N LEU C 407 -12.97 16.37 -28.41
CA LEU C 407 -12.66 16.24 -29.83
C LEU C 407 -12.49 14.79 -30.25
N GLU C 408 -13.38 14.30 -31.10
CA GLU C 408 -13.36 12.92 -31.55
C GLU C 408 -12.38 12.72 -32.70
N TYR C 409 -11.57 11.66 -32.64
CA TYR C 409 -10.64 11.38 -33.71
C TYR C 409 -11.12 10.22 -34.57
N ARG C 410 -10.79 10.28 -35.84
CA ARG C 410 -11.25 9.32 -36.83
C ARG C 410 -10.48 7.99 -36.82
N PHE C 411 -9.68 7.72 -35.79
CA PHE C 411 -8.96 6.46 -35.67
C PHE C 411 -8.87 6.09 -34.19
N ARG C 412 -8.88 4.78 -33.91
CA ARG C 412 -8.66 4.30 -32.57
C ARG C 412 -8.01 2.93 -32.65
N ILE C 413 -7.55 2.46 -31.48
CA ILE C 413 -6.90 1.17 -31.31
C ILE C 413 -7.83 0.30 -30.48
N ARG C 414 -8.15 -0.89 -30.99
CA ARG C 414 -9.06 -1.81 -30.31
C ARG C 414 -8.31 -3.07 -29.85
N ASN C 415 -8.36 -3.35 -28.56
CA ASN C 415 -7.81 -4.59 -28.05
C ASN C 415 -8.93 -5.62 -27.93
N ILE C 416 -8.94 -6.58 -28.85
CA ILE C 416 -9.94 -7.64 -28.89
C ILE C 416 -9.50 -8.79 -27.99
N THR C 417 -10.30 -9.08 -26.95
CA THR C 417 -10.01 -10.16 -25.99
C THR C 417 -11.22 -11.11 -25.82
N ASP C 418 -11.90 -11.44 -26.93
CA ASP C 418 -13.33 -11.77 -26.90
C ASP C 418 -13.82 -12.00 -28.33
N GLU C 419 -14.46 -13.14 -28.58
CA GLU C 419 -14.87 -13.41 -29.96
C GLU C 419 -16.03 -12.53 -30.40
N LEU C 420 -16.95 -12.20 -29.48
CA LEU C 420 -18.09 -11.38 -29.85
C LEU C 420 -17.65 -9.96 -30.22
N SER C 421 -16.72 -9.39 -29.45
CA SER C 421 -16.29 -8.03 -29.74
C SER C 421 -15.85 -7.89 -31.18
N LEU C 422 -15.09 -8.87 -31.70
CA LEU C 422 -14.59 -8.74 -33.06
C LEU C 422 -15.73 -8.74 -34.06
N ILE C 423 -16.73 -9.61 -33.86
CA ILE C 423 -17.94 -9.57 -34.66
C ILE C 423 -18.53 -8.16 -34.63
N GLN C 424 -18.65 -7.60 -33.42
CA GLN C 424 -19.27 -6.30 -33.25
C GLN C 424 -18.44 -5.22 -33.94
N GLU C 425 -17.11 -5.29 -33.82
CA GLU C 425 -16.32 -4.34 -34.57
C GLU C 425 -16.57 -4.50 -36.06
N LEU C 426 -16.66 -5.75 -36.52
CA LEU C 426 -16.69 -6.04 -37.94
C LEU C 426 -18.05 -5.93 -38.59
N ASP C 427 -19.14 -5.70 -37.85
CA ASP C 427 -20.45 -5.65 -38.49
C ASP C 427 -20.49 -4.47 -39.45
N ASP C 428 -20.43 -3.26 -38.92
CA ASP C 428 -20.35 -2.03 -39.69
C ASP C 428 -18.95 -1.73 -40.25
N THR C 429 -18.06 -2.71 -40.36
CA THR C 429 -16.78 -2.49 -41.03
C THR C 429 -16.95 -2.65 -42.55
N ARG C 430 -16.35 -1.75 -43.31
CA ARG C 430 -16.43 -1.79 -44.78
C ARG C 430 -15.19 -2.38 -45.45
N LEU C 431 -14.01 -2.18 -44.90
CA LEU C 431 -12.81 -2.76 -45.49
C LEU C 431 -11.97 -3.34 -44.37
N ILE C 432 -11.28 -4.44 -44.67
CA ILE C 432 -10.26 -5.00 -43.78
C ILE C 432 -8.90 -4.76 -44.44
N ILE C 433 -7.95 -4.26 -43.65
CA ILE C 433 -6.53 -4.20 -44.02
C ILE C 433 -5.77 -5.11 -43.06
N ASP C 434 -5.04 -6.07 -43.60
CA ASP C 434 -4.05 -6.82 -42.84
C ASP C 434 -2.85 -6.93 -43.78
N LEU C 435 -1.74 -6.30 -43.40
CA LEU C 435 -0.57 -6.25 -44.27
C LEU C 435 0.58 -7.07 -43.72
N SER C 436 0.27 -8.02 -42.83
CA SER C 436 1.29 -8.88 -42.23
C SER C 436 1.80 -9.90 -43.25
N GLN C 437 2.97 -10.48 -42.91
CA GLN C 437 3.56 -11.55 -43.70
C GLN C 437 2.75 -12.81 -43.60
N GLN C 438 2.01 -12.96 -42.51
CA GLN C 438 1.06 -14.04 -42.28
C GLN C 438 -0.22 -13.36 -41.82
N PRO C 439 -1.13 -13.05 -42.75
CA PRO C 439 -2.38 -12.40 -42.36
C PRO C 439 -3.08 -13.16 -41.25
N ASN C 440 -3.59 -12.43 -40.27
CA ASN C 440 -4.24 -13.06 -39.13
C ASN C 440 -5.43 -13.88 -39.60
N LEU C 441 -5.38 -15.18 -39.29
CA LEU C 441 -6.29 -16.16 -39.88
C LEU C 441 -7.67 -16.04 -39.28
N TYR C 442 -7.75 -15.78 -37.99
CA TYR C 442 -9.06 -15.63 -37.35
C TYR C 442 -9.84 -14.47 -37.94
N THR C 443 -9.15 -13.34 -38.17
CA THR C 443 -9.75 -12.17 -38.80
C THR C 443 -10.21 -12.48 -40.22
N GLN C 444 -9.33 -13.13 -40.99
CA GLN C 444 -9.65 -13.50 -42.37
C GLN C 444 -10.97 -14.24 -42.46
N ILE C 445 -11.17 -15.24 -41.60
CA ILE C 445 -12.40 -16.02 -41.60
C ILE C 445 -13.59 -15.12 -41.25
N ALA C 446 -13.54 -14.55 -40.04
CA ALA C 446 -14.62 -13.67 -39.58
C ALA C 446 -14.92 -12.57 -40.61
N GLY C 447 -13.93 -12.16 -41.39
CA GLY C 447 -14.18 -11.22 -42.44
C GLY C 447 -14.97 -11.80 -43.60
N ILE C 448 -14.61 -13.03 -44.01
CA ILE C 448 -15.47 -13.72 -44.97
C ILE C 448 -16.89 -13.82 -44.41
N SER C 449 -17.01 -14.14 -43.13
CA SER C 449 -18.30 -14.35 -42.52
C SER C 449 -19.20 -13.12 -42.64
N ALA C 450 -18.61 -11.93 -42.69
CA ALA C 450 -19.37 -10.68 -42.71
C ALA C 450 -19.38 -10.02 -44.07
N GLY C 451 -18.67 -10.56 -45.04
CA GLY C 451 -18.81 -10.05 -46.39
C GLY C 451 -18.03 -8.77 -46.60
N ILE C 452 -16.83 -8.71 -46.06
CA ILE C 452 -15.97 -7.54 -46.01
C ILE C 452 -14.78 -7.82 -46.93
N PRO C 453 -14.51 -6.97 -47.92
CA PRO C 453 -13.33 -7.22 -48.76
C PRO C 453 -12.09 -7.04 -47.92
N GLN C 454 -11.05 -7.80 -48.27
CA GLN C 454 -9.83 -7.82 -47.47
C GLN C 454 -8.66 -7.55 -48.37
N ILE C 455 -7.93 -6.50 -48.04
CA ILE C 455 -6.68 -6.20 -48.73
C ILE C 455 -5.55 -6.86 -47.96
N ASN C 456 -4.74 -7.60 -48.68
CA ASN C 456 -3.70 -8.42 -48.10
C ASN C 456 -2.43 -8.24 -48.91
N LEU C 457 -1.31 -8.35 -48.19
CA LEU C 457 0.02 -8.25 -48.76
C LEU C 457 0.45 -9.52 -49.48
N VAL C 458 -0.15 -10.67 -49.16
CA VAL C 458 0.35 -11.99 -49.51
C VAL C 458 -0.80 -12.95 -49.83
N ALA C 459 -0.81 -13.52 -51.03
CA ALA C 459 -1.78 -14.52 -51.44
C ALA C 459 -1.98 -15.64 -50.41
N SER C 460 -3.15 -16.26 -50.45
CA SER C 460 -3.62 -17.27 -49.50
C SER C 460 -4.93 -17.85 -50.02
N ASP C 461 -5.40 -18.91 -49.37
CA ASP C 461 -6.60 -19.57 -49.87
C ASP C 461 -7.86 -18.81 -49.51
N TYR C 462 -7.84 -18.06 -48.40
CA TYR C 462 -9.04 -17.40 -47.91
C TYR C 462 -9.27 -16.02 -48.52
N VAL C 463 -8.26 -15.41 -49.13
CA VAL C 463 -8.42 -14.13 -49.82
C VAL C 463 -7.80 -14.27 -51.19
N THR C 464 -8.62 -14.08 -52.22
CA THR C 464 -8.27 -14.35 -53.61
C THR C 464 -8.40 -13.06 -54.40
N HIS C 465 -7.38 -12.76 -55.20
CA HIS C 465 -7.26 -11.46 -55.83
C HIS C 465 -8.41 -11.18 -56.80
N LEU C 466 -9.14 -10.11 -56.53
CA LEU C 466 -10.28 -9.61 -57.30
C LEU C 466 -11.54 -10.46 -57.09
N GLN C 467 -11.49 -11.48 -56.24
CA GLN C 467 -12.72 -12.14 -55.83
C GLN C 467 -13.14 -11.50 -54.51
N ASN C 468 -12.84 -12.12 -53.36
CA ASN C 468 -13.30 -11.57 -52.09
C ASN C 468 -12.29 -10.59 -51.48
N GLY C 469 -11.18 -10.33 -52.16
CA GLY C 469 -10.24 -9.33 -51.70
C GLY C 469 -9.26 -8.93 -52.78
N TYR C 470 -8.20 -8.26 -52.36
CA TYR C 470 -7.18 -7.68 -53.23
C TYR C 470 -5.83 -8.04 -52.65
N ILE C 471 -4.91 -8.51 -53.49
CA ILE C 471 -3.55 -8.80 -53.04
C ILE C 471 -2.58 -7.91 -53.80
N LEU C 472 -1.87 -7.07 -53.04
CA LEU C 472 -0.99 -6.06 -53.59
C LEU C 472 0.37 -6.65 -53.96
N ASP C 473 0.85 -6.33 -55.15
CA ASP C 473 2.25 -6.60 -55.49
C ASP C 473 3.16 -6.07 -54.39
N SER C 474 2.93 -4.83 -53.98
CA SER C 474 3.71 -4.13 -52.98
C SER C 474 2.79 -3.35 -52.06
N ILE C 475 3.23 -3.19 -50.81
CA ILE C 475 2.48 -2.41 -49.84
C ILE C 475 2.38 -0.95 -50.24
N SER C 476 3.10 -0.53 -51.28
CA SER C 476 2.96 0.80 -51.86
C SER C 476 1.73 0.93 -52.76
N GLN C 477 1.04 -0.16 -53.05
CA GLN C 477 -0.16 -0.07 -53.87
C GLN C 477 -1.43 0.08 -53.03
N LEU C 478 -1.29 0.30 -51.72
CA LEU C 478 -2.43 0.28 -50.83
C LEU C 478 -3.56 1.17 -51.31
N ALA C 479 -3.25 2.34 -51.89
CA ALA C 479 -4.29 3.32 -52.14
C ALA C 479 -5.20 2.89 -53.28
N VAL C 480 -4.62 2.36 -54.35
CA VAL C 480 -5.38 1.75 -55.44
C VAL C 480 -6.40 0.74 -54.91
N ALA C 481 -5.96 -0.19 -54.05
CA ALA C 481 -6.84 -1.29 -53.62
C ALA C 481 -7.98 -0.80 -52.73
N ALA C 482 -7.70 0.07 -51.77
CA ALA C 482 -8.79 0.63 -50.98
C ALA C 482 -9.75 1.45 -51.86
N ASP C 483 -9.21 2.28 -52.77
CA ASP C 483 -10.06 2.99 -53.75
C ASP C 483 -10.93 2.01 -54.52
N TYR C 484 -10.38 0.84 -54.86
CA TYR C 484 -11.13 -0.14 -55.64
C TYR C 484 -12.38 -0.64 -54.92
N TYR C 485 -12.36 -0.71 -53.59
CA TYR C 485 -13.55 -1.11 -52.86
C TYR C 485 -14.36 0.05 -52.30
N LEU C 486 -13.68 1.12 -51.88
CA LEU C 486 -14.31 2.23 -51.17
C LEU C 486 -14.91 3.30 -52.07
N GLN C 487 -14.49 3.36 -53.34
CA GLN C 487 -14.82 4.46 -54.25
C GLN C 487 -15.89 3.96 -55.23
N GLY C 488 -17.10 3.79 -54.70
CA GLY C 488 -18.23 3.24 -55.43
C GLY C 488 -18.78 1.98 -54.79
N LEU C 489 -19.84 1.44 -55.41
CA LEU C 489 -20.63 0.29 -54.94
C LEU C 489 -20.38 -1.00 -55.70
N LYS C 490 -20.22 -0.94 -57.02
CA LYS C 490 -20.04 -2.10 -57.87
C LYS C 490 -19.00 -3.08 -57.35
N ASN C 491 -17.71 -2.68 -57.39
CA ASN C 491 -16.63 -3.59 -57.01
C ASN C 491 -16.88 -4.21 -55.63
N TRP C 492 -17.27 -3.38 -54.66
CA TRP C 492 -17.51 -3.88 -53.31
C TRP C 492 -18.62 -4.91 -53.29
N ASN C 493 -19.67 -4.66 -54.06
CA ASN C 493 -20.80 -5.58 -54.12
C ASN C 493 -20.40 -6.92 -54.72
N GLN C 494 -19.68 -6.89 -55.83
CA GLN C 494 -19.17 -8.12 -56.40
C GLN C 494 -18.29 -8.87 -55.41
N ALA C 495 -17.57 -8.15 -54.54
CA ALA C 495 -16.79 -8.83 -53.51
C ALA C 495 -17.70 -9.56 -52.52
N LEU C 496 -18.82 -8.93 -52.13
CA LEU C 496 -19.73 -9.59 -51.20
C LEU C 496 -20.29 -10.88 -51.79
N ILE C 497 -20.34 -10.99 -53.12
CA ILE C 497 -20.84 -12.23 -53.70
C ILE C 497 -19.78 -13.33 -53.60
N TYR C 498 -18.51 -12.98 -53.77
CA TYR C 498 -17.42 -13.93 -53.65
C TYR C 498 -17.13 -14.27 -52.19
N SER C 499 -17.35 -13.31 -51.31
CA SER C 499 -17.21 -13.59 -49.89
C SER C 499 -18.28 -14.58 -49.43
N ILE C 500 -19.50 -14.46 -49.98
CA ILE C 500 -20.55 -15.43 -49.71
C ILE C 500 -20.14 -16.84 -50.17
N GLU C 501 -19.57 -16.92 -51.38
CA GLU C 501 -19.09 -18.21 -51.88
C GLU C 501 -17.99 -18.79 -50.99
N LYS C 502 -17.06 -17.94 -50.51
CA LYS C 502 -16.05 -18.41 -49.57
C LYS C 502 -16.70 -18.99 -48.31
N ILE C 503 -17.70 -18.28 -47.77
CA ILE C 503 -18.42 -18.77 -46.59
C ILE C 503 -18.85 -20.20 -46.82
N LYS C 504 -19.60 -20.43 -47.91
CA LYS C 504 -20.14 -21.75 -48.21
C LYS C 504 -19.05 -22.80 -48.32
N LEU C 505 -17.84 -22.40 -48.71
CA LEU C 505 -16.76 -23.38 -48.88
C LEU C 505 -15.96 -23.66 -47.62
N ASN C 506 -16.30 -23.04 -46.48
CA ASN C 506 -15.47 -23.14 -45.28
C ASN C 506 -16.34 -23.18 -44.02
N THR C 507 -17.50 -23.86 -44.08
CA THR C 507 -18.61 -23.67 -43.15
C THR C 507 -18.49 -24.44 -41.85
N GLY C 508 -17.75 -25.55 -41.86
CA GLY C 508 -17.70 -26.45 -40.73
C GLY C 508 -17.89 -27.82 -41.31
N HIS C 509 -19.06 -28.01 -41.93
CA HIS C 509 -19.32 -29.13 -42.81
C HIS C 509 -18.22 -29.31 -43.85
N GLN C 510 -17.69 -28.21 -44.37
CA GLN C 510 -16.68 -28.28 -45.42
C GLN C 510 -15.29 -28.61 -44.86
N VAL C 511 -15.08 -28.40 -43.56
CA VAL C 511 -13.80 -28.66 -42.93
C VAL C 511 -13.62 -30.14 -42.62
N ILE C 512 -14.64 -30.75 -42.00
CA ILE C 512 -14.58 -32.19 -41.82
C ILE C 512 -14.49 -32.88 -43.17
N LYS C 513 -15.31 -32.41 -44.12
CA LYS C 513 -15.29 -33.02 -45.44
C LYS C 513 -13.88 -33.05 -46.01
N ARG C 514 -13.08 -32.00 -45.72
CA ARG C 514 -11.74 -31.77 -46.26
C ARG C 514 -10.64 -32.50 -45.47
N TRP C 515 -10.65 -32.38 -44.13
CA TRP C 515 -9.89 -33.30 -43.29
C TRP C 515 -10.00 -34.73 -43.82
N GLU C 516 -11.24 -35.20 -44.02
CA GLU C 516 -11.43 -36.56 -44.48
C GLU C 516 -10.88 -36.77 -45.88
N LYS C 517 -11.22 -35.90 -46.82
CA LYS C 517 -10.71 -36.11 -48.17
C LYS C 517 -9.18 -36.16 -48.16
N TRP C 518 -8.55 -35.18 -47.50
CA TRP C 518 -7.09 -35.12 -47.39
C TRP C 518 -6.52 -36.35 -46.69
N LEU C 519 -7.14 -36.75 -45.56
CA LEU C 519 -6.77 -37.99 -44.85
C LEU C 519 -6.70 -39.18 -45.81
N LYS C 520 -7.79 -39.44 -46.53
CA LYS C 520 -7.85 -40.56 -47.44
C LYS C 520 -6.87 -40.40 -48.60
N GLU C 521 -6.57 -39.16 -49.01
CA GLU C 521 -5.61 -38.97 -50.09
C GLU C 521 -4.18 -39.11 -49.59
N ALA C 522 -3.90 -38.63 -48.38
CA ALA C 522 -2.58 -38.86 -47.82
C ALA C 522 -2.31 -40.36 -47.67
N ILE C 523 -3.17 -41.07 -46.93
CA ILE C 523 -3.03 -42.51 -46.74
C ILE C 523 -2.89 -43.22 -48.08
N ASP C 524 -3.61 -42.76 -49.09
CA ASP C 524 -3.52 -43.42 -50.39
C ASP C 524 -2.13 -43.34 -50.98
N GLU C 525 -1.28 -42.41 -50.53
CA GLU C 525 0.10 -42.41 -51.02
C GLU C 525 1.07 -43.12 -50.09
N LYS C 526 0.69 -43.40 -48.85
CA LYS C 526 1.45 -44.35 -48.04
C LYS C 526 1.44 -45.72 -48.69
N VAL C 527 2.64 -46.30 -48.83
CA VAL C 527 2.72 -47.76 -48.93
C VAL C 527 2.31 -48.37 -47.58
N ASP C 528 1.90 -49.67 -47.62
CA ASP C 528 1.55 -50.46 -46.43
C ASP C 528 0.09 -50.23 -45.98
N LYS C 529 -0.53 -49.10 -46.30
CA LYS C 529 -1.81 -48.76 -45.67
C LYS C 529 -2.97 -48.72 -46.65
N LEU C 530 -4.13 -49.22 -46.20
CA LEU C 530 -5.38 -49.06 -46.93
C LEU C 530 -6.05 -47.72 -46.62
N VAL C 531 -6.77 -47.20 -47.61
CA VAL C 531 -7.64 -46.03 -47.43
C VAL C 531 -8.89 -46.43 -46.64
N PRO C 532 -9.20 -45.77 -45.52
CA PRO C 532 -10.39 -46.18 -44.73
C PRO C 532 -11.72 -46.02 -45.48
N MET D 1 -15.95 -46.25 29.54
CA MET D 1 -15.78 -47.31 28.55
C MET D 1 -14.92 -48.48 29.08
N TYR D 2 -15.47 -49.69 28.96
CA TYR D 2 -14.79 -50.91 29.35
C TYR D 2 -14.25 -51.61 28.10
N TYR D 3 -12.99 -52.04 28.18
CA TYR D 3 -12.33 -52.82 27.15
C TYR D 3 -11.98 -54.20 27.71
N PHE D 4 -12.11 -55.22 26.88
CA PHE D 4 -11.85 -56.58 27.31
C PHE D 4 -10.73 -57.15 26.46
N ILE D 5 -9.69 -57.65 27.13
CA ILE D 5 -8.55 -58.27 26.46
C ILE D 5 -8.58 -59.73 26.86
N PRO D 6 -9.16 -60.62 26.06
CA PRO D 6 -9.29 -62.02 26.46
C PRO D 6 -8.06 -62.86 26.14
N SER D 7 -8.01 -64.04 26.76
CA SER D 7 -7.07 -65.07 26.36
C SER D 7 -7.82 -66.14 25.58
N TRP D 8 -8.13 -65.80 24.34
CA TRP D 8 -8.79 -66.73 23.43
C TRP D 8 -7.72 -67.30 22.50
N SER D 9 -6.96 -68.26 23.03
CA SER D 9 -5.73 -68.78 22.45
C SER D 9 -5.95 -70.08 21.68
N GLY D 10 -4.84 -70.63 21.19
CA GLY D 10 -4.84 -71.87 20.44
C GLY D 10 -4.07 -72.95 21.18
N SER D 11 -4.61 -74.17 21.17
CA SER D 11 -4.07 -75.24 21.98
C SER D 11 -2.61 -75.53 21.65
N GLY D 12 -2.19 -75.28 20.41
CA GLY D 12 -0.83 -75.57 19.99
C GLY D 12 0.26 -74.72 20.62
N LYS D 13 1.45 -74.71 20.00
CA LYS D 13 2.55 -73.92 20.54
C LYS D 13 2.35 -72.42 20.31
N ARG D 14 1.99 -72.05 19.09
CA ARG D 14 1.65 -70.65 18.79
C ARG D 14 0.32 -70.34 19.46
N VAL D 15 0.34 -69.77 20.66
CA VAL D 15 -0.93 -69.56 21.37
C VAL D 15 -1.80 -68.55 20.63
N TRP D 16 -1.19 -67.53 20.03
CA TRP D 16 -1.89 -66.45 19.33
C TRP D 16 -2.58 -66.95 18.07
N HIS D 17 -2.63 -68.26 17.86
CA HIS D 17 -3.23 -68.83 16.67
C HIS D 17 -4.25 -69.88 17.06
N ARG D 18 -5.50 -69.68 16.68
CA ARG D 18 -6.60 -70.54 17.10
C ARG D 18 -6.56 -71.84 16.32
N ASP D 19 -7.07 -72.90 16.95
CA ASP D 19 -7.03 -74.21 16.30
C ASP D 19 -8.06 -74.28 15.17
N ILE D 20 -7.65 -74.90 14.08
CA ILE D 20 -8.53 -75.04 12.92
C ILE D 20 -9.04 -76.47 12.89
N ILE D 21 -10.17 -76.71 13.53
CA ILE D 21 -10.69 -78.05 13.78
C ILE D 21 -11.94 -78.26 12.94
N PRO D 22 -12.04 -79.38 12.20
CA PRO D 22 -13.28 -79.67 11.47
C PRO D 22 -14.43 -79.80 12.44
N TRP D 23 -15.64 -79.66 11.88
CA TRP D 23 -16.82 -79.63 12.73
C TRP D 23 -17.02 -80.97 13.44
N TYR D 24 -16.76 -82.08 12.76
CA TYR D 24 -17.00 -83.42 13.32
C TYR D 24 -16.02 -83.81 14.39
N ARG D 25 -15.00 -82.98 14.65
CA ARG D 25 -14.09 -83.24 15.76
C ARG D 25 -14.18 -82.16 16.83
N SER D 26 -15.22 -81.34 16.80
CA SER D 26 -15.35 -80.21 17.71
C SER D 26 -16.28 -80.61 18.85
N MET D 27 -15.71 -81.03 19.97
CA MET D 27 -16.56 -81.41 21.10
C MET D 27 -17.45 -80.24 21.49
N GLN D 28 -18.76 -80.48 21.47
CA GLN D 28 -19.69 -79.51 22.02
C GLN D 28 -19.37 -79.27 23.49
N ARG D 29 -19.35 -78.00 23.89
CA ARG D 29 -18.87 -77.64 25.21
C ARG D 29 -19.68 -76.47 25.76
N LEU D 30 -19.85 -76.44 27.07
CA LEU D 30 -20.35 -75.25 27.73
C LEU D 30 -19.12 -74.44 28.17
N GLU D 31 -18.88 -73.32 27.49
CA GLU D 31 -17.66 -72.54 27.70
C GLU D 31 -17.84 -71.68 28.94
N PHE D 32 -17.09 -71.99 29.99
CA PHE D 32 -17.22 -71.23 31.23
C PHE D 32 -16.31 -70.02 31.25
N ASP D 33 -15.59 -69.75 30.17
CA ASP D 33 -14.69 -68.62 30.02
C ASP D 33 -15.20 -67.36 30.72
N ASP D 34 -14.34 -66.75 31.55
CA ASP D 34 -14.77 -65.58 32.31
C ASP D 34 -15.15 -64.43 31.39
N THR D 35 -14.42 -64.25 30.31
CA THR D 35 -14.54 -63.03 29.53
C THR D 35 -15.85 -63.00 28.75
N ILE D 36 -16.25 -64.15 28.20
CA ILE D 36 -17.52 -64.26 27.51
C ILE D 36 -18.65 -63.83 28.45
N HIS D 37 -18.73 -64.46 29.62
CA HIS D 37 -19.82 -64.16 30.51
C HIS D 37 -19.72 -62.75 31.05
N GLN D 38 -18.49 -62.22 31.14
CA GLN D 38 -18.34 -60.84 31.59
C GLN D 38 -18.92 -59.89 30.55
N ILE D 39 -18.74 -60.23 29.28
CA ILE D 39 -19.27 -59.41 28.19
C ILE D 39 -20.80 -59.45 28.14
N ARG D 40 -21.41 -60.64 28.32
CA ARG D 40 -22.86 -60.75 28.22
C ARG D 40 -23.55 -59.84 29.23
N ILE D 41 -22.96 -59.69 30.41
CA ILE D 41 -23.49 -58.75 31.40
C ILE D 41 -23.47 -57.33 30.85
N PHE D 42 -22.39 -56.95 30.21
CA PHE D 42 -22.28 -55.61 29.68
C PHE D 42 -23.22 -55.37 28.50
N HIS D 43 -23.81 -56.43 27.94
CA HIS D 43 -24.84 -56.24 26.93
C HIS D 43 -26.25 -56.33 27.52
N SER D 44 -26.46 -57.10 28.60
CA SER D 44 -27.80 -57.16 29.17
C SER D 44 -28.17 -55.81 29.79
N GLU D 45 -27.30 -55.27 30.63
CA GLU D 45 -27.23 -53.82 30.80
C GLU D 45 -26.62 -53.24 29.54
N ASN D 46 -27.13 -52.12 29.06
CA ASN D 46 -26.61 -51.52 27.84
C ASN D 46 -25.51 -50.53 28.23
N LEU D 47 -24.25 -50.97 28.11
CA LEU D 47 -23.08 -50.21 28.57
C LEU D 47 -21.98 -50.39 27.52
N PRO D 48 -21.28 -49.31 27.13
CA PRO D 48 -20.33 -49.44 26.03
C PRO D 48 -19.23 -50.41 26.40
N VAL D 49 -18.86 -51.27 25.43
CA VAL D 49 -17.83 -52.27 25.63
C VAL D 49 -17.16 -52.51 24.28
N LYS D 50 -15.87 -52.82 24.33
CA LYS D 50 -15.10 -53.13 23.13
C LYS D 50 -14.17 -54.31 23.44
N LEU D 51 -14.05 -55.22 22.49
CA LEU D 51 -13.06 -56.28 22.56
C LEU D 51 -11.78 -55.81 21.84
N LEU D 52 -10.62 -56.02 22.47
CA LEU D 52 -9.35 -55.86 21.79
C LEU D 52 -8.69 -57.23 21.76
N LEU D 53 -8.52 -57.78 20.57
CA LEU D 53 -8.19 -59.19 20.40
C LEU D 53 -6.78 -59.35 19.86
N GLN D 54 -5.90 -60.00 20.63
CA GLN D 54 -4.55 -60.28 20.16
C GLN D 54 -4.49 -61.43 19.15
N ALA D 55 -5.42 -62.37 19.21
CA ALA D 55 -5.19 -63.66 18.55
C ALA D 55 -5.74 -63.70 17.12
N TYR D 56 -5.16 -64.59 16.33
CA TYR D 56 -5.61 -64.88 14.96
C TYR D 56 -6.87 -65.76 15.01
N MET D 57 -8.03 -65.14 14.92
CA MET D 57 -9.34 -65.79 14.94
C MET D 57 -10.04 -65.66 13.60
N PRO D 58 -9.59 -66.36 12.54
CA PRO D 58 -10.21 -66.19 11.22
C PRO D 58 -11.66 -66.65 11.18
N HIS D 59 -12.16 -67.16 12.30
CA HIS D 59 -13.53 -67.59 12.46
C HIS D 59 -14.16 -66.90 13.66
N ALA D 60 -13.80 -65.64 13.88
CA ALA D 60 -14.29 -65.00 15.08
C ALA D 60 -15.81 -64.77 15.05
N ARG D 61 -16.43 -64.68 13.87
CA ARG D 61 -17.84 -64.32 13.78
C ARG D 61 -18.75 -65.49 14.14
N TYR D 62 -18.44 -66.69 13.65
CA TYR D 62 -19.20 -67.85 14.09
C TYR D 62 -18.93 -68.15 15.56
N PHE D 63 -17.74 -67.82 16.06
CA PHE D 63 -17.44 -67.98 17.49
C PHE D 63 -18.28 -67.03 18.32
N LEU D 64 -18.20 -65.72 18.03
CA LEU D 64 -18.92 -64.73 18.83
C LEU D 64 -20.41 -64.98 18.80
N HIS D 65 -20.93 -65.41 17.65
CA HIS D 65 -22.36 -65.73 17.57
C HIS D 65 -22.70 -66.94 18.45
N ARG D 66 -21.89 -67.99 18.37
CA ARG D 66 -22.08 -69.19 19.18
C ARG D 66 -22.05 -68.91 20.68
N GLN D 67 -21.28 -67.91 21.12
CA GLN D 67 -21.27 -67.55 22.52
C GLN D 67 -22.27 -66.46 22.86
N ASP D 68 -23.10 -66.04 21.87
CA ASP D 68 -24.15 -65.04 22.02
C ASP D 68 -23.59 -63.74 22.57
N ILE D 69 -22.54 -63.27 21.92
CA ILE D 69 -22.02 -61.93 22.15
C ILE D 69 -21.63 -61.37 20.80
N PHE D 70 -22.48 -61.60 19.80
CA PHE D 70 -22.14 -61.15 18.45
C PHE D 70 -22.16 -59.63 18.36
N GLU D 71 -23.02 -58.97 19.14
CA GLU D 71 -23.29 -57.53 19.11
C GLU D 71 -22.15 -56.74 19.60
N THR D 72 -21.03 -57.39 19.83
CA THR D 72 -19.89 -56.78 20.49
C THR D 72 -19.03 -56.10 19.43
N GLU D 73 -18.67 -54.85 19.68
CA GLU D 73 -17.72 -54.18 18.80
C GLU D 73 -16.30 -54.59 19.19
N TYR D 74 -15.45 -54.75 18.18
CA TYR D 74 -14.15 -55.31 18.47
C TYR D 74 -13.07 -54.78 17.54
N TYR D 75 -11.92 -54.46 18.11
CA TYR D 75 -10.68 -54.33 17.38
C TYR D 75 -9.97 -55.68 17.38
N SER D 76 -9.45 -56.08 16.22
CA SER D 76 -8.68 -57.31 16.08
C SER D 76 -7.31 -57.01 15.49
N VAL D 77 -6.25 -57.37 16.24
CA VAL D 77 -4.87 -57.09 15.83
C VAL D 77 -4.59 -57.65 14.44
N PHE D 78 -4.98 -58.90 14.18
CA PHE D 78 -4.69 -59.51 12.89
C PHE D 78 -5.56 -58.96 11.76
N ASP D 79 -6.65 -58.25 12.08
CA ASP D 79 -7.36 -57.53 11.04
C ASP D 79 -6.53 -56.34 10.56
N GLU D 80 -5.97 -55.55 11.49
CA GLU D 80 -5.06 -54.48 11.10
C GLU D 80 -3.88 -55.04 10.30
N ILE D 81 -3.38 -56.21 10.68
CA ILE D 81 -2.23 -56.82 10.00
C ILE D 81 -2.59 -57.22 8.58
N GLN D 82 -3.73 -57.87 8.42
CA GLN D 82 -4.16 -58.32 7.12
C GLN D 82 -4.94 -57.27 6.36
N ALA D 83 -5.23 -56.13 7.00
CA ALA D 83 -5.90 -54.99 6.37
C ALA D 83 -7.23 -55.43 5.77
N VAL D 84 -8.00 -56.19 6.55
CA VAL D 84 -9.40 -56.46 6.25
C VAL D 84 -10.20 -55.24 6.70
N GLU D 85 -10.84 -54.56 5.76
CA GLU D 85 -11.36 -53.24 6.09
C GLU D 85 -12.83 -53.24 6.47
N SER D 86 -13.55 -54.34 6.30
CA SER D 86 -14.93 -54.44 6.79
C SER D 86 -15.16 -55.82 7.40
N ASN D 87 -16.24 -55.92 8.18
CA ASN D 87 -16.73 -57.19 8.72
C ASN D 87 -17.88 -57.77 7.89
N ASP D 88 -18.07 -57.25 6.67
CA ASP D 88 -19.10 -57.71 5.74
C ASP D 88 -18.84 -59.17 5.41
N MET D 89 -19.62 -60.09 5.97
CA MET D 89 -19.46 -61.47 5.56
C MET D 89 -19.94 -61.64 4.12
N GLN D 90 -19.44 -62.69 3.45
CA GLN D 90 -20.05 -63.13 2.19
C GLN D 90 -19.82 -64.64 2.11
N VAL D 91 -20.91 -65.41 2.17
CA VAL D 91 -20.81 -66.86 2.28
C VAL D 91 -20.25 -67.41 0.98
N LEU D 92 -19.18 -68.17 1.09
CA LEU D 92 -18.61 -68.86 -0.05
C LEU D 92 -19.01 -70.33 0.04
N GLN D 93 -19.88 -70.76 -0.87
CA GLN D 93 -20.15 -72.18 -0.97
C GLN D 93 -19.16 -72.76 -1.99
N ILE D 94 -18.93 -74.08 -1.89
CA ILE D 94 -17.73 -74.71 -2.44
C ILE D 94 -17.41 -74.18 -3.84
N LYS D 95 -18.36 -74.25 -4.76
CA LYS D 95 -18.05 -73.91 -6.15
C LYS D 95 -18.20 -72.41 -6.43
N ASP D 96 -17.75 -71.59 -5.51
CA ASP D 96 -17.58 -70.15 -5.75
C ASP D 96 -16.07 -70.04 -5.84
N LEU D 97 -15.35 -71.05 -6.32
CA LEU D 97 -13.93 -71.04 -6.12
C LEU D 97 -12.84 -71.44 -7.09
N GLU D 98 -11.64 -71.03 -6.73
CA GLU D 98 -10.48 -71.53 -7.46
C GLU D 98 -10.60 -73.03 -7.66
N TRP D 99 -10.95 -73.45 -8.88
CA TRP D 99 -11.02 -74.88 -9.21
C TRP D 99 -10.62 -75.08 -10.66
N GLU D 100 -9.57 -75.87 -10.81
CA GLU D 100 -8.92 -76.24 -12.05
C GLU D 100 -9.90 -76.89 -12.99
N ASP D 101 -9.40 -77.86 -13.74
CA ASP D 101 -10.14 -78.51 -14.78
C ASP D 101 -10.86 -79.82 -14.50
N ASP D 102 -10.12 -80.86 -14.19
CA ASP D 102 -10.71 -82.16 -14.05
C ASP D 102 -11.10 -82.48 -12.69
N CYS D 103 -11.24 -81.48 -11.88
CA CYS D 103 -11.59 -81.71 -10.48
C CYS D 103 -12.86 -82.54 -10.34
N GLU D 104 -12.72 -83.68 -9.68
CA GLU D 104 -13.80 -84.63 -9.44
C GLU D 104 -14.22 -84.47 -7.98
N PHE D 105 -15.39 -83.89 -7.75
CA PHE D 105 -15.89 -83.60 -6.41
C PHE D 105 -16.59 -84.83 -5.85
N ILE D 106 -16.20 -85.25 -4.64
CA ILE D 106 -16.67 -86.51 -4.01
C ILE D 106 -17.24 -86.16 -2.65
N TYR D 107 -18.57 -86.10 -2.54
CA TYR D 107 -19.26 -85.63 -1.34
C TYR D 107 -19.41 -86.76 -0.32
N THR D 108 -18.86 -86.52 0.90
CA THR D 108 -18.88 -87.10 2.23
C THR D 108 -19.91 -86.35 3.09
N PRO D 109 -20.57 -87.04 4.05
CA PRO D 109 -21.37 -86.31 5.05
C PRO D 109 -20.55 -85.27 5.77
N PHE D 110 -19.23 -85.43 5.70
CA PHE D 110 -18.27 -84.68 6.50
C PHE D 110 -17.41 -83.71 5.71
N LEU D 111 -17.08 -83.99 4.45
CA LEU D 111 -16.13 -83.15 3.73
C LEU D 111 -16.23 -83.41 2.23
N ILE D 112 -15.46 -82.63 1.48
CA ILE D 112 -15.40 -82.67 0.03
C ILE D 112 -14.04 -83.25 -0.34
N ILE D 113 -14.03 -84.38 -1.03
CA ILE D 113 -12.77 -84.95 -1.54
C ILE D 113 -12.57 -84.51 -2.99
N VAL D 114 -12.15 -83.27 -3.21
CA VAL D 114 -11.76 -82.87 -4.57
C VAL D 114 -10.58 -83.72 -5.01
N ARG D 115 -10.70 -84.31 -6.20
CA ARG D 115 -9.72 -85.24 -6.73
C ARG D 115 -9.60 -85.02 -8.23
N ARG D 116 -8.39 -85.25 -8.77
CA ARG D 116 -8.20 -85.16 -10.22
C ARG D 116 -7.42 -86.36 -10.71
N GLN D 117 -7.97 -86.99 -11.74
CA GLN D 117 -7.45 -88.23 -12.33
C GLN D 117 -7.33 -89.37 -11.32
N GLY D 118 -8.31 -89.48 -10.42
CA GLY D 118 -8.24 -90.53 -9.43
C GLY D 118 -7.02 -90.42 -8.54
N GLN D 119 -6.65 -89.19 -8.17
CA GLN D 119 -5.46 -88.91 -7.38
C GLN D 119 -5.82 -87.84 -6.36
N LEU D 120 -5.73 -88.18 -5.08
CA LEU D 120 -6.10 -87.27 -4.00
C LEU D 120 -5.55 -85.86 -4.24
N TYR D 121 -6.45 -84.89 -4.31
CA TYR D 121 -6.05 -83.52 -4.58
C TYR D 121 -6.28 -82.59 -3.40
N ALA D 122 -7.52 -82.49 -2.92
CA ALA D 122 -7.86 -81.46 -1.94
C ALA D 122 -8.95 -81.98 -1.03
N HIS D 123 -8.97 -81.45 0.19
CA HIS D 123 -9.97 -81.75 1.21
C HIS D 123 -10.60 -80.44 1.64
N VAL D 124 -11.83 -80.22 1.23
CA VAL D 124 -12.58 -79.03 1.62
C VAL D 124 -13.36 -79.36 2.88
N GLU D 125 -13.05 -78.66 3.98
CA GLU D 125 -13.64 -78.96 5.28
C GLU D 125 -14.36 -77.73 5.83
N PHE D 126 -15.38 -77.97 6.66
CA PHE D 126 -16.31 -76.95 7.13
C PHE D 126 -16.30 -76.88 8.66
N GLY D 127 -16.67 -75.71 9.17
CA GLY D 127 -16.73 -75.49 10.60
C GLY D 127 -18.04 -75.95 11.22
N VAL D 128 -18.18 -75.65 12.52
CA VAL D 128 -19.32 -76.13 13.31
C VAL D 128 -20.63 -75.84 12.60
N GLU D 129 -20.75 -74.66 11.99
CA GLU D 129 -21.98 -74.23 11.34
C GLU D 129 -21.97 -74.46 9.83
N GLY D 130 -20.93 -75.10 9.29
CA GLY D 130 -20.93 -75.51 7.89
C GLY D 130 -20.30 -74.57 6.89
N PHE D 131 -19.78 -73.41 7.32
CA PHE D 131 -18.98 -72.53 6.44
C PHE D 131 -17.68 -73.24 6.04
N ILE D 132 -17.17 -72.90 4.85
CA ILE D 132 -15.91 -73.54 4.44
C ILE D 132 -14.78 -73.10 5.36
N SER D 133 -14.25 -74.05 6.12
CA SER D 133 -13.31 -73.71 7.17
C SER D 133 -11.87 -73.77 6.68
N PHE D 134 -11.53 -74.77 5.87
CA PHE D 134 -10.18 -74.83 5.31
C PHE D 134 -10.15 -75.86 4.19
N ILE D 135 -9.09 -75.78 3.37
CA ILE D 135 -8.85 -76.72 2.29
C ILE D 135 -7.43 -77.29 2.44
N LYS D 136 -7.35 -78.61 2.62
CA LYS D 136 -6.07 -79.33 2.67
C LYS D 136 -5.69 -79.75 1.24
N PHE D 137 -4.69 -79.09 0.66
CA PHE D 137 -4.25 -79.42 -0.69
C PHE D 137 -3.12 -80.45 -0.65
N PHE D 138 -3.23 -81.48 -1.50
CA PHE D 138 -2.33 -82.62 -1.47
C PHE D 138 -1.53 -82.75 -2.76
N LYS D 139 -0.21 -82.66 -2.64
CA LYS D 139 0.72 -83.08 -3.68
C LYS D 139 1.28 -84.45 -3.33
N ASP D 140 1.52 -85.28 -4.35
CA ASP D 140 1.87 -86.70 -4.16
C ASP D 140 0.76 -87.29 -3.31
N ASP D 141 1.04 -87.86 -2.14
CA ASP D 141 -0.02 -88.29 -1.23
C ASP D 141 0.26 -87.77 0.17
N GLN D 142 0.56 -86.49 0.23
CA GLN D 142 0.83 -85.81 1.48
C GLN D 142 0.36 -84.37 1.37
N LEU D 143 0.44 -83.64 2.49
CA LEU D 143 0.10 -82.22 2.49
C LEU D 143 1.19 -81.39 1.82
N GLU D 144 0.77 -80.38 1.08
CA GLU D 144 1.67 -79.38 0.51
C GLU D 144 1.20 -77.96 0.75
N LYS D 145 -0.09 -77.73 0.95
CA LYS D 145 -0.66 -76.41 1.16
C LYS D 145 -1.90 -76.56 2.03
N LEU D 146 -2.14 -75.58 2.90
CA LEU D 146 -3.32 -75.51 3.75
C LEU D 146 -3.92 -74.13 3.66
N ASN D 147 -5.09 -74.01 3.05
CA ASN D 147 -5.82 -72.74 2.97
C ASN D 147 -6.75 -72.63 4.17
N ILE D 148 -6.44 -71.72 5.08
CA ILE D 148 -7.34 -71.37 6.18
C ILE D 148 -8.25 -70.27 5.68
N PHE D 149 -9.56 -70.43 5.87
CA PHE D 149 -10.52 -69.47 5.36
C PHE D 149 -11.00 -68.54 6.45
N ASP D 150 -11.23 -67.29 6.08
CA ASP D 150 -11.92 -66.37 6.97
C ASP D 150 -13.41 -66.59 6.81
N ASP D 151 -14.12 -66.58 7.93
CA ASP D 151 -15.56 -66.78 7.91
C ASP D 151 -16.28 -65.58 7.31
N ARG D 152 -15.52 -64.62 6.77
CA ARG D 152 -16.05 -63.53 5.97
C ARG D 152 -16.01 -63.82 4.48
N GLY D 153 -15.44 -64.94 4.07
CA GLY D 153 -15.59 -65.42 2.71
C GLY D 153 -14.34 -65.40 1.84
N PHE D 154 -13.21 -64.93 2.34
CA PHE D 154 -11.97 -64.94 1.58
C PHE D 154 -10.94 -65.83 2.28
N VAL D 155 -9.94 -66.29 1.52
CA VAL D 155 -8.80 -66.98 2.13
C VAL D 155 -7.98 -65.98 2.94
N SER D 156 -7.69 -66.36 4.20
CA SER D 156 -7.02 -65.48 5.15
C SER D 156 -5.55 -65.81 5.32
N SER D 157 -5.21 -67.09 5.20
CA SER D 157 -3.91 -67.59 5.60
C SER D 157 -3.63 -68.86 4.83
N ILE D 158 -2.37 -69.04 4.43
CA ILE D 158 -1.90 -70.29 3.83
C ILE D 158 -0.67 -70.78 4.57
N VAL D 159 -0.67 -72.06 4.90
CA VAL D 159 0.45 -72.74 5.52
C VAL D 159 1.06 -73.70 4.50
N TYR D 160 2.37 -73.64 4.32
CA TYR D 160 3.06 -74.49 3.37
C TYR D 160 3.79 -75.62 4.11
N TYR D 161 4.05 -76.71 3.39
CA TYR D 161 4.58 -77.90 4.01
C TYR D 161 5.69 -78.49 3.14
N GLU D 162 6.71 -79.04 3.81
CA GLU D 162 7.79 -79.79 3.15
C GLU D 162 7.99 -81.11 3.89
N ASP D 163 7.36 -82.17 3.38
CA ASP D 163 7.61 -83.52 3.86
C ASP D 163 7.28 -83.65 5.35
N GLY D 164 5.98 -83.68 5.64
CA GLY D 164 5.49 -83.84 6.99
C GLY D 164 5.96 -82.73 7.91
N GLN D 165 5.70 -81.48 7.52
CA GLN D 165 6.37 -80.35 8.13
C GLN D 165 5.75 -79.03 7.72
N GLU D 166 5.05 -78.35 8.61
CA GLU D 166 4.71 -76.97 8.32
C GLU D 166 6.00 -76.15 8.29
N VAL D 167 6.07 -75.20 7.34
CA VAL D 167 7.30 -74.47 7.02
C VAL D 167 7.15 -72.98 7.33
N CYS D 168 6.19 -72.34 6.67
CA CYS D 168 5.87 -70.93 6.90
C CYS D 168 4.41 -70.69 6.57
N GLN D 169 3.91 -69.51 6.94
CA GLN D 169 2.49 -69.22 6.84
C GLN D 169 2.29 -67.78 6.41
N ASP D 170 1.73 -67.59 5.21
CA ASP D 170 1.43 -66.26 4.68
C ASP D 170 0.07 -65.77 5.18
N TYR D 171 0.05 -64.56 5.72
CA TYR D 171 -1.20 -63.93 6.15
C TYR D 171 -1.65 -63.00 5.03
N LEU D 172 -2.80 -63.31 4.41
CA LEU D 172 -3.26 -62.61 3.22
C LEU D 172 -4.21 -61.47 3.55
N ASN D 173 -4.20 -60.45 2.69
CA ASN D 173 -5.31 -59.51 2.64
C ASN D 173 -6.46 -60.09 1.80
N PRO D 174 -7.69 -59.59 2.02
CA PRO D 174 -8.86 -60.10 1.28
C PRO D 174 -8.65 -60.11 -0.21
N ASN D 175 -8.06 -59.02 -0.72
CA ASN D 175 -7.56 -58.94 -2.09
C ASN D 175 -6.94 -60.25 -2.53
N GLY D 176 -5.86 -60.69 -1.88
CA GLY D 176 -5.22 -61.97 -2.19
C GLY D 176 -3.72 -61.94 -1.97
N ASP D 177 -3.23 -60.74 -1.70
CA ASP D 177 -1.83 -60.46 -1.50
C ASP D 177 -1.37 -60.91 -0.12
N TRP D 178 -0.09 -61.26 -0.02
CA TRP D 178 0.52 -61.62 1.26
C TRP D 178 1.07 -60.37 1.94
N ARG D 179 0.65 -60.15 3.18
CA ARG D 179 1.13 -59.02 3.96
C ARG D 179 2.31 -59.38 4.85
N ILE D 180 2.29 -60.55 5.49
CA ILE D 180 3.39 -61.03 6.33
C ILE D 180 3.53 -62.54 6.17
N ARG D 181 4.73 -63.02 6.44
CA ARG D 181 5.09 -64.42 6.38
C ARG D 181 5.75 -64.78 7.70
N GLU D 182 5.14 -65.69 8.43
CA GLU D 182 5.65 -66.14 9.72
C GLU D 182 6.25 -67.52 9.52
N TYR D 183 7.51 -67.68 9.92
CA TYR D 183 8.20 -68.95 9.82
C TYR D 183 7.90 -69.78 11.06
N LEU D 184 7.64 -71.06 10.85
CA LEU D 184 7.01 -71.90 11.85
C LEU D 184 7.93 -72.96 12.42
N LYS D 185 9.14 -73.10 11.89
CA LYS D 185 10.01 -74.14 12.40
C LYS D 185 10.89 -73.57 13.52
N PHE D 186 11.43 -74.49 14.34
CA PHE D 186 12.14 -74.13 15.57
C PHE D 186 13.21 -73.09 15.30
N GLU D 187 13.91 -73.26 14.20
CA GLU D 187 15.07 -72.48 13.84
C GLU D 187 14.76 -71.13 13.18
N ASN D 188 13.73 -71.05 12.35
CA ASN D 188 13.26 -69.78 11.80
C ASN D 188 11.91 -69.46 12.42
N SER D 189 11.88 -68.45 13.30
CA SER D 189 10.62 -68.03 13.92
C SER D 189 10.37 -66.55 13.71
N HIS D 190 11.22 -65.88 12.95
CA HIS D 190 11.03 -64.49 12.60
C HIS D 190 9.80 -64.34 11.72
N VAL D 191 9.36 -63.09 11.57
CA VAL D 191 8.17 -62.73 10.80
C VAL D 191 8.56 -61.58 9.87
N VAL D 192 8.54 -61.83 8.56
CA VAL D 192 8.97 -60.85 7.57
C VAL D 192 7.76 -60.16 6.95
N VAL D 193 7.89 -58.85 6.80
CA VAL D 193 6.85 -58.01 6.21
C VAL D 193 7.08 -57.95 4.71
N ASN D 194 6.01 -58.12 3.94
CA ASN D 194 6.06 -57.82 2.52
C ASN D 194 6.33 -56.33 2.35
N PRO D 195 7.46 -55.94 1.74
CA PRO D 195 7.86 -54.52 1.76
C PRO D 195 6.95 -53.62 0.93
N VAL D 196 6.05 -54.20 0.12
CA VAL D 196 5.01 -53.41 -0.52
C VAL D 196 4.22 -52.63 0.52
N PHE D 197 3.87 -53.28 1.63
CA PHE D 197 3.03 -52.71 2.68
C PHE D 197 3.83 -52.18 3.89
N SER D 198 5.12 -51.91 3.71
CA SER D 198 5.97 -51.43 4.81
C SER D 198 5.49 -50.11 5.40
N ARG D 199 4.68 -49.36 4.68
CA ARG D 199 4.02 -48.20 5.27
C ARG D 199 3.20 -48.56 6.51
N ASP D 200 2.81 -49.84 6.67
CA ASP D 200 1.89 -50.28 7.71
C ASP D 200 2.58 -50.95 8.90
N PHE D 201 3.89 -50.75 9.07
CA PHE D 201 4.67 -51.57 9.99
C PHE D 201 5.92 -50.81 10.40
N ASP D 202 6.17 -50.72 11.72
CA ASP D 202 7.39 -50.04 12.17
C ASP D 202 8.65 -50.77 11.72
N LYS D 203 8.59 -52.09 11.57
CA LYS D 203 9.78 -52.85 11.21
C LYS D 203 9.47 -53.66 9.96
N LEU D 204 10.52 -54.23 9.37
CA LEU D 204 10.34 -55.14 8.24
C LEU D 204 10.61 -56.58 8.63
N GLU D 205 11.03 -56.81 9.87
CA GLU D 205 11.33 -58.12 10.40
C GLU D 205 11.02 -58.09 11.88
N TYR D 206 10.52 -59.21 12.39
CA TYR D 206 10.21 -59.34 13.80
C TYR D 206 10.90 -60.59 14.34
N GLU D 207 11.39 -60.50 15.57
CA GLU D 207 11.91 -61.71 16.19
C GLU D 207 10.80 -62.72 16.39
N CYS D 208 9.58 -62.26 16.68
CA CYS D 208 8.46 -63.15 16.96
C CYS D 208 7.15 -62.38 16.85
N MET D 209 6.06 -63.13 16.63
CA MET D 209 4.76 -62.47 16.46
C MET D 209 4.33 -61.60 17.63
N PRO D 210 4.50 -61.99 18.90
CA PRO D 210 4.05 -61.09 19.97
C PRO D 210 4.65 -59.70 19.86
N ASP D 211 5.82 -59.60 19.25
CA ASP D 211 6.38 -58.28 19.01
C ASP D 211 5.53 -57.51 17.99
N LEU D 212 5.07 -58.19 16.94
CA LEU D 212 4.14 -57.56 16.00
C LEU D 212 2.78 -57.31 16.66
N ILE D 213 2.25 -58.32 17.35
CA ILE D 213 0.93 -58.20 17.96
C ILE D 213 0.93 -57.01 18.92
N LEU D 214 1.91 -56.96 19.82
CA LEU D 214 1.93 -55.86 20.77
C LEU D 214 2.31 -54.53 20.12
N GLU D 215 2.99 -54.53 18.97
CA GLU D 215 3.19 -53.28 18.23
C GLU D 215 1.85 -52.63 17.88
N LYS D 216 1.00 -53.37 17.16
CA LYS D 216 -0.33 -52.89 16.80
C LYS D 216 -1.17 -52.56 18.02
N LEU D 217 -1.40 -53.56 18.88
CA LEU D 217 -2.27 -53.37 20.03
C LEU D 217 -1.81 -52.21 20.89
N GLY D 218 -0.50 -52.00 20.99
CA GLY D 218 -0.01 -50.82 21.67
C GLY D 218 -0.44 -49.53 20.98
N TYR D 219 -0.27 -49.48 19.65
CA TYR D 219 -0.66 -48.28 18.92
C TYR D 219 -2.15 -47.99 19.08
N TYR D 220 -2.98 -49.04 19.13
CA TYR D 220 -4.41 -48.82 19.34
C TYR D 220 -4.69 -48.22 20.72
N ILE D 221 -4.15 -48.85 21.78
CA ILE D 221 -4.55 -48.46 23.13
C ILE D 221 -4.14 -47.02 23.41
N SER D 222 -3.03 -46.58 22.83
CA SER D 222 -2.53 -45.24 23.10
C SER D 222 -3.25 -44.16 22.31
N HIS D 223 -3.85 -44.50 21.16
CA HIS D 223 -4.43 -43.53 20.24
C HIS D 223 -5.96 -43.49 20.26
N ASN D 224 -6.61 -44.65 20.26
CA ASN D 224 -8.06 -44.72 20.12
C ASN D 224 -8.81 -44.80 21.45
N VAL D 225 -8.13 -44.64 22.58
CA VAL D 225 -8.72 -44.95 23.87
C VAL D 225 -8.78 -43.70 24.72
N GLU D 226 -10.00 -43.17 24.90
CA GLU D 226 -10.29 -42.08 25.81
C GLU D 226 -9.82 -42.39 27.22
N GLU D 227 -9.89 -41.43 28.11
CA GLU D 227 -8.96 -41.47 29.23
C GLU D 227 -9.42 -42.44 30.32
N ASP D 228 -10.40 -42.08 31.14
CA ASP D 228 -10.79 -42.95 32.25
C ASP D 228 -11.44 -44.24 31.76
N SER D 229 -10.78 -44.98 30.86
CA SER D 229 -11.30 -46.27 30.42
C SER D 229 -10.95 -47.34 31.45
N ARG D 230 -11.84 -48.31 31.61
CA ARG D 230 -11.56 -49.47 32.44
C ARG D 230 -11.10 -50.62 31.55
N PHE D 231 -10.12 -51.38 32.03
CA PHE D 231 -9.55 -52.50 31.28
C PHE D 231 -9.74 -53.79 32.07
N VAL D 232 -10.26 -54.83 31.40
CA VAL D 232 -10.41 -56.15 31.99
C VAL D 232 -9.46 -57.09 31.26
N VAL D 233 -8.43 -57.55 31.96
CA VAL D 233 -7.47 -58.46 31.35
C VAL D 233 -7.79 -59.87 31.80
N ALA D 234 -8.02 -60.75 30.82
CA ALA D 234 -8.02 -62.17 31.08
C ALA D 234 -6.57 -62.56 31.29
N ALA D 235 -6.23 -62.92 32.52
CA ALA D 235 -4.84 -63.06 32.93
C ALA D 235 -4.26 -64.36 32.38
N GLN D 236 -3.38 -64.25 31.39
CA GLN D 236 -2.68 -65.39 30.83
C GLN D 236 -2.05 -66.20 31.95
N PRO D 237 -1.88 -67.51 31.78
CA PRO D 237 -1.23 -68.30 32.85
C PRO D 237 0.16 -67.82 33.19
N PHE D 238 0.88 -67.21 32.26
CA PHE D 238 2.24 -66.79 32.47
C PHE D 238 2.31 -65.36 32.99
N THR D 239 3.23 -64.53 32.46
CA THR D 239 3.26 -63.09 32.78
C THR D 239 2.38 -62.33 31.79
N ASN D 240 1.65 -61.35 32.30
CA ASN D 240 0.77 -60.53 31.49
C ASN D 240 1.38 -59.19 31.16
N GLN D 241 2.67 -59.02 31.47
CA GLN D 241 3.26 -57.70 31.49
C GLN D 241 3.27 -57.07 30.11
N GLY D 242 3.49 -57.87 29.07
CA GLY D 242 3.54 -57.33 27.72
C GLY D 242 2.30 -56.55 27.37
N VAL D 243 1.14 -57.03 27.79
CA VAL D 243 -0.12 -56.29 27.60
C VAL D 243 -0.22 -55.15 28.60
N LEU D 244 0.01 -55.43 29.88
CA LEU D 244 -0.19 -54.41 30.90
C LEU D 244 0.84 -53.29 30.83
N ASP D 245 1.89 -53.44 30.01
CA ASP D 245 2.79 -52.33 29.74
C ASP D 245 2.12 -51.26 28.90
N LEU D 246 1.33 -51.68 27.91
CA LEU D 246 0.69 -50.76 26.99
C LEU D 246 -0.37 -49.89 27.67
N LEU D 247 -1.00 -50.39 28.73
CA LEU D 247 -2.14 -49.68 29.28
C LEU D 247 -1.76 -48.27 29.70
N PRO D 248 -2.68 -47.33 29.63
CA PRO D 248 -2.34 -45.92 29.88
C PRO D 248 -2.27 -45.59 31.37
N GLN D 249 -1.48 -44.56 31.68
CA GLN D 249 -1.45 -44.06 33.05
C GLN D 249 -2.84 -43.66 33.53
N HIS D 250 -3.67 -43.16 32.61
CA HIS D 250 -4.99 -42.62 32.90
C HIS D 250 -6.08 -43.68 32.85
N SER D 251 -5.72 -44.96 32.86
CA SER D 251 -6.67 -46.06 32.79
C SER D 251 -6.80 -46.74 34.14
N HIS D 252 -7.72 -47.70 34.21
CA HIS D 252 -7.93 -48.57 35.36
C HIS D 252 -7.83 -50.03 34.90
N SER D 253 -7.46 -50.91 35.81
CA SER D 253 -7.12 -52.29 35.46
C SER D 253 -7.99 -53.25 36.25
N ILE D 254 -8.39 -54.33 35.60
CA ILE D 254 -9.08 -55.42 36.27
C ILE D 254 -8.45 -56.72 35.80
N LEU D 255 -7.88 -57.47 36.72
CA LEU D 255 -7.23 -58.73 36.40
C LEU D 255 -8.12 -59.88 36.85
N SER D 256 -8.54 -60.70 35.89
CA SER D 256 -9.58 -61.70 36.08
C SER D 256 -9.00 -63.08 35.88
N PHE D 257 -9.02 -63.91 36.94
CA PHE D 257 -8.50 -65.27 36.90
C PHE D 257 -9.63 -66.29 36.71
N PHE D 258 -9.54 -67.06 35.63
CA PHE D 258 -10.54 -68.06 35.29
C PHE D 258 -9.92 -69.45 35.45
N HIS D 259 -10.54 -70.28 36.30
CA HIS D 259 -9.88 -71.46 36.83
C HIS D 259 -9.40 -72.40 35.74
N GLU D 260 -10.21 -72.61 34.69
CA GLU D 260 -9.79 -73.56 33.67
C GLU D 260 -8.53 -73.09 32.96
N ARG D 261 -8.31 -71.77 32.89
CA ARG D 261 -7.13 -71.21 32.27
C ARG D 261 -5.97 -71.03 33.23
N ASN D 262 -6.26 -70.76 34.51
CA ASN D 262 -5.28 -70.27 35.46
C ASN D 262 -5.06 -71.21 36.64
N GLN D 263 -5.24 -72.52 36.48
CA GLN D 263 -5.08 -73.40 37.64
C GLN D 263 -3.70 -74.05 37.75
N ALA D 264 -3.00 -74.27 36.64
CA ALA D 264 -1.57 -74.54 36.73
C ALA D 264 -0.76 -73.24 36.52
N SER D 265 -1.22 -72.20 37.20
CA SER D 265 -0.68 -70.87 36.94
C SER D 265 0.65 -70.70 37.66
N ASN D 266 1.62 -70.13 36.96
CA ASN D 266 2.90 -69.82 37.58
C ASN D 266 2.67 -68.70 38.60
N ILE D 267 2.42 -69.06 39.86
CA ILE D 267 2.04 -68.05 40.85
C ILE D 267 3.14 -67.00 41.06
N GLU D 268 4.41 -67.41 41.01
CA GLU D 268 5.48 -66.42 41.29
C GLU D 268 5.70 -65.48 40.09
N ASN D 269 5.66 -66.01 38.87
CA ASN D 269 5.76 -65.20 37.67
C ASN D 269 4.47 -64.40 37.50
N LEU D 270 4.12 -63.61 38.51
CA LEU D 270 2.83 -62.92 38.58
C LEU D 270 2.81 -61.89 39.69
N LYS D 271 3.92 -61.75 40.42
CA LYS D 271 4.01 -60.66 41.38
C LYS D 271 3.84 -59.33 40.67
N ALA D 272 4.32 -59.24 39.44
CA ALA D 272 4.30 -57.97 38.73
C ALA D 272 2.88 -57.58 38.32
N ASP D 273 2.08 -58.54 37.86
CA ASP D 273 0.73 -58.21 37.40
C ASP D 273 -0.21 -57.94 38.57
N LEU D 274 -0.09 -58.71 39.65
CA LEU D 274 -0.89 -58.41 40.83
C LEU D 274 -0.58 -57.04 41.39
N GLU D 275 0.66 -56.55 41.21
CA GLU D 275 0.98 -55.20 41.69
C GLU D 275 0.38 -54.12 40.80
N TYR D 276 0.40 -54.30 39.47
CA TYR D 276 -0.13 -53.28 38.58
C TYR D 276 -1.65 -53.17 38.70
N ALA D 277 -2.35 -54.29 38.81
CA ALA D 277 -3.80 -54.29 38.68
C ALA D 277 -4.45 -53.55 39.84
N ASP D 278 -5.54 -52.83 39.56
CA ASP D 278 -6.27 -52.15 40.62
C ASP D 278 -7.27 -53.06 41.29
N LEU D 279 -7.68 -54.11 40.59
CA LEU D 279 -8.73 -55.02 41.03
C LEU D 279 -8.42 -56.38 40.43
N VAL D 280 -8.41 -57.40 41.28
CA VAL D 280 -8.10 -58.77 40.85
C VAL D 280 -9.30 -59.66 41.15
N LEU D 281 -9.86 -60.29 40.12
CA LEU D 281 -11.00 -61.17 40.26
C LEU D 281 -10.60 -62.63 40.08
N THR D 282 -11.16 -63.51 40.91
CA THR D 282 -11.01 -64.94 40.67
C THR D 282 -12.34 -65.65 40.91
N ASP D 283 -12.56 -66.73 40.16
CA ASP D 283 -13.72 -67.60 40.36
C ASP D 283 -13.48 -68.73 41.36
N ARG D 284 -12.31 -68.80 41.98
CA ARG D 284 -11.95 -69.89 42.88
C ARG D 284 -11.70 -69.35 44.28
N MET D 285 -12.41 -69.89 45.25
CA MET D 285 -12.24 -69.46 46.64
C MET D 285 -10.85 -69.80 47.15
N ASP D 286 -10.31 -70.92 46.68
CA ASP D 286 -8.97 -71.35 47.03
C ASP D 286 -7.90 -70.52 46.32
N PHE D 287 -8.09 -70.23 45.02
CA PHE D 287 -7.18 -69.32 44.31
C PHE D 287 -7.13 -67.94 44.95
N LYS D 288 -8.28 -67.47 45.46
CA LYS D 288 -8.23 -66.24 46.25
C LYS D 288 -7.33 -66.42 47.46
N GLU D 289 -7.57 -67.47 48.25
CA GLU D 289 -6.73 -67.70 49.42
C GLU D 289 -5.26 -67.86 49.02
N THR D 290 -4.97 -68.75 48.06
CA THR D 290 -3.62 -68.91 47.54
C THR D 290 -2.94 -67.57 47.31
N LEU D 291 -3.57 -66.68 46.52
CA LEU D 291 -2.92 -65.44 46.14
C LEU D 291 -2.69 -64.56 47.35
N GLN D 292 -3.71 -64.45 48.20
CA GLN D 292 -3.60 -63.60 49.37
C GLN D 292 -2.45 -64.05 50.27
N ASN D 293 -2.27 -65.36 50.45
CA ASN D 293 -1.25 -65.88 51.37
C ASN D 293 0.16 -65.82 50.76
N TYR D 294 0.27 -65.83 49.43
CA TYR D 294 1.55 -65.70 48.73
C TYR D 294 1.97 -64.25 48.52
N PHE D 295 1.02 -63.33 48.59
CA PHE D 295 1.27 -61.95 48.24
C PHE D 295 0.48 -61.08 49.19
N PRO D 296 0.79 -61.09 50.48
CA PRO D 296 -0.01 -60.30 51.44
C PRO D 296 -0.13 -58.82 51.07
N LEU D 297 0.88 -58.22 50.42
CA LEU D 297 0.84 -56.81 50.03
C LEU D 297 -0.24 -56.51 48.99
N GLN D 298 -0.70 -57.53 48.27
CA GLN D 298 -1.74 -57.35 47.28
C GLN D 298 -3.09 -57.87 47.76
N ALA D 299 -3.12 -58.66 48.83
CA ALA D 299 -4.29 -59.44 49.25
C ALA D 299 -5.61 -58.70 49.11
N GLU D 300 -5.60 -57.41 49.47
CA GLU D 300 -6.83 -56.66 49.63
C GLU D 300 -7.52 -56.35 48.30
N LYS D 301 -6.84 -56.51 47.19
CA LYS D 301 -7.40 -56.21 45.88
C LYS D 301 -7.86 -57.47 45.17
N ILE D 302 -7.91 -58.60 45.87
CA ILE D 302 -8.25 -59.88 45.25
C ILE D 302 -9.62 -60.31 45.74
N HIS D 303 -10.46 -60.73 44.82
CA HIS D 303 -11.84 -61.02 45.15
C HIS D 303 -12.34 -62.31 44.50
N TYR D 304 -13.06 -63.10 45.29
CA TYR D 304 -13.85 -64.20 44.73
C TYR D 304 -15.20 -63.65 44.27
N LEU D 305 -15.47 -63.76 42.98
CA LEU D 305 -16.69 -63.15 42.46
C LEU D 305 -17.16 -63.92 41.23
N SER D 306 -18.46 -64.15 41.17
CA SER D 306 -18.97 -64.94 40.07
C SER D 306 -19.02 -64.11 38.80
N PRO D 307 -18.46 -64.61 37.70
CA PRO D 307 -18.68 -63.99 36.38
C PRO D 307 -20.03 -64.30 35.77
N PHE D 308 -20.96 -64.84 36.52
CA PHE D 308 -22.27 -65.22 36.01
C PHE D 308 -23.34 -64.42 36.75
N ASP D 309 -24.25 -63.82 35.98
CA ASP D 309 -25.31 -63.06 36.61
C ASP D 309 -26.54 -63.95 36.81
N THR D 310 -27.41 -63.49 37.71
CA THR D 310 -28.57 -64.24 38.18
C THR D 310 -29.86 -63.64 37.60
N ARG D 311 -30.44 -64.31 36.60
CA ARG D 311 -31.77 -63.97 36.10
C ARG D 311 -32.84 -64.43 37.09
N LEU D 312 -34.07 -63.95 36.87
CA LEU D 312 -35.26 -64.51 37.50
C LEU D 312 -35.81 -65.55 36.55
N GLN D 313 -35.80 -66.82 36.96
CA GLN D 313 -36.45 -67.88 36.18
C GLN D 313 -36.89 -69.00 37.13
N LEU D 314 -37.75 -68.66 38.07
CA LEU D 314 -38.20 -69.67 39.02
C LEU D 314 -38.90 -70.83 38.33
N GLY D 315 -38.68 -72.02 38.88
CA GLY D 315 -39.12 -73.25 38.27
C GLY D 315 -40.44 -73.75 38.84
N LYS D 316 -40.92 -74.84 38.24
CA LYS D 316 -42.22 -75.42 38.52
C LYS D 316 -42.07 -76.73 39.32
N SER D 317 -41.13 -76.78 40.24
CA SER D 317 -41.01 -77.98 41.06
C SER D 317 -42.20 -78.10 41.99
N GLN D 318 -42.80 -76.97 42.39
CA GLN D 318 -43.97 -77.00 43.26
C GLN D 318 -45.11 -77.82 42.69
N GLN D 319 -45.11 -78.05 41.37
CA GLN D 319 -46.16 -78.80 40.69
C GLN D 319 -45.65 -80.14 40.16
N ARG D 320 -44.80 -80.79 40.96
CA ARG D 320 -44.29 -82.10 40.63
C ARG D 320 -44.47 -83.01 41.84
N HIS D 321 -44.59 -84.33 41.60
CA HIS D 321 -44.98 -85.27 42.65
C HIS D 321 -43.81 -85.97 43.35
N GLU D 322 -42.79 -86.42 42.61
CA GLU D 322 -41.56 -86.78 43.27
C GLU D 322 -40.68 -85.54 43.39
N SER D 323 -39.78 -85.54 44.37
CA SER D 323 -38.81 -84.47 44.52
C SER D 323 -37.55 -84.83 43.76
N LYS D 324 -37.21 -84.03 42.74
CA LYS D 324 -36.03 -84.26 41.89
C LYS D 324 -34.83 -83.54 42.49
N ILE D 325 -33.82 -84.32 42.85
CA ILE D 325 -32.62 -83.82 43.51
C ILE D 325 -31.53 -83.68 42.46
N PHE D 326 -30.98 -82.48 42.32
CA PHE D 326 -29.83 -82.28 41.44
C PHE D 326 -28.56 -82.36 42.29
N TYR D 327 -27.65 -83.24 41.89
CA TYR D 327 -26.46 -83.55 42.66
C TYR D 327 -25.26 -83.19 41.81
N GLN D 328 -24.51 -82.18 42.24
CA GLN D 328 -23.39 -81.68 41.46
C GLN D 328 -22.10 -82.40 41.84
N ILE D 329 -21.39 -82.85 40.81
CA ILE D 329 -20.19 -83.67 40.90
C ILE D 329 -19.06 -82.98 40.13
N ASP D 330 -17.94 -82.76 40.78
CA ASP D 330 -16.79 -82.18 40.11
C ASP D 330 -15.95 -83.33 39.57
N LEU D 331 -15.86 -83.43 38.24
CA LEU D 331 -15.09 -84.51 37.63
C LEU D 331 -13.60 -84.30 37.80
N SER D 332 -13.14 -83.06 37.72
CA SER D 332 -11.72 -82.81 37.93
C SER D 332 -11.28 -83.27 39.32
N GLU D 333 -11.96 -82.82 40.39
CA GLU D 333 -11.62 -83.34 41.71
C GLU D 333 -11.87 -84.85 41.75
N LEU D 334 -11.12 -85.53 42.61
CA LEU D 334 -11.34 -86.95 42.83
C LEU D 334 -12.76 -87.21 43.34
N LEU D 335 -13.32 -88.35 42.92
CA LEU D 335 -14.66 -88.74 43.33
C LEU D 335 -14.69 -89.11 44.81
N ASN D 336 -15.68 -88.59 45.51
CA ASN D 336 -15.73 -88.77 46.96
C ASN D 336 -16.78 -89.86 47.24
N ASP D 337 -16.30 -91.10 47.34
CA ASP D 337 -17.20 -92.27 47.40
C ASP D 337 -18.20 -92.14 48.53
N TYR D 338 -17.75 -91.63 49.68
CA TYR D 338 -18.68 -91.49 50.79
C TYR D 338 -19.77 -90.51 50.44
N ALA D 339 -19.35 -89.31 50.00
CA ALA D 339 -20.26 -88.33 49.44
C ALA D 339 -21.26 -88.99 48.47
N ILE D 340 -20.75 -89.66 47.44
CA ILE D 340 -21.66 -90.25 46.47
C ILE D 340 -22.55 -91.28 47.12
N PHE D 341 -21.98 -92.12 47.99
CA PHE D 341 -22.79 -93.14 48.64
C PHE D 341 -23.95 -92.48 49.35
N LYS D 342 -23.68 -91.41 50.09
CA LYS D 342 -24.67 -90.93 51.04
C LYS D 342 -25.87 -90.27 50.35
N VAL D 343 -25.62 -89.60 49.23
CA VAL D 343 -26.74 -89.19 48.39
C VAL D 343 -27.55 -90.40 47.94
N LEU D 344 -26.90 -91.36 47.26
CA LEU D 344 -27.56 -92.57 46.81
C LEU D 344 -28.31 -93.27 47.95
N PHE D 345 -27.70 -93.36 49.14
CA PHE D 345 -28.43 -93.89 50.28
C PHE D 345 -29.71 -93.09 50.51
N TYR D 346 -29.63 -91.76 50.45
CA TYR D 346 -30.81 -90.93 50.66
C TYR D 346 -31.91 -91.28 49.66
N VAL D 347 -31.56 -91.49 48.40
CA VAL D 347 -32.60 -91.66 47.39
C VAL D 347 -33.18 -93.06 47.47
N ALA D 348 -32.36 -94.03 47.86
CA ALA D 348 -32.83 -95.38 48.15
C ALA D 348 -33.98 -95.38 49.14
N GLN D 349 -33.78 -94.75 50.29
CA GLN D 349 -34.68 -94.74 51.43
C GLN D 349 -35.93 -93.88 51.25
N HIS D 350 -36.07 -93.19 50.12
CA HIS D 350 -37.14 -92.21 49.92
C HIS D 350 -37.72 -92.39 48.52
N PRO D 351 -38.62 -93.35 48.36
CA PRO D 351 -39.11 -93.69 47.00
C PRO D 351 -39.71 -92.52 46.22
N ASP D 352 -40.17 -91.44 46.87
CA ASP D 352 -40.70 -90.32 46.08
C ASP D 352 -39.65 -89.23 45.80
N THR D 353 -38.39 -89.61 45.55
CA THR D 353 -37.37 -88.67 45.07
C THR D 353 -36.70 -89.22 43.82
N GLU D 354 -36.07 -88.31 43.08
CA GLU D 354 -35.34 -88.62 41.86
C GLU D 354 -33.97 -87.96 41.91
N LEU D 355 -32.96 -88.68 41.43
CA LEU D 355 -31.59 -88.21 41.43
C LEU D 355 -31.12 -88.10 40.00
N VAL D 356 -30.62 -86.92 39.64
CA VAL D 356 -29.84 -86.74 38.43
C VAL D 356 -28.45 -86.30 38.87
N ILE D 357 -27.42 -87.02 38.43
CA ILE D 357 -26.04 -86.69 38.79
C ILE D 357 -25.43 -85.95 37.62
N GLY D 358 -25.19 -84.65 37.77
CA GLY D 358 -24.73 -83.83 36.68
C GLY D 358 -23.23 -83.60 36.73
N VAL D 359 -22.60 -83.75 35.56
CA VAL D 359 -21.24 -83.28 35.33
C VAL D 359 -21.25 -82.29 34.17
N TYR D 360 -20.18 -81.49 34.06
CA TYR D 360 -20.00 -80.56 32.96
C TYR D 360 -18.87 -81.04 32.05
N ASN D 361 -19.10 -80.94 30.73
CA ASN D 361 -18.03 -81.03 29.73
C ASN D 361 -17.15 -82.26 29.92
N ALA D 362 -17.77 -83.39 30.23
CA ALA D 362 -17.03 -84.59 30.61
C ALA D 362 -16.39 -85.26 29.40
N TRP D 363 -15.18 -85.80 29.61
CA TRP D 363 -14.51 -86.64 28.65
C TRP D 363 -15.02 -88.07 28.74
N GLN D 364 -14.58 -88.93 27.83
CA GLN D 364 -15.11 -90.30 27.80
C GLN D 364 -14.83 -91.05 29.11
N GLU D 365 -13.54 -91.25 29.42
CA GLU D 365 -13.17 -91.90 30.68
C GLU D 365 -13.77 -91.17 31.88
N GLY D 366 -14.20 -89.93 31.72
CA GLY D 366 -14.85 -89.22 32.81
C GLY D 366 -16.18 -89.82 33.22
N ILE D 367 -17.12 -89.93 32.28
CA ILE D 367 -18.43 -90.46 32.64
C ILE D 367 -18.34 -91.93 33.02
N LYS D 368 -17.35 -92.64 32.49
CA LYS D 368 -17.19 -94.05 32.86
C LYS D 368 -16.91 -94.19 34.34
N GLN D 369 -15.97 -93.40 34.87
CA GLN D 369 -15.74 -93.37 36.31
C GLN D 369 -17.02 -93.06 37.09
N VAL D 370 -17.84 -92.12 36.62
CA VAL D 370 -19.07 -91.82 37.34
C VAL D 370 -20.11 -92.90 37.12
N GLU D 371 -20.23 -93.40 35.89
CA GLU D 371 -21.09 -94.56 35.65
C GLU D 371 -20.64 -95.77 36.46
N ASN D 372 -19.32 -95.99 36.56
CA ASN D 372 -18.84 -97.16 37.28
C ASN D 372 -18.90 -96.96 38.78
N LYS D 373 -18.38 -95.83 39.27
CA LYS D 373 -18.39 -95.56 40.71
C LYS D 373 -19.79 -95.67 41.29
N VAL D 374 -20.81 -95.26 40.53
CA VAL D 374 -22.20 -95.31 40.99
C VAL D 374 -22.75 -96.74 40.94
N GLU D 375 -22.47 -97.50 39.88
CA GLU D 375 -22.96 -98.88 39.86
C GLU D 375 -22.28 -99.72 40.93
N GLU D 376 -20.94 -99.65 40.99
CA GLU D 376 -20.18 -100.38 42.01
C GLU D 376 -20.64 -99.99 43.41
N LEU D 377 -20.73 -98.68 43.68
CA LEU D 377 -21.17 -98.25 45.00
C LEU D 377 -22.54 -98.81 45.34
N ILE D 378 -23.46 -98.79 44.36
CA ILE D 378 -24.80 -99.29 44.63
C ILE D 378 -24.73 -100.75 45.02
N SER D 379 -24.09 -101.56 44.17
CA SER D 379 -24.05 -103.01 44.38
C SER D 379 -23.21 -103.42 45.60
N ASP D 380 -22.37 -102.54 46.13
CA ASP D 380 -21.52 -102.82 47.29
C ASP D 380 -22.24 -102.61 48.62
N TYR D 381 -23.11 -101.59 48.69
CA TYR D 381 -23.78 -101.24 49.93
C TYR D 381 -25.26 -100.95 49.80
N LEU D 382 -25.83 -101.00 48.60
CA LEU D 382 -27.24 -100.71 48.45
C LEU D 382 -27.92 -101.84 47.68
N ASP D 383 -29.23 -101.68 47.49
CA ASP D 383 -30.04 -102.66 46.77
C ASP D 383 -30.67 -101.97 45.58
N LEU D 384 -30.14 -102.26 44.37
CA LEU D 384 -30.65 -101.68 43.14
C LEU D 384 -32.17 -101.75 43.04
N LYS D 385 -32.77 -102.82 43.57
CA LYS D 385 -34.22 -102.96 43.53
C LYS D 385 -34.96 -101.73 44.06
N ASP D 386 -34.42 -101.07 45.09
CA ASP D 386 -35.10 -99.87 45.61
C ASP D 386 -34.93 -98.64 44.72
N PHE D 387 -34.28 -98.75 43.57
CA PHE D 387 -34.21 -97.63 42.68
C PHE D 387 -35.18 -97.77 41.53
N ILE D 388 -35.99 -98.84 41.52
CA ILE D 388 -36.95 -99.03 40.46
C ILE D 388 -38.13 -98.12 40.72
N LYS D 389 -38.60 -97.41 39.68
CA LYS D 389 -39.79 -96.59 39.82
C LYS D 389 -41.01 -97.48 39.82
N LYS D 390 -41.79 -97.38 40.89
CA LYS D 390 -42.98 -98.22 41.03
C LYS D 390 -44.01 -97.87 39.96
N SER D 391 -44.07 -96.60 39.56
CA SER D 391 -45.01 -96.09 38.53
C SER D 391 -45.25 -97.07 37.36
N LEU D 407 -38.44 -101.20 32.55
CA LEU D 407 -37.49 -101.13 33.67
C LEU D 407 -36.87 -99.72 33.79
N GLU D 408 -37.34 -98.95 34.77
CA GLU D 408 -37.01 -97.54 34.88
C GLU D 408 -36.43 -97.26 36.27
N TYR D 409 -35.35 -96.48 36.34
CA TYR D 409 -34.67 -96.26 37.60
C TYR D 409 -34.75 -94.79 38.04
N ARG D 410 -34.77 -94.59 39.37
CA ARG D 410 -34.94 -93.29 40.02
C ARG D 410 -33.65 -92.45 40.06
N PHE D 411 -32.68 -92.75 39.20
CA PHE D 411 -31.45 -91.98 39.15
C PHE D 411 -30.88 -92.12 37.74
N ARG D 412 -30.34 -91.02 37.22
CA ARG D 412 -29.71 -90.96 35.92
C ARG D 412 -28.46 -90.08 36.06
N ILE D 413 -27.48 -90.29 35.19
CA ILE D 413 -26.29 -89.44 35.15
C ILE D 413 -26.37 -88.58 33.90
N ARG D 414 -26.21 -87.26 34.07
CA ARG D 414 -26.30 -86.29 32.98
C ARG D 414 -24.96 -85.60 32.75
N ASN D 415 -24.43 -85.72 31.53
CA ASN D 415 -23.31 -84.90 31.09
C ASN D 415 -23.89 -83.63 30.45
N ILE D 416 -23.67 -82.49 31.11
CA ILE D 416 -24.17 -81.18 30.70
C ILE D 416 -23.10 -80.45 29.89
N THR D 417 -23.39 -80.14 28.62
CA THR D 417 -22.42 -79.45 27.77
C THR D 417 -23.00 -78.18 27.12
N ASP D 418 -24.10 -77.65 27.64
CA ASP D 418 -24.72 -76.44 27.11
C ASP D 418 -25.66 -75.89 28.17
N GLU D 419 -25.81 -74.55 28.18
CA GLU D 419 -26.57 -73.92 29.26
C GLU D 419 -28.06 -74.14 29.16
N LEU D 420 -28.60 -74.41 27.96
CA LEU D 420 -30.02 -74.72 27.91
C LEU D 420 -30.33 -76.03 28.63
N SER D 421 -29.51 -77.06 28.38
CA SER D 421 -29.64 -78.29 29.13
C SER D 421 -29.83 -78.03 30.62
N LEU D 422 -28.93 -77.26 31.21
CA LEU D 422 -28.97 -77.03 32.64
C LEU D 422 -30.27 -76.35 33.06
N ILE D 423 -30.64 -75.26 32.38
CA ILE D 423 -31.88 -74.55 32.71
C ILE D 423 -33.06 -75.52 32.67
N GLN D 424 -33.12 -76.35 31.62
CA GLN D 424 -34.13 -77.40 31.53
C GLN D 424 -34.08 -78.30 32.76
N GLU D 425 -32.91 -78.87 33.05
CA GLU D 425 -32.80 -79.81 34.16
C GLU D 425 -33.23 -79.16 35.47
N LEU D 426 -32.80 -77.94 35.74
CA LEU D 426 -33.12 -77.32 37.01
C LEU D 426 -34.57 -76.84 37.11
N ASP D 427 -35.30 -76.80 36.00
CA ASP D 427 -36.62 -76.18 36.00
C ASP D 427 -37.55 -76.84 37.01
N ASP D 428 -37.60 -78.16 37.02
CA ASP D 428 -38.36 -78.87 38.05
C ASP D 428 -37.47 -79.63 39.02
N THR D 429 -36.30 -79.09 39.33
CA THR D 429 -35.47 -79.65 40.36
C THR D 429 -35.85 -79.02 41.69
N ARG D 430 -36.09 -79.87 42.68
CA ARG D 430 -36.58 -79.49 43.99
C ARG D 430 -35.45 -79.08 44.94
N LEU D 431 -34.24 -79.58 44.70
CA LEU D 431 -33.16 -79.44 45.67
C LEU D 431 -31.83 -79.77 45.01
N ILE D 432 -30.83 -78.88 45.22
CA ILE D 432 -29.48 -79.02 44.68
C ILE D 432 -28.54 -79.51 45.77
N ILE D 433 -27.66 -80.46 45.43
CA ILE D 433 -26.62 -80.91 46.35
C ILE D 433 -25.27 -80.77 45.66
N ASP D 434 -24.33 -80.10 46.33
CA ASP D 434 -22.95 -80.11 45.88
C ASP D 434 -22.05 -80.25 47.11
N LEU D 435 -21.32 -81.37 47.19
CA LEU D 435 -20.50 -81.69 48.35
C LEU D 435 -19.01 -81.42 48.12
N SER D 436 -18.67 -80.80 46.98
CA SER D 436 -17.30 -80.54 46.57
C SER D 436 -16.63 -79.51 47.49
N GLN D 437 -15.29 -79.51 47.49
CA GLN D 437 -14.58 -78.55 48.34
C GLN D 437 -14.76 -77.14 47.83
N GLN D 438 -14.64 -76.94 46.51
CA GLN D 438 -15.14 -75.81 45.75
C GLN D 438 -16.50 -76.11 45.13
N PRO D 439 -17.61 -75.74 45.81
CA PRO D 439 -18.92 -75.72 45.14
C PRO D 439 -18.87 -75.12 43.74
N ASN D 440 -19.41 -75.82 42.75
CA ASN D 440 -19.42 -75.31 41.40
C ASN D 440 -20.21 -73.99 41.31
N LEU D 441 -19.56 -72.97 40.71
CA LEU D 441 -20.10 -71.62 40.73
C LEU D 441 -21.31 -71.46 39.82
N TYR D 442 -21.20 -71.96 38.59
CA TYR D 442 -22.28 -71.82 37.64
C TYR D 442 -23.58 -72.41 38.21
N THR D 443 -23.50 -73.67 38.69
CA THR D 443 -24.67 -74.37 39.18
C THR D 443 -25.30 -73.66 40.37
N GLN D 444 -24.48 -73.13 41.27
CA GLN D 444 -25.04 -72.30 42.33
C GLN D 444 -25.79 -71.11 41.76
N ILE D 445 -25.18 -70.43 40.78
CA ILE D 445 -25.81 -69.26 40.18
C ILE D 445 -27.12 -69.66 39.53
N ALA D 446 -27.07 -70.67 38.66
CA ALA D 446 -28.29 -71.21 38.07
C ALA D 446 -29.26 -71.68 39.16
N GLY D 447 -28.74 -72.25 40.24
CA GLY D 447 -29.61 -72.60 41.35
C GLY D 447 -30.33 -71.42 41.97
N ILE D 448 -29.62 -70.31 42.22
CA ILE D 448 -30.26 -69.11 42.76
C ILE D 448 -31.37 -68.67 41.83
N SER D 449 -31.07 -68.68 40.53
CA SER D 449 -31.94 -68.13 39.51
C SER D 449 -33.23 -68.91 39.35
N ALA D 450 -33.26 -70.17 39.81
CA ALA D 450 -34.44 -70.99 39.70
C ALA D 450 -35.19 -71.13 41.01
N GLY D 451 -34.58 -70.69 42.12
CA GLY D 451 -35.20 -70.78 43.43
C GLY D 451 -34.93 -72.05 44.20
N ILE D 452 -34.27 -73.02 43.59
CA ILE D 452 -33.87 -74.27 44.22
C ILE D 452 -33.01 -74.04 45.47
N PRO D 453 -33.32 -74.66 46.59
CA PRO D 453 -32.42 -74.58 47.76
C PRO D 453 -31.21 -75.45 47.55
N GLN D 454 -30.10 -75.05 48.17
CA GLN D 454 -28.81 -75.69 47.92
C GLN D 454 -28.17 -76.19 49.20
N ILE D 455 -27.90 -77.51 49.25
CA ILE D 455 -27.09 -78.14 50.30
C ILE D 455 -25.63 -78.17 49.87
N ASN D 456 -24.77 -77.57 50.69
CA ASN D 456 -23.38 -77.35 50.35
C ASN D 456 -22.50 -77.77 51.52
N LEU D 457 -21.35 -78.35 51.21
CA LEU D 457 -20.47 -78.76 52.30
C LEU D 457 -19.67 -77.58 52.84
N VAL D 458 -19.24 -76.67 51.97
CA VAL D 458 -18.39 -75.52 52.30
C VAL D 458 -19.16 -74.21 52.15
N ALA D 459 -19.05 -73.32 53.15
CA ALA D 459 -19.64 -71.98 53.08
C ALA D 459 -19.10 -71.15 51.93
N SER D 460 -19.97 -70.29 51.40
CA SER D 460 -19.74 -69.48 50.23
C SER D 460 -20.59 -68.22 50.33
N ASP D 461 -20.25 -67.21 49.54
CA ASP D 461 -21.14 -66.05 49.43
C ASP D 461 -22.49 -66.45 48.85
N TYR D 462 -22.49 -67.27 47.80
CA TYR D 462 -23.71 -67.49 47.05
C TYR D 462 -24.73 -68.40 47.75
N VAL D 463 -24.33 -69.23 48.73
CA VAL D 463 -25.24 -70.11 49.44
C VAL D 463 -25.05 -69.91 50.94
N THR D 464 -26.06 -69.37 51.61
CA THR D 464 -25.97 -68.92 53.00
C THR D 464 -26.85 -69.80 53.87
N HIS D 465 -26.25 -70.31 54.95
CA HIS D 465 -26.87 -71.35 55.77
C HIS D 465 -28.24 -70.94 56.30
N LEU D 466 -29.22 -71.81 56.09
CA LEU D 466 -30.61 -71.62 56.53
C LEU D 466 -31.25 -70.38 55.88
N GLN D 467 -30.69 -69.92 54.76
CA GLN D 467 -31.39 -69.02 53.87
C GLN D 467 -31.62 -69.69 52.52
N ASN D 468 -30.92 -69.25 51.48
CA ASN D 468 -31.16 -69.98 50.25
C ASN D 468 -30.57 -71.38 50.25
N GLY D 469 -29.93 -71.81 51.33
CA GLY D 469 -29.52 -73.20 51.43
C GLY D 469 -29.08 -73.64 52.79
N TYR D 470 -28.20 -74.64 52.83
CA TYR D 470 -27.79 -75.33 54.05
C TYR D 470 -26.30 -75.66 53.97
N ILE D 471 -25.53 -75.31 55.00
CA ILE D 471 -24.11 -75.63 55.02
C ILE D 471 -23.89 -76.74 56.04
N LEU D 472 -23.30 -77.85 55.59
CA LEU D 472 -23.11 -79.01 56.43
C LEU D 472 -21.85 -78.85 57.27
N ASP D 473 -21.89 -79.32 58.52
CA ASP D 473 -20.63 -79.58 59.20
C ASP D 473 -19.88 -80.72 58.51
N SER D 474 -20.61 -81.71 58.03
CA SER D 474 -20.06 -82.97 57.57
C SER D 474 -21.08 -83.67 56.67
N ILE D 475 -20.58 -84.33 55.62
CA ILE D 475 -21.39 -85.18 54.75
C ILE D 475 -22.23 -86.12 55.60
N SER D 476 -21.81 -86.31 56.85
CA SER D 476 -22.57 -87.12 57.81
C SER D 476 -23.99 -86.58 58.00
N GLN D 477 -24.18 -85.28 57.93
CA GLN D 477 -25.47 -84.70 58.27
C GLN D 477 -26.39 -84.52 57.06
N LEU D 478 -26.01 -85.06 55.90
CA LEU D 478 -26.73 -84.78 54.66
C LEU D 478 -28.23 -85.03 54.77
N ALA D 479 -28.64 -86.11 55.44
CA ALA D 479 -30.06 -86.49 55.42
C ALA D 479 -30.92 -85.57 56.27
N VAL D 480 -30.37 -84.90 57.28
CA VAL D 480 -31.21 -83.88 57.91
C VAL D 480 -31.33 -82.65 57.02
N ALA D 481 -30.29 -82.32 56.26
CA ALA D 481 -30.43 -81.18 55.35
C ALA D 481 -31.43 -81.50 54.25
N ALA D 482 -31.36 -82.69 53.66
CA ALA D 482 -32.38 -83.05 52.69
C ALA D 482 -33.76 -83.00 53.33
N ASP D 483 -33.89 -83.58 54.53
CA ASP D 483 -35.18 -83.64 55.21
C ASP D 483 -35.73 -82.24 55.48
N TYR D 484 -34.85 -81.27 55.71
CA TYR D 484 -35.29 -79.92 56.05
C TYR D 484 -36.06 -79.29 54.88
N TYR D 485 -35.54 -79.48 53.66
CA TYR D 485 -36.23 -78.97 52.48
C TYR D 485 -37.29 -79.91 51.94
N LEU D 486 -37.14 -81.21 52.13
CA LEU D 486 -37.99 -82.15 51.40
C LEU D 486 -39.24 -82.54 52.17
N GLN D 487 -39.31 -82.30 53.47
CA GLN D 487 -40.50 -82.63 54.26
C GLN D 487 -41.24 -81.36 54.63
N GLY D 488 -42.26 -81.00 53.88
CA GLY D 488 -43.31 -80.15 54.41
C GLY D 488 -43.41 -78.65 53.97
N LEU D 489 -42.84 -78.28 52.83
CA LEU D 489 -43.12 -76.99 52.17
C LEU D 489 -42.75 -75.72 52.94
N LYS D 490 -42.94 -75.68 54.25
CA LYS D 490 -42.60 -74.48 55.01
C LYS D 490 -41.15 -74.08 54.80
N ASN D 491 -40.22 -75.01 55.05
CA ASN D 491 -38.81 -74.65 54.95
C ASN D 491 -38.40 -74.33 53.51
N TRP D 492 -38.98 -75.03 52.54
CA TRP D 492 -38.60 -74.83 51.13
C TRP D 492 -39.08 -73.47 50.64
N ASN D 493 -40.29 -73.11 51.00
CA ASN D 493 -40.82 -71.83 50.59
C ASN D 493 -39.98 -70.68 51.15
N GLN D 494 -39.72 -70.68 52.47
CA GLN D 494 -38.77 -69.72 53.03
C GLN D 494 -37.50 -69.68 52.20
N ALA D 495 -37.06 -70.82 51.73
CA ALA D 495 -35.81 -70.87 50.99
C ALA D 495 -35.96 -70.18 49.63
N LEU D 496 -37.07 -70.42 48.93
CA LEU D 496 -37.29 -69.70 47.67
C LEU D 496 -37.16 -68.19 47.86
N ILE D 497 -37.61 -67.66 49.00
CA ILE D 497 -37.56 -66.23 49.24
C ILE D 497 -36.10 -65.75 49.28
N TYR D 498 -35.24 -66.42 50.06
CA TYR D 498 -33.84 -66.01 50.09
C TYR D 498 -33.20 -66.13 48.71
N SER D 499 -33.55 -67.16 47.96
CA SER D 499 -32.99 -67.27 46.62
C SER D 499 -33.43 -66.09 45.74
N ILE D 500 -34.66 -65.61 45.91
CA ILE D 500 -35.06 -64.41 45.17
C ILE D 500 -34.21 -63.22 45.61
N GLU D 501 -34.05 -63.04 46.93
CA GLU D 501 -33.19 -62.00 47.46
C GLU D 501 -31.76 -62.11 46.92
N LYS D 502 -31.26 -63.34 46.71
CA LYS D 502 -29.93 -63.48 46.13
C LYS D 502 -29.93 -63.23 44.62
N ILE D 503 -31.01 -63.58 43.91
CA ILE D 503 -31.12 -63.20 42.50
C ILE D 503 -30.91 -61.69 42.35
N LYS D 504 -31.76 -60.91 43.03
CA LYS D 504 -31.77 -59.46 42.93
C LYS D 504 -30.47 -58.83 43.42
N LEU D 505 -29.60 -59.60 44.05
CA LEU D 505 -28.36 -59.06 44.56
C LEU D 505 -27.14 -59.44 43.73
N ASN D 506 -27.31 -60.19 42.64
CA ASN D 506 -26.16 -60.66 41.87
C ASN D 506 -26.48 -60.61 40.38
N THR D 507 -27.31 -59.64 39.99
CA THR D 507 -28.13 -59.73 38.78
C THR D 507 -27.39 -59.40 37.50
N GLY D 508 -26.24 -58.76 37.56
CA GLY D 508 -25.60 -58.31 36.34
C GLY D 508 -25.45 -56.82 36.50
N HIS D 509 -26.60 -56.16 36.63
CA HIS D 509 -26.56 -54.81 37.18
C HIS D 509 -25.73 -54.79 38.46
N GLN D 510 -25.83 -55.84 39.27
CA GLN D 510 -25.10 -55.83 40.53
C GLN D 510 -23.62 -56.19 40.36
N VAL D 511 -23.25 -56.84 39.27
CA VAL D 511 -21.87 -57.26 39.15
C VAL D 511 -21.00 -56.11 38.68
N ILE D 512 -21.45 -55.35 37.67
CA ILE D 512 -20.71 -54.15 37.29
C ILE D 512 -20.67 -53.17 38.46
N LYS D 513 -21.82 -52.98 39.13
CA LYS D 513 -21.86 -52.14 40.32
C LYS D 513 -20.78 -52.53 41.31
N ARG D 514 -20.61 -53.82 41.54
CA ARG D 514 -19.65 -54.29 42.53
C ARG D 514 -18.22 -54.00 42.08
N TRP D 515 -17.92 -54.26 40.79
CA TRP D 515 -16.63 -53.85 40.22
C TRP D 515 -16.37 -52.36 40.42
N GLU D 516 -17.28 -51.54 39.89
CA GLU D 516 -17.07 -50.10 39.88
C GLU D 516 -16.76 -49.59 41.28
N LYS D 517 -17.46 -50.12 42.28
CA LYS D 517 -17.22 -49.67 43.65
C LYS D 517 -15.80 -50.01 44.08
N TRP D 518 -15.34 -51.23 43.81
CA TRP D 518 -13.97 -51.63 44.18
C TRP D 518 -12.94 -50.70 43.53
N LEU D 519 -13.13 -50.40 42.24
CA LEU D 519 -12.31 -49.40 41.56
C LEU D 519 -12.38 -48.05 42.24
N LYS D 520 -13.60 -47.48 42.31
CA LYS D 520 -13.75 -46.16 42.91
C LYS D 520 -13.18 -46.08 44.32
N GLU D 521 -12.97 -47.20 45.01
CA GLU D 521 -12.25 -47.12 46.28
C GLU D 521 -10.77 -47.47 46.16
N ALA D 522 -10.32 -48.01 45.03
CA ALA D 522 -8.90 -48.05 44.75
C ALA D 522 -8.37 -46.67 44.38
N ILE D 523 -9.14 -45.89 43.60
CA ILE D 523 -8.79 -44.51 43.34
C ILE D 523 -8.75 -43.67 44.61
N ASP D 524 -9.28 -44.19 45.72
CA ASP D 524 -9.45 -43.42 46.94
C ASP D 524 -8.35 -43.66 47.98
N GLU D 525 -8.01 -44.93 48.27
CA GLU D 525 -7.08 -45.24 49.37
C GLU D 525 -5.65 -45.27 48.84
N LYS D 526 -4.99 -44.11 48.84
CA LYS D 526 -3.66 -43.94 48.26
C LYS D 526 -2.80 -42.91 49.03
#